data_2QFV
#
_entry.id   2QFV
#
_cell.length_a   58.180
_cell.length_b   71.440
_cell.length_c   101.630
_cell.angle_alpha   87.800
_cell.angle_beta   88.000
_cell.angle_gamma   90.100
#
_symmetry.space_group_name_H-M   'P 1'
#
loop_
_entity.id
_entity.type
_entity.pdbx_description
1 polymer 'Isocitrate dehydrogenase [NADP]'
2 non-polymer 'NADP NICOTINAMIDE-ADENINE-DINUCLEOTIDE PHOSPHATE'
3 water water
#
_entity_poly.entity_id   1
_entity_poly.type   'polypeptide(L)'
_entity_poly.pdbx_seq_one_letter_code
;MHHHHHHAMGIPGHAFSKIKVKQPVVELDGDEMTRIIWDKIKKKLILPYLDVDLKYYDLSVESRDATSDKITQDAAEAIK
KYGVGIKCATITPDEARVKEFNLHKMWKSPNGTIRNILGGTVFREPIVIPRIPRLVPRWEKPIIIGRHAHGDQYKATDTL
IPGPGSLELVYKPSDPTTAQPQTLKVYDYKGSGVAMAMYNTDESIEGFAHSSFKLAIDKKLNLFLSTKNTILKKYDGRFK
DIFQEVYEAQYKSKFEQLGIHYEHRLIDDMVAQMIKSKGGFIMALKNYDGDVQSDIVAQGFGSLGLMTSILVTPDGKTFE
SEAAHGTVTRHYRKYQKGEETSTNSIASIFAWSRGLLKRGELDNTPALCKFANILESATLNTVQQDGIMTKDLALACGNN
ERSAYVTTEEFLDAVEKRLQKEIKSIE
;
_entity_poly.pdbx_strand_id   A,B,C,D
#
# COMPACT_ATOMS: atom_id res chain seq x y z
N PHE A 16 -28.87 4.45 -21.44
CA PHE A 16 -29.85 5.25 -20.67
C PHE A 16 -29.22 6.51 -20.10
N SER A 17 -30.02 7.30 -19.39
CA SER A 17 -29.55 8.54 -18.78
C SER A 17 -28.46 8.23 -17.76
N LYS A 18 -27.40 9.03 -17.75
CA LYS A 18 -26.30 8.82 -16.82
C LYS A 18 -26.26 9.85 -15.70
N ILE A 19 -25.92 9.40 -14.51
CA ILE A 19 -25.83 10.29 -13.37
C ILE A 19 -24.41 10.83 -13.32
N LYS A 20 -24.30 12.15 -13.26
CA LYS A 20 -23.00 12.80 -13.20
C LYS A 20 -22.44 12.75 -11.79
N VAL A 21 -21.24 12.17 -11.65
CA VAL A 21 -20.58 12.08 -10.36
C VAL A 21 -19.63 13.25 -10.28
N LYS A 22 -20.02 14.24 -9.48
CA LYS A 22 -19.25 15.47 -9.30
C LYS A 22 -17.77 15.29 -9.02
N GLN A 23 -17.45 14.59 -7.93
CA GLN A 23 -16.06 14.40 -7.56
C GLN A 23 -15.49 13.07 -8.03
N PRO A 24 -14.19 13.03 -8.38
CA PRO A 24 -13.55 11.81 -8.84
C PRO A 24 -13.63 10.71 -7.79
N VAL A 25 -13.76 9.47 -8.25
CA VAL A 25 -13.83 8.33 -7.36
C VAL A 25 -12.56 7.51 -7.58
N VAL A 26 -11.90 7.15 -6.49
CA VAL A 26 -10.67 6.38 -6.58
C VAL A 26 -11.00 4.90 -6.58
N GLU A 27 -10.45 4.20 -7.55
CA GLU A 27 -10.67 2.77 -7.69
C GLU A 27 -9.36 2.01 -7.56
N LEU A 28 -9.34 0.99 -6.70
CA LEU A 28 -8.14 0.19 -6.52
C LEU A 28 -8.43 -1.25 -6.97
N ASP A 29 -7.81 -1.64 -8.09
CA ASP A 29 -8.00 -2.98 -8.65
C ASP A 29 -7.20 -4.00 -7.85
N GLY A 30 -7.75 -5.20 -7.70
CA GLY A 30 -7.07 -6.23 -6.96
C GLY A 30 -6.65 -7.37 -7.88
N ASP A 31 -6.72 -8.60 -7.37
CA ASP A 31 -6.33 -9.71 -8.23
C ASP A 31 -7.16 -10.98 -8.09
N GLU A 32 -6.77 -11.98 -8.86
CA GLU A 32 -7.43 -13.26 -8.85
C GLU A 32 -8.94 -13.23 -9.08
N MET A 33 -9.70 -14.03 -8.34
CA MET A 33 -11.13 -14.08 -8.58
C MET A 33 -11.87 -12.75 -8.45
N THR A 34 -11.62 -12.02 -7.36
CA THR A 34 -12.29 -10.74 -7.18
C THR A 34 -11.99 -9.78 -8.33
N ARG A 35 -10.76 -9.80 -8.84
CA ARG A 35 -10.41 -8.94 -9.95
C ARG A 35 -11.34 -9.26 -11.14
N ILE A 36 -11.66 -10.54 -11.30
CA ILE A 36 -12.53 -11.01 -12.36
C ILE A 36 -13.98 -10.48 -12.27
N ILE A 37 -14.60 -10.61 -11.12
CA ILE A 37 -15.96 -10.14 -10.96
C ILE A 37 -16.03 -8.62 -10.85
N TRP A 38 -14.91 -8.01 -10.46
CA TRP A 38 -14.82 -6.55 -10.33
C TRP A 38 -15.06 -5.92 -11.68
N ASP A 39 -14.36 -6.42 -12.69
CA ASP A 39 -14.46 -5.93 -14.05
C ASP A 39 -15.88 -6.11 -14.62
N LYS A 40 -16.55 -7.18 -14.20
CA LYS A 40 -17.90 -7.47 -14.65
C LYS A 40 -18.90 -6.55 -13.95
N ILE A 41 -18.70 -6.35 -12.65
CA ILE A 41 -19.56 -5.48 -11.87
C ILE A 41 -19.54 -4.07 -12.48
N LYS A 42 -18.34 -3.60 -12.81
CA LYS A 42 -18.16 -2.28 -13.39
C LYS A 42 -18.90 -2.06 -14.70
N LYS A 43 -18.64 -2.93 -15.67
CA LYS A 43 -19.24 -2.81 -16.99
C LYS A 43 -20.74 -3.08 -17.04
N LYS A 44 -21.21 -4.04 -16.26
CA LYS A 44 -22.64 -4.41 -16.22
C LYS A 44 -23.48 -3.65 -15.20
N LEU A 45 -22.85 -3.14 -14.14
CA LEU A 45 -23.63 -2.50 -13.09
C LEU A 45 -23.35 -1.04 -12.75
N ILE A 46 -22.19 -0.53 -13.13
CA ILE A 46 -21.83 0.84 -12.80
C ILE A 46 -21.71 1.76 -14.02
N LEU A 47 -20.71 1.51 -14.86
CA LEU A 47 -20.46 2.34 -16.03
C LEU A 47 -21.68 2.65 -16.91
N PRO A 48 -22.67 1.76 -16.98
CA PRO A 48 -23.82 2.10 -17.85
C PRO A 48 -24.73 3.19 -17.26
N TYR A 49 -24.67 3.40 -15.96
CA TYR A 49 -25.55 4.37 -15.31
C TYR A 49 -24.92 5.63 -14.77
N LEU A 50 -23.61 5.66 -14.64
CA LEU A 50 -22.96 6.84 -14.10
C LEU A 50 -21.92 7.44 -15.03
N ASP A 51 -21.78 8.76 -14.94
CA ASP A 51 -20.75 9.46 -15.69
C ASP A 51 -19.79 9.86 -14.58
N VAL A 52 -18.88 8.95 -14.28
CA VAL A 52 -17.93 9.16 -13.20
C VAL A 52 -16.50 9.13 -13.70
N ASP A 53 -15.66 9.89 -13.02
CA ASP A 53 -14.25 9.95 -13.35
C ASP A 53 -13.53 9.06 -12.35
N LEU A 54 -13.03 7.93 -12.83
CA LEU A 54 -12.34 6.98 -11.97
C LEU A 54 -10.83 7.09 -12.02
N LYS A 55 -10.23 7.44 -10.88
CA LYS A 55 -8.79 7.52 -10.77
C LYS A 55 -8.39 6.08 -10.48
N TYR A 56 -7.94 5.39 -11.52
CA TYR A 56 -7.56 3.98 -11.43
C TYR A 56 -6.16 3.70 -10.95
N TYR A 57 -6.05 2.85 -9.94
CA TYR A 57 -4.78 2.46 -9.39
C TYR A 57 -4.81 0.93 -9.33
N ASP A 58 -3.92 0.30 -10.08
CA ASP A 58 -3.87 -1.15 -10.13
C ASP A 58 -3.07 -1.70 -8.95
N LEU A 59 -3.74 -2.38 -8.03
CA LEU A 59 -3.06 -2.95 -6.87
C LEU A 59 -2.87 -4.46 -6.94
N SER A 60 -2.90 -5.01 -8.15
CA SER A 60 -2.68 -6.44 -8.33
C SER A 60 -1.26 -6.67 -7.83
N VAL A 61 -0.93 -7.90 -7.47
CA VAL A 61 0.41 -8.20 -6.97
C VAL A 61 1.43 -7.84 -8.06
N GLU A 62 1.12 -8.20 -9.30
CA GLU A 62 2.01 -7.92 -10.40
C GLU A 62 2.29 -6.42 -10.48
N SER A 63 1.25 -5.61 -10.38
CA SER A 63 1.42 -4.16 -10.45
C SER A 63 2.21 -3.63 -9.28
N ARG A 64 1.97 -4.20 -8.10
CA ARG A 64 2.67 -3.79 -6.90
C ARG A 64 4.16 -4.16 -6.93
N ASP A 65 4.45 -5.41 -7.29
CA ASP A 65 5.84 -5.83 -7.33
C ASP A 65 6.63 -4.97 -8.32
N ALA A 66 5.98 -4.55 -9.39
CA ALA A 66 6.62 -3.73 -10.40
C ALA A 66 6.98 -2.36 -9.86
N THR A 67 5.98 -1.62 -9.39
CA THR A 67 6.18 -0.27 -8.85
C THR A 67 6.91 -0.27 -7.51
N SER A 68 7.32 -1.44 -7.05
CA SER A 68 8.02 -1.56 -5.77
C SER A 68 7.06 -1.20 -4.63
N ASP A 69 5.78 -1.46 -4.87
CA ASP A 69 4.68 -1.21 -3.92
C ASP A 69 4.32 0.26 -3.82
N LYS A 70 4.82 1.05 -4.76
CA LYS A 70 4.58 2.48 -4.76
C LYS A 70 3.13 2.84 -5.12
N ILE A 71 2.51 2.13 -6.05
CA ILE A 71 1.13 2.47 -6.40
C ILE A 71 0.22 2.36 -5.19
N THR A 72 0.54 1.45 -4.27
CA THR A 72 -0.27 1.28 -3.07
C THR A 72 -0.32 2.62 -2.33
N GLN A 73 0.85 3.17 -2.03
CA GLN A 73 0.96 4.45 -1.34
C GLN A 73 0.27 5.55 -2.15
N ASP A 74 0.51 5.56 -3.46
CA ASP A 74 -0.09 6.55 -4.34
C ASP A 74 -1.60 6.49 -4.29
N ALA A 75 -2.13 5.29 -4.17
CA ALA A 75 -3.58 5.09 -4.13
C ALA A 75 -4.17 5.65 -2.85
N ALA A 76 -3.48 5.42 -1.74
CA ALA A 76 -3.94 5.90 -0.45
C ALA A 76 -3.97 7.42 -0.47
N GLU A 77 -2.89 8.01 -0.97
CA GLU A 77 -2.77 9.45 -1.09
C GLU A 77 -3.94 9.96 -1.92
N ALA A 78 -4.26 9.24 -3.00
CA ALA A 78 -5.36 9.63 -3.88
C ALA A 78 -6.68 9.63 -3.11
N ILE A 79 -6.90 8.60 -2.30
CA ILE A 79 -8.11 8.52 -1.50
C ILE A 79 -8.18 9.70 -0.50
N LYS A 80 -7.04 10.05 0.08
CA LYS A 80 -7.00 11.16 1.03
C LYS A 80 -7.33 12.46 0.30
N LYS A 81 -6.83 12.58 -0.93
CA LYS A 81 -7.06 13.77 -1.73
C LYS A 81 -8.51 13.98 -2.19
N TYR A 82 -9.14 12.93 -2.69
CA TYR A 82 -10.49 13.05 -3.20
C TYR A 82 -11.59 12.64 -2.24
N GLY A 83 -11.23 11.86 -1.23
CA GLY A 83 -12.22 11.39 -0.29
C GLY A 83 -12.98 10.28 -1.01
N VAL A 84 -12.94 9.08 -0.45
CA VAL A 84 -13.61 7.91 -1.01
C VAL A 84 -12.85 7.06 -2.04
N GLY A 85 -12.49 5.87 -1.59
CA GLY A 85 -11.82 4.92 -2.44
C GLY A 85 -12.69 3.68 -2.46
N ILE A 86 -12.67 2.93 -3.57
CA ILE A 86 -13.43 1.68 -3.67
C ILE A 86 -12.43 0.62 -4.10
N LYS A 87 -12.16 -0.31 -3.19
CA LYS A 87 -11.15 -1.34 -3.39
C LYS A 87 -11.57 -2.81 -3.56
N CYS A 88 -10.83 -3.49 -4.42
CA CYS A 88 -11.03 -4.90 -4.74
C CYS A 88 -10.05 -5.66 -3.86
N ALA A 89 -10.41 -6.87 -3.46
CA ALA A 89 -9.51 -7.68 -2.64
C ALA A 89 -8.13 -7.82 -3.30
N THR A 90 -7.08 -7.84 -2.49
CA THR A 90 -5.72 -7.98 -2.99
C THR A 90 -5.00 -9.11 -2.26
N ILE A 91 -3.96 -9.65 -2.88
CA ILE A 91 -3.17 -10.71 -2.30
C ILE A 91 -2.13 -10.13 -1.34
N THR A 92 -2.07 -10.67 -0.13
CA THR A 92 -1.08 -10.24 0.86
C THR A 92 0.03 -11.28 0.72
N PRO A 93 1.08 -10.96 -0.05
CA PRO A 93 2.20 -11.88 -0.26
C PRO A 93 2.79 -12.50 1.00
N ASP A 94 3.15 -13.78 0.87
CA ASP A 94 3.75 -14.55 1.94
C ASP A 94 4.93 -15.26 1.30
N GLU A 95 5.29 -16.43 1.84
CA GLU A 95 6.40 -17.17 1.29
C GLU A 95 6.07 -17.73 -0.10
N ALA A 96 5.06 -18.58 -0.16
CA ALA A 96 4.65 -19.20 -1.42
C ALA A 96 4.27 -18.18 -2.49
N ARG A 97 3.84 -17.00 -2.07
CA ARG A 97 3.46 -15.95 -3.02
C ARG A 97 4.68 -15.37 -3.73
N VAL A 98 5.76 -15.16 -2.98
CA VAL A 98 6.99 -14.61 -3.53
C VAL A 98 7.52 -15.48 -4.66
N LYS A 99 7.36 -16.79 -4.52
CA LYS A 99 7.83 -17.72 -5.53
C LYS A 99 6.81 -17.89 -6.65
N GLU A 100 5.52 -17.82 -6.30
CA GLU A 100 4.45 -17.96 -7.27
C GLU A 100 4.49 -16.90 -8.38
N PHE A 101 4.81 -15.66 -8.02
CA PHE A 101 4.87 -14.58 -9.00
C PHE A 101 6.28 -14.02 -9.19
N ASN A 102 7.25 -14.57 -8.46
CA ASN A 102 8.62 -14.09 -8.55
C ASN A 102 8.67 -12.62 -8.13
N LEU A 103 8.38 -12.39 -6.85
CA LEU A 103 8.36 -11.05 -6.28
C LEU A 103 9.73 -10.66 -5.74
N HIS A 104 10.00 -9.37 -5.66
CA HIS A 104 11.28 -8.90 -5.14
C HIS A 104 11.33 -9.13 -3.64
N LYS A 105 10.16 -9.32 -3.03
CA LYS A 105 10.06 -9.61 -1.61
C LYS A 105 8.63 -9.53 -1.07
N MET A 106 8.42 -10.23 0.04
CA MET A 106 7.12 -10.30 0.70
C MET A 106 6.61 -8.90 1.07
N TRP A 107 5.96 -8.25 0.11
CA TRP A 107 5.41 -6.91 0.35
C TRP A 107 4.40 -6.95 1.48
N LYS A 108 4.23 -5.81 2.14
CA LYS A 108 3.30 -5.68 3.25
C LYS A 108 1.88 -5.65 2.68
N SER A 109 0.91 -6.10 3.47
CA SER A 109 -0.48 -6.10 3.04
C SER A 109 -0.89 -4.69 2.64
N PRO A 110 -1.42 -4.55 1.42
CA PRO A 110 -1.84 -3.21 0.98
C PRO A 110 -2.93 -2.63 1.87
N ASN A 111 -3.72 -3.50 2.50
CA ASN A 111 -4.80 -3.06 3.39
C ASN A 111 -4.24 -2.28 4.59
N GLY A 112 -3.15 -2.82 5.16
CA GLY A 112 -2.53 -2.19 6.31
C GLY A 112 -1.85 -0.88 5.95
N THR A 113 -1.15 -0.88 4.82
CA THR A 113 -0.45 0.31 4.35
C THR A 113 -1.43 1.46 4.09
N ILE A 114 -2.55 1.16 3.45
CA ILE A 114 -3.55 2.18 3.15
C ILE A 114 -4.25 2.66 4.43
N ARG A 115 -4.62 1.71 5.27
CA ARG A 115 -5.29 2.02 6.52
C ARG A 115 -4.45 2.98 7.39
N ASN A 116 -3.15 2.68 7.54
CA ASN A 116 -2.26 3.52 8.34
C ASN A 116 -1.99 4.89 7.68
N ILE A 117 -2.00 4.94 6.36
CA ILE A 117 -1.77 6.21 5.68
C ILE A 117 -2.98 7.12 5.87
N LEU A 118 -4.18 6.54 5.79
CA LEU A 118 -5.40 7.33 5.94
C LEU A 118 -5.79 7.53 7.40
N GLY A 119 -5.21 6.73 8.29
CA GLY A 119 -5.58 6.82 9.69
C GLY A 119 -6.93 6.15 9.71
N GLY A 120 -7.86 6.61 10.51
CA GLY A 120 -9.16 5.95 10.49
C GLY A 120 -9.19 4.47 10.82
N THR A 121 -10.40 3.99 11.10
CA THR A 121 -10.66 2.61 11.48
C THR A 121 -11.52 1.86 10.46
N VAL A 122 -11.41 0.53 10.47
CA VAL A 122 -12.17 -0.33 9.58
C VAL A 122 -13.36 -0.96 10.33
N PHE A 123 -14.54 -0.91 9.73
CA PHE A 123 -15.73 -1.48 10.35
C PHE A 123 -16.30 -2.53 9.41
N ARG A 124 -16.50 -3.74 9.92
CA ARG A 124 -17.03 -4.84 9.12
C ARG A 124 -18.53 -4.99 9.36
N GLU A 125 -19.30 -5.05 8.28
CA GLU A 125 -20.74 -5.17 8.38
C GLU A 125 -21.30 -6.26 7.48
N PRO A 126 -22.01 -7.23 8.07
CA PRO A 126 -22.61 -8.32 7.32
C PRO A 126 -23.90 -7.84 6.66
N ILE A 127 -24.20 -8.35 5.46
CA ILE A 127 -25.43 -7.98 4.78
C ILE A 127 -26.41 -9.09 5.15
N VAL A 128 -27.62 -8.72 5.55
CA VAL A 128 -28.59 -9.73 5.94
C VAL A 128 -29.66 -9.91 4.88
N ILE A 129 -29.85 -11.17 4.48
CA ILE A 129 -30.87 -11.51 3.51
C ILE A 129 -31.76 -12.51 4.23
N PRO A 130 -32.99 -12.09 4.59
CA PRO A 130 -33.98 -12.91 5.30
C PRO A 130 -34.05 -14.36 4.85
N ARG A 131 -34.14 -14.54 3.54
CA ARG A 131 -34.23 -15.86 2.92
C ARG A 131 -33.03 -16.76 3.26
N ILE A 132 -31.90 -16.14 3.60
CA ILE A 132 -30.68 -16.90 3.90
C ILE A 132 -30.49 -16.97 5.41
N PRO A 133 -30.64 -18.15 6.00
CA PRO A 133 -30.47 -18.36 7.44
C PRO A 133 -29.06 -18.08 7.94
N ARG A 134 -28.95 -17.62 9.18
CA ARG A 134 -27.66 -17.34 9.80
C ARG A 134 -27.37 -18.49 10.77
N LEU A 135 -26.10 -18.82 10.99
CA LEU A 135 -25.76 -19.91 11.91
C LEU A 135 -26.36 -19.61 13.29
N VAL A 136 -26.44 -18.33 13.62
CA VAL A 136 -27.07 -17.88 14.85
C VAL A 136 -28.34 -17.31 14.25
N PRO A 137 -29.34 -18.17 14.01
CA PRO A 137 -30.65 -17.84 13.41
C PRO A 137 -31.35 -16.61 13.97
N ARG A 138 -31.16 -16.34 15.25
CA ARG A 138 -31.79 -15.19 15.90
C ARG A 138 -31.26 -13.84 15.37
N TRP A 139 -30.04 -13.83 14.85
CA TRP A 139 -29.46 -12.59 14.32
C TRP A 139 -30.18 -12.14 13.05
N GLU A 140 -30.98 -11.09 13.15
CA GLU A 140 -31.72 -10.58 11.97
C GLU A 140 -31.23 -9.21 11.53
N LYS A 141 -30.40 -8.58 12.35
CA LYS A 141 -29.83 -7.28 12.04
C LYS A 141 -28.30 -7.38 12.18
N PRO A 142 -27.56 -6.61 11.38
CA PRO A 142 -26.10 -6.60 11.40
C PRO A 142 -25.45 -6.25 12.73
N ILE A 143 -24.36 -6.94 13.03
CA ILE A 143 -23.60 -6.63 14.23
C ILE A 143 -22.30 -6.15 13.58
N ILE A 144 -22.02 -4.87 13.72
CA ILE A 144 -20.84 -4.29 13.12
C ILE A 144 -19.68 -4.30 14.09
N ILE A 145 -18.51 -4.67 13.60
CA ILE A 145 -17.35 -4.70 14.46
C ILE A 145 -16.28 -3.75 13.98
N GLY A 146 -15.88 -2.86 14.87
CA GLY A 146 -14.83 -1.91 14.56
C GLY A 146 -13.61 -2.36 15.31
N ARG A 147 -12.49 -2.46 14.61
CA ARG A 147 -11.26 -2.91 15.22
C ARG A 147 -10.19 -1.82 15.30
N HIS A 148 -9.63 -1.63 16.50
CA HIS A 148 -8.55 -0.66 16.70
C HIS A 148 -7.28 -1.39 16.26
N ALA A 149 -6.84 -1.17 15.02
CA ALA A 149 -5.64 -1.88 14.56
C ALA A 149 -4.34 -1.09 14.65
N HIS A 150 -4.02 -0.57 15.84
CA HIS A 150 -2.79 0.22 16.01
C HIS A 150 -1.56 -0.53 16.51
N GLY A 151 -1.56 -1.00 17.76
CA GLY A 151 -0.37 -1.69 18.22
C GLY A 151 -0.30 -2.41 19.54
N ASP A 152 -1.30 -3.22 19.87
CA ASP A 152 -1.26 -3.99 21.11
C ASP A 152 -0.35 -5.20 20.83
N GLN A 153 -0.92 -6.39 20.74
CA GLN A 153 -0.13 -7.59 20.44
C GLN A 153 0.46 -7.61 19.01
N TYR A 154 -0.09 -6.79 18.12
CA TYR A 154 0.39 -6.78 16.75
C TYR A 154 1.67 -5.97 16.53
N LYS A 155 2.14 -5.34 17.60
CA LYS A 155 3.36 -4.54 17.56
C LYS A 155 4.13 -4.77 18.86
N ALA A 156 3.91 -5.93 19.46
CA ALA A 156 4.54 -6.27 20.72
C ALA A 156 5.94 -6.84 20.54
N THR A 157 6.70 -6.85 21.63
CA THR A 157 8.03 -7.44 21.59
C THR A 157 7.93 -8.58 22.60
N ASP A 158 8.18 -9.80 22.14
CA ASP A 158 8.12 -10.98 23.01
C ASP A 158 9.43 -11.76 22.93
N THR A 159 9.78 -12.47 24.01
CA THR A 159 11.01 -13.25 24.04
C THR A 159 10.92 -14.43 24.99
N LEU A 160 11.97 -15.25 24.94
CA LEU A 160 12.08 -16.43 25.80
C LEU A 160 13.01 -16.10 26.95
N ILE A 161 12.53 -16.34 28.16
CA ILE A 161 13.34 -16.12 29.34
C ILE A 161 13.92 -17.48 29.64
N PRO A 162 15.26 -17.61 29.53
CA PRO A 162 16.05 -18.84 29.75
C PRO A 162 16.07 -19.45 31.14
N GLY A 163 16.02 -18.63 32.18
CA GLY A 163 16.07 -19.16 33.53
C GLY A 163 15.75 -18.10 34.55
N PRO A 164 15.98 -18.37 35.85
CA PRO A 164 15.71 -17.42 36.91
C PRO A 164 16.25 -16.01 36.67
N GLY A 165 15.54 -15.02 37.17
CA GLY A 165 15.96 -13.64 37.01
C GLY A 165 14.77 -12.72 37.15
N SER A 166 14.99 -11.42 37.08
CA SER A 166 13.90 -10.47 37.23
C SER A 166 13.52 -9.77 35.91
N LEU A 167 12.23 -9.50 35.76
CA LEU A 167 11.74 -8.83 34.55
C LEU A 167 11.19 -7.46 34.94
N GLU A 168 11.59 -6.43 34.21
CA GLU A 168 11.14 -5.07 34.52
C GLU A 168 10.72 -4.32 33.26
N LEU A 169 9.82 -3.36 33.44
CA LEU A 169 9.37 -2.53 32.34
C LEU A 169 10.00 -1.19 32.68
N VAL A 170 10.86 -0.68 31.80
CA VAL A 170 11.53 0.58 32.08
C VAL A 170 11.18 1.68 31.09
N TYR A 171 10.70 2.79 31.64
CA TYR A 171 10.34 3.95 30.85
C TYR A 171 11.21 5.15 31.23
N LYS A 172 11.91 5.70 30.25
CA LYS A 172 12.77 6.86 30.45
C LYS A 172 12.25 8.02 29.59
N PRO A 173 11.64 9.04 30.21
CA PRO A 173 11.10 10.20 29.50
C PRO A 173 12.15 11.02 28.76
N SER A 174 11.80 11.47 27.56
CA SER A 174 12.70 12.29 26.76
C SER A 174 12.87 13.67 27.38
N ASP A 175 12.02 14.00 28.35
CA ASP A 175 12.06 15.29 29.05
C ASP A 175 11.81 15.07 30.53
N PRO A 176 12.88 14.85 31.31
CA PRO A 176 12.83 14.63 32.76
C PRO A 176 12.25 15.74 33.64
N THR A 177 12.00 16.91 33.05
CA THR A 177 11.47 18.03 33.81
C THR A 177 9.94 18.01 33.98
N THR A 178 9.23 17.47 33.00
CA THR A 178 7.77 17.40 33.07
C THR A 178 7.27 16.04 33.54
N ALA A 179 7.92 14.98 33.08
CA ALA A 179 7.54 13.62 33.46
C ALA A 179 8.68 12.95 34.20
N GLN A 180 8.35 11.88 34.92
CA GLN A 180 9.35 11.16 35.69
C GLN A 180 9.50 9.72 35.20
N PRO A 181 10.70 9.14 35.38
CA PRO A 181 10.98 7.77 34.96
C PRO A 181 10.23 6.69 35.72
N GLN A 182 9.98 5.58 35.04
CA GLN A 182 9.29 4.44 35.65
C GLN A 182 10.14 3.19 35.49
N THR A 183 10.18 2.39 36.55
CA THR A 183 10.92 1.14 36.55
C THR A 183 10.03 0.17 37.30
N LEU A 184 9.20 -0.53 36.55
CA LEU A 184 8.23 -1.46 37.11
C LEU A 184 8.67 -2.92 37.11
N LYS A 185 8.51 -3.56 38.26
CA LYS A 185 8.84 -4.97 38.42
C LYS A 185 7.72 -5.80 37.82
N VAL A 186 8.04 -6.65 36.85
CA VAL A 186 7.00 -7.46 36.23
C VAL A 186 6.87 -8.85 36.83
N TYR A 187 8.00 -9.53 36.99
CA TYR A 187 7.99 -10.87 37.54
C TYR A 187 9.41 -11.33 37.89
N ASP A 188 9.49 -12.37 38.72
CA ASP A 188 10.77 -12.95 39.12
C ASP A 188 10.67 -14.41 38.74
N TYR A 189 11.31 -14.78 37.63
CA TYR A 189 11.24 -16.16 37.17
C TYR A 189 12.00 -17.10 38.09
N LYS A 190 11.39 -18.26 38.36
CA LYS A 190 12.02 -19.27 39.20
C LYS A 190 12.41 -20.41 38.27
N GLY A 191 12.28 -20.16 36.97
CA GLY A 191 12.61 -21.13 35.97
C GLY A 191 12.50 -20.49 34.60
N SER A 192 12.56 -21.29 33.53
CA SER A 192 12.46 -20.75 32.18
C SER A 192 11.02 -20.43 31.81
N GLY A 193 10.84 -19.48 30.90
CA GLY A 193 9.49 -19.13 30.51
C GLY A 193 9.37 -18.14 29.38
N VAL A 194 8.37 -17.28 29.45
CA VAL A 194 8.16 -16.35 28.37
C VAL A 194 7.71 -14.97 28.85
N ALA A 195 8.02 -13.94 28.07
CA ALA A 195 7.66 -12.58 28.41
C ALA A 195 7.30 -11.74 27.18
N MET A 196 6.47 -10.73 27.39
CA MET A 196 6.07 -9.83 26.31
C MET A 196 5.57 -8.49 26.84
N ALA A 197 5.80 -7.45 26.06
CA ALA A 197 5.37 -6.11 26.42
C ALA A 197 4.75 -5.48 25.18
N MET A 198 3.71 -4.68 25.38
CA MET A 198 3.04 -4.02 24.26
C MET A 198 2.69 -2.61 24.66
N TYR A 199 2.32 -1.81 23.67
CA TYR A 199 2.00 -0.41 23.91
C TYR A 199 0.83 0.06 23.04
N ASN A 200 0.36 1.27 23.34
CA ASN A 200 -0.67 1.90 22.56
C ASN A 200 -0.58 3.37 22.96
N THR A 201 -1.18 4.25 22.19
CA THR A 201 -1.10 5.68 22.45
C THR A 201 -2.45 6.38 22.54
N ASP A 202 -2.46 7.50 23.24
CA ASP A 202 -3.67 8.31 23.43
C ASP A 202 -4.16 8.81 22.08
N GLU A 203 -3.22 9.23 21.24
CA GLU A 203 -3.52 9.74 19.90
C GLU A 203 -4.30 8.74 19.05
N SER A 204 -3.84 7.49 19.01
CA SER A 204 -4.50 6.47 18.21
C SER A 204 -5.89 6.13 18.76
N ILE A 205 -5.96 5.97 20.08
CA ILE A 205 -7.21 5.64 20.75
C ILE A 205 -8.26 6.73 20.53
N GLU A 206 -7.80 7.97 20.55
CA GLU A 206 -8.70 9.10 20.34
C GLU A 206 -9.29 9.05 18.93
N GLY A 207 -8.46 8.74 17.94
CA GLY A 207 -8.96 8.62 16.58
C GLY A 207 -9.99 7.50 16.49
N PHE A 208 -9.69 6.39 17.15
CA PHE A 208 -10.56 5.20 17.22
C PHE A 208 -11.95 5.63 17.73
N ALA A 209 -11.96 6.40 18.81
CA ALA A 209 -13.20 6.91 19.38
C ALA A 209 -13.97 7.76 18.38
N HIS A 210 -13.31 8.80 17.85
CA HIS A 210 -13.94 9.68 16.88
C HIS A 210 -14.51 8.88 15.72
N SER A 211 -13.70 8.00 15.12
CA SER A 211 -14.17 7.18 14.00
C SER A 211 -15.38 6.32 14.36
N SER A 212 -15.40 5.82 15.59
CA SER A 212 -16.49 4.98 16.07
C SER A 212 -17.80 5.73 16.30
N PHE A 213 -17.72 6.93 16.86
CA PHE A 213 -18.93 7.71 17.13
C PHE A 213 -19.57 8.19 15.82
N LYS A 214 -18.75 8.67 14.90
CA LYS A 214 -19.25 9.15 13.62
C LYS A 214 -19.95 8.04 12.82
N LEU A 215 -19.40 6.83 12.86
CA LEU A 215 -20.04 5.73 12.16
C LEU A 215 -21.37 5.36 12.81
N ALA A 216 -21.41 5.43 14.14
CA ALA A 216 -22.63 5.12 14.89
C ALA A 216 -23.71 6.13 14.53
N ILE A 217 -23.30 7.39 14.36
CA ILE A 217 -24.24 8.44 13.98
C ILE A 217 -24.75 8.13 12.58
N ASP A 218 -23.82 7.91 11.66
CA ASP A 218 -24.16 7.60 10.27
C ASP A 218 -25.11 6.41 10.18
N LYS A 219 -24.77 5.35 10.91
CA LYS A 219 -25.59 4.14 10.88
C LYS A 219 -26.83 4.16 11.76
N LYS A 220 -26.92 5.15 12.65
CA LYS A 220 -28.08 5.25 13.54
C LYS A 220 -28.16 3.98 14.39
N LEU A 221 -27.03 3.56 14.92
CA LEU A 221 -26.99 2.35 15.73
C LEU A 221 -26.31 2.57 17.07
N ASN A 222 -26.73 1.79 18.06
CA ASN A 222 -26.15 1.87 19.40
C ASN A 222 -24.68 1.48 19.30
N LEU A 223 -23.86 2.03 20.18
CA LEU A 223 -22.43 1.76 20.12
C LEU A 223 -21.92 1.25 21.45
N PHE A 224 -21.23 0.11 21.44
CA PHE A 224 -20.67 -0.45 22.65
C PHE A 224 -19.16 -0.62 22.54
N LEU A 225 -18.43 -0.17 23.56
CA LEU A 225 -16.99 -0.34 23.62
C LEU A 225 -16.75 -1.48 24.61
N SER A 226 -15.83 -2.40 24.28
CA SER A 226 -15.56 -3.50 25.19
C SER A 226 -14.08 -3.60 25.54
N THR A 227 -13.80 -3.82 26.82
CA THR A 227 -12.44 -3.99 27.30
C THR A 227 -12.49 -4.93 28.49
N LYS A 228 -11.35 -5.13 29.12
CA LYS A 228 -11.25 -5.97 30.29
C LYS A 228 -10.69 -5.08 31.39
N ASN A 229 -11.18 -3.84 31.44
CA ASN A 229 -10.71 -2.84 32.39
C ASN A 229 -10.67 -3.30 33.84
N THR A 230 -11.40 -4.35 34.18
CA THR A 230 -11.40 -4.83 35.56
C THR A 230 -10.03 -5.42 35.92
N ILE A 231 -9.34 -5.95 34.92
CA ILE A 231 -8.02 -6.52 35.13
C ILE A 231 -6.95 -5.50 34.77
N LEU A 232 -6.96 -5.07 33.51
CA LEU A 232 -6.01 -4.09 33.02
C LEU A 232 -6.57 -2.71 33.36
N LYS A 233 -6.55 -2.42 34.66
CA LYS A 233 -7.06 -1.17 35.22
C LYS A 233 -6.58 0.10 34.51
N LYS A 234 -5.28 0.16 34.21
CA LYS A 234 -4.72 1.32 33.55
C LYS A 234 -4.84 1.23 32.02
N TYR A 235 -4.24 0.20 31.44
CA TYR A 235 -4.24 -0.01 29.99
C TYR A 235 -5.62 0.11 29.37
N ASP A 236 -6.52 -0.80 29.74
CA ASP A 236 -7.89 -0.80 29.22
C ASP A 236 -8.67 0.39 29.76
N GLY A 237 -8.40 0.75 31.02
CA GLY A 237 -9.09 1.89 31.59
C GLY A 237 -8.89 3.09 30.70
N ARG A 238 -7.71 3.15 30.09
CA ARG A 238 -7.40 4.29 29.22
C ARG A 238 -8.36 4.38 28.06
N PHE A 239 -8.72 3.24 27.46
CA PHE A 239 -9.64 3.26 26.33
C PHE A 239 -11.02 3.74 26.77
N LYS A 240 -11.45 3.27 27.92
CA LYS A 240 -12.75 3.63 28.48
C LYS A 240 -12.85 5.12 28.75
N ASP A 241 -11.81 5.68 29.36
CA ASP A 241 -11.81 7.10 29.67
C ASP A 241 -11.79 8.01 28.46
N ILE A 242 -10.99 7.67 27.46
CA ILE A 242 -10.91 8.51 26.28
C ILE A 242 -12.20 8.49 25.49
N PHE A 243 -12.85 7.32 25.41
CA PHE A 243 -14.11 7.23 24.69
C PHE A 243 -15.17 8.06 25.41
N GLN A 244 -15.19 7.97 26.74
CA GLN A 244 -16.16 8.70 27.52
C GLN A 244 -15.95 10.20 27.40
N GLU A 245 -14.70 10.63 27.44
CA GLU A 245 -14.35 12.04 27.34
C GLU A 245 -14.73 12.59 25.97
N VAL A 246 -14.35 11.86 24.92
CA VAL A 246 -14.65 12.28 23.55
C VAL A 246 -16.16 12.32 23.33
N TYR A 247 -16.85 11.39 23.97
CA TYR A 247 -18.30 11.30 23.87
C TYR A 247 -19.04 12.50 24.49
N GLU A 248 -18.78 12.74 25.77
CA GLU A 248 -19.42 13.85 26.48
C GLU A 248 -19.20 15.19 25.81
N ALA A 249 -18.00 15.37 25.30
CA ALA A 249 -17.60 16.62 24.66
C ALA A 249 -18.13 16.88 23.26
N GLN A 250 -18.23 15.85 22.41
CA GLN A 250 -18.67 16.09 21.04
C GLN A 250 -19.79 15.26 20.42
N TYR A 251 -20.20 14.17 21.04
CA TYR A 251 -21.23 13.37 20.40
C TYR A 251 -22.50 13.06 21.16
N LYS A 252 -22.44 13.14 22.49
CA LYS A 252 -23.61 12.82 23.31
C LYS A 252 -24.90 13.47 22.84
N SER A 253 -24.88 14.79 22.60
CA SER A 253 -26.08 15.49 22.17
C SER A 253 -26.58 14.95 20.84
N LYS A 254 -25.66 14.60 19.96
CA LYS A 254 -26.01 14.09 18.64
C LYS A 254 -26.56 12.66 18.75
N PHE A 255 -26.06 11.91 19.72
CA PHE A 255 -26.54 10.53 19.91
C PHE A 255 -27.97 10.59 20.43
N GLU A 256 -28.23 11.57 21.29
CA GLU A 256 -29.56 11.73 21.89
C GLU A 256 -30.62 12.14 20.88
N GLN A 257 -30.27 13.03 19.93
CA GLN A 257 -31.24 13.46 18.93
C GLN A 257 -31.72 12.26 18.12
N LEU A 258 -30.80 11.35 17.83
CA LEU A 258 -31.12 10.16 17.06
C LEU A 258 -31.78 9.06 17.87
N GLY A 259 -31.60 9.10 19.19
CA GLY A 259 -32.19 8.08 20.04
C GLY A 259 -31.28 6.88 20.24
N ILE A 260 -29.98 7.06 19.99
CA ILE A 260 -29.01 5.99 20.16
C ILE A 260 -28.18 6.24 21.41
N HIS A 261 -27.52 5.20 21.90
CA HIS A 261 -26.73 5.33 23.11
C HIS A 261 -25.33 4.76 22.96
N TYR A 262 -24.40 5.30 23.75
CA TYR A 262 -23.04 4.79 23.75
C TYR A 262 -22.84 4.20 25.15
N GLU A 263 -22.03 3.16 25.25
CA GLU A 263 -21.79 2.55 26.55
C GLU A 263 -20.60 1.59 26.58
N HIS A 264 -19.84 1.61 27.66
CA HIS A 264 -18.71 0.69 27.81
C HIS A 264 -19.23 -0.55 28.51
N ARG A 265 -18.82 -1.72 28.02
CA ARG A 265 -19.25 -3.00 28.59
C ARG A 265 -18.05 -3.92 28.75
N LEU A 266 -18.06 -4.76 29.79
CA LEU A 266 -16.96 -5.73 29.96
C LEU A 266 -17.05 -6.67 28.77
N ILE A 267 -15.89 -7.01 28.20
CA ILE A 267 -15.83 -7.91 27.05
C ILE A 267 -16.55 -9.23 27.34
N ASP A 268 -16.55 -9.65 28.59
CA ASP A 268 -17.20 -10.90 28.99
C ASP A 268 -18.71 -10.79 28.85
N ASP A 269 -19.26 -9.66 29.28
CA ASP A 269 -20.70 -9.44 29.20
C ASP A 269 -21.14 -9.17 27.78
N MET A 270 -20.45 -8.25 27.11
CA MET A 270 -20.75 -7.88 25.74
C MET A 270 -20.79 -9.11 24.85
N VAL A 271 -19.73 -9.90 24.92
CA VAL A 271 -19.64 -11.10 24.11
C VAL A 271 -20.81 -12.05 24.34
N ALA A 272 -21.25 -12.19 25.59
CA ALA A 272 -22.36 -13.08 25.88
C ALA A 272 -23.66 -12.46 25.40
N GLN A 273 -23.85 -11.18 25.69
CA GLN A 273 -25.06 -10.47 25.27
C GLN A 273 -25.16 -10.42 23.75
N MET A 274 -24.00 -10.45 23.10
CA MET A 274 -23.94 -10.41 21.65
C MET A 274 -24.58 -11.63 20.99
N ILE A 275 -24.15 -12.83 21.36
CA ILE A 275 -24.71 -14.02 20.74
C ILE A 275 -26.13 -14.32 21.19
N LYS A 276 -26.60 -13.67 22.24
CA LYS A 276 -27.97 -13.91 22.72
C LYS A 276 -28.95 -12.93 22.06
N SER A 277 -28.42 -11.84 21.53
CA SER A 277 -29.22 -10.81 20.89
C SER A 277 -29.74 -11.18 19.50
N LYS A 278 -30.38 -10.19 18.89
CA LYS A 278 -30.94 -10.32 17.54
C LYS A 278 -30.11 -9.43 16.62
N GLY A 279 -29.06 -8.86 17.19
CA GLY A 279 -28.18 -8.00 16.41
C GLY A 279 -28.67 -6.56 16.30
N GLY A 280 -28.05 -5.81 15.40
CA GLY A 280 -28.45 -4.43 15.20
C GLY A 280 -27.76 -3.43 16.09
N PHE A 281 -26.43 -3.41 16.07
CA PHE A 281 -25.67 -2.47 16.88
C PHE A 281 -24.18 -2.58 16.56
N ILE A 282 -23.37 -1.64 17.05
CA ILE A 282 -21.94 -1.62 16.77
C ILE A 282 -21.05 -1.88 17.97
N MET A 283 -20.07 -2.76 17.78
CA MET A 283 -19.13 -3.10 18.84
C MET A 283 -17.74 -2.59 18.46
N ALA A 284 -17.19 -1.68 19.26
CA ALA A 284 -15.84 -1.17 19.02
C ALA A 284 -14.93 -2.06 19.87
N LEU A 285 -13.86 -2.59 19.28
CA LEU A 285 -12.98 -3.49 20.03
C LEU A 285 -11.50 -3.20 19.83
N LYS A 286 -10.69 -3.68 20.77
CA LYS A 286 -9.25 -3.50 20.68
C LYS A 286 -8.68 -4.46 19.62
N ASN A 287 -7.48 -4.14 19.13
CA ASN A 287 -6.83 -4.92 18.07
C ASN A 287 -7.10 -6.43 18.08
N TYR A 288 -6.74 -7.08 19.17
CA TYR A 288 -6.90 -8.53 19.29
C TYR A 288 -8.35 -9.00 19.34
N ASP A 289 -9.17 -8.37 20.17
CA ASP A 289 -10.58 -8.76 20.28
C ASP A 289 -11.28 -8.51 18.93
N GLY A 290 -10.96 -7.40 18.28
CA GLY A 290 -11.58 -7.10 17.01
C GLY A 290 -11.25 -8.15 15.97
N ASP A 291 -10.01 -8.62 15.98
CA ASP A 291 -9.55 -9.63 15.04
C ASP A 291 -10.34 -10.92 15.24
N VAL A 292 -10.26 -11.47 16.45
CA VAL A 292 -10.93 -12.71 16.76
C VAL A 292 -12.46 -12.66 16.70
N GLN A 293 -13.05 -11.57 17.19
CA GLN A 293 -14.50 -11.45 17.19
C GLN A 293 -15.09 -11.25 15.80
N SER A 294 -14.33 -10.61 14.90
CA SER A 294 -14.80 -10.39 13.53
C SER A 294 -14.98 -11.73 12.83
N ASP A 295 -14.08 -12.67 13.07
CA ASP A 295 -14.19 -13.98 12.45
C ASP A 295 -15.40 -14.71 13.03
N ILE A 296 -15.63 -14.54 14.32
CA ILE A 296 -16.76 -15.19 14.98
C ILE A 296 -18.08 -14.68 14.45
N VAL A 297 -18.21 -13.37 14.39
CA VAL A 297 -19.44 -12.75 13.90
C VAL A 297 -19.71 -13.04 12.43
N ALA A 298 -18.67 -12.96 11.60
CA ALA A 298 -18.84 -13.19 10.17
C ALA A 298 -19.38 -14.59 9.92
N GLN A 299 -18.75 -15.57 10.56
CA GLN A 299 -19.16 -16.96 10.39
C GLN A 299 -20.57 -17.17 10.95
N GLY A 300 -20.88 -16.44 12.01
CA GLY A 300 -22.19 -16.56 12.62
C GLY A 300 -23.28 -16.08 11.70
N PHE A 301 -22.98 -15.10 10.85
CA PHE A 301 -23.98 -14.58 9.92
C PHE A 301 -24.03 -15.46 8.69
N GLY A 302 -22.93 -16.16 8.42
CA GLY A 302 -22.91 -17.03 7.26
C GLY A 302 -21.73 -16.83 6.34
N SER A 303 -22.01 -16.71 5.05
CA SER A 303 -20.99 -16.54 4.05
C SER A 303 -20.22 -15.23 4.10
N LEU A 304 -18.94 -15.33 3.75
CA LEU A 304 -18.08 -14.16 3.69
C LEU A 304 -18.48 -13.33 2.48
N GLY A 305 -19.28 -13.95 1.61
CA GLY A 305 -19.76 -13.28 0.42
C GLY A 305 -20.74 -12.17 0.79
N LEU A 306 -21.13 -12.12 2.06
CA LEU A 306 -22.06 -11.11 2.56
C LEU A 306 -21.42 -10.16 3.57
N MET A 307 -20.11 -10.26 3.74
CA MET A 307 -19.42 -9.40 4.69
C MET A 307 -18.74 -8.23 3.97
N THR A 308 -19.14 -7.02 4.33
CA THR A 308 -18.56 -5.81 3.74
C THR A 308 -17.74 -5.08 4.80
N SER A 309 -17.04 -4.04 4.38
CA SER A 309 -16.24 -3.25 5.30
C SER A 309 -16.06 -1.83 4.80
N ILE A 310 -15.97 -0.90 5.73
CA ILE A 310 -15.79 0.51 5.40
C ILE A 310 -14.73 1.12 6.32
N LEU A 311 -13.81 1.86 5.74
CA LEU A 311 -12.77 2.52 6.52
C LEU A 311 -13.23 3.94 6.73
N VAL A 312 -13.25 4.37 7.99
CA VAL A 312 -13.67 5.73 8.35
C VAL A 312 -12.55 6.44 9.10
N THR A 313 -12.30 7.70 8.75
CA THR A 313 -11.27 8.46 9.43
C THR A 313 -11.91 9.28 10.54
N PRO A 314 -11.11 9.78 11.49
CA PRO A 314 -11.63 10.58 12.61
C PRO A 314 -12.37 11.85 12.16
N ASP A 315 -11.84 12.54 11.16
CA ASP A 315 -12.48 13.76 10.68
C ASP A 315 -13.78 13.47 9.95
N GLY A 316 -14.00 12.21 9.60
CA GLY A 316 -15.21 11.80 8.92
C GLY A 316 -15.32 12.35 7.49
N LYS A 317 -14.19 12.62 6.86
CA LYS A 317 -14.18 13.14 5.50
C LYS A 317 -13.59 12.16 4.46
N THR A 318 -12.94 11.10 4.93
CA THR A 318 -12.32 10.12 4.04
C THR A 318 -12.81 8.69 4.27
N PHE A 319 -13.08 7.99 3.18
CA PHE A 319 -13.58 6.63 3.26
C PHE A 319 -12.98 5.70 2.21
N GLU A 320 -12.87 4.42 2.57
CA GLU A 320 -12.41 3.40 1.65
C GLU A 320 -13.42 2.28 1.76
N SER A 321 -13.97 1.87 0.64
CA SER A 321 -14.98 0.83 0.63
C SER A 321 -14.44 -0.45 -0.04
N GLU A 322 -14.59 -1.59 0.64
CA GLU A 322 -14.15 -2.88 0.09
C GLU A 322 -14.79 -4.08 0.77
N ALA A 323 -14.91 -5.17 0.01
CA ALA A 323 -15.49 -6.41 0.53
C ALA A 323 -14.56 -6.90 1.64
N ALA A 324 -15.13 -7.56 2.64
CA ALA A 324 -14.32 -8.02 3.76
C ALA A 324 -13.57 -9.33 3.50
N HIS A 325 -14.01 -10.10 2.52
CA HIS A 325 -13.35 -11.35 2.18
C HIS A 325 -12.12 -11.13 1.30
N GLY A 326 -11.40 -12.21 1.00
CA GLY A 326 -10.19 -12.10 0.19
C GLY A 326 -10.42 -12.25 -1.30
N THR A 327 -9.35 -12.61 -2.02
CA THR A 327 -9.41 -12.77 -3.48
C THR A 327 -10.11 -14.04 -3.93
N VAL A 328 -10.48 -14.88 -2.98
CA VAL A 328 -11.17 -16.14 -3.28
C VAL A 328 -10.29 -16.97 -4.20
N THR A 329 -9.03 -17.14 -3.77
CA THR A 329 -8.02 -17.88 -4.50
C THR A 329 -8.46 -19.28 -4.93
N ARG A 330 -9.16 -20.02 -4.12
CA ARG A 330 -9.61 -21.37 -4.48
C ARG A 330 -10.56 -21.35 -5.68
N HIS A 331 -11.35 -20.31 -5.76
CA HIS A 331 -12.25 -20.25 -6.90
C HIS A 331 -11.48 -19.79 -8.13
N TYR A 332 -10.42 -19.01 -7.91
CA TYR A 332 -9.63 -18.54 -9.03
C TYR A 332 -8.89 -19.70 -9.70
N ARG A 333 -8.46 -20.69 -8.91
CA ARG A 333 -7.76 -21.85 -9.47
C ARG A 333 -8.65 -22.60 -10.44
N LYS A 334 -9.95 -22.63 -10.14
CA LYS A 334 -10.91 -23.31 -10.99
C LYS A 334 -11.10 -22.46 -12.24
N TYR A 335 -11.32 -21.17 -12.03
CA TYR A 335 -11.53 -20.24 -13.14
C TYR A 335 -10.39 -20.32 -14.15
N GLN A 336 -9.16 -20.37 -13.64
CA GLN A 336 -7.98 -20.43 -14.49
C GLN A 336 -8.00 -21.62 -15.45
N LYS A 337 -8.66 -22.69 -15.03
CA LYS A 337 -8.73 -23.89 -15.86
C LYS A 337 -10.03 -24.00 -16.65
N GLY A 338 -10.90 -23.01 -16.49
CA GLY A 338 -12.16 -23.04 -17.20
C GLY A 338 -13.23 -23.80 -16.45
N GLU A 339 -12.89 -24.26 -15.24
CA GLU A 339 -13.84 -25.00 -14.44
C GLU A 339 -14.91 -24.09 -13.85
N GLU A 340 -16.09 -24.65 -13.65
CA GLU A 340 -17.23 -23.93 -13.13
C GLU A 340 -16.98 -23.36 -11.73
N THR A 341 -17.48 -22.14 -11.50
CA THR A 341 -17.34 -21.48 -10.22
C THR A 341 -18.66 -20.85 -9.81
N SER A 342 -18.84 -20.68 -8.51
CA SER A 342 -20.02 -20.05 -7.97
C SER A 342 -19.54 -19.08 -6.91
N THR A 343 -18.97 -17.97 -7.35
CA THR A 343 -18.44 -16.97 -6.43
C THR A 343 -19.48 -15.87 -6.19
N ASN A 344 -19.68 -15.52 -4.92
CA ASN A 344 -20.63 -14.48 -4.56
C ASN A 344 -20.08 -13.08 -4.84
N SER A 345 -20.81 -12.30 -5.64
CA SER A 345 -20.39 -10.94 -6.01
C SER A 345 -21.06 -9.90 -5.14
N ILE A 346 -21.98 -10.31 -4.28
CA ILE A 346 -22.69 -9.36 -3.45
C ILE A 346 -21.84 -8.37 -2.66
N ALA A 347 -20.84 -8.87 -1.94
CA ALA A 347 -19.99 -7.98 -1.15
C ALA A 347 -19.23 -6.98 -2.04
N SER A 348 -18.71 -7.43 -3.17
CA SER A 348 -17.97 -6.54 -4.07
C SER A 348 -18.88 -5.45 -4.60
N ILE A 349 -20.12 -5.84 -4.92
CA ILE A 349 -21.10 -4.88 -5.42
C ILE A 349 -21.33 -3.83 -4.32
N PHE A 350 -21.50 -4.27 -3.08
CA PHE A 350 -21.72 -3.32 -1.98
C PHE A 350 -20.50 -2.47 -1.71
N ALA A 351 -19.33 -2.93 -2.14
CA ALA A 351 -18.15 -2.12 -1.96
C ALA A 351 -18.45 -0.88 -2.79
N TRP A 352 -18.94 -1.11 -4.01
CA TRP A 352 -19.28 -0.01 -4.91
C TRP A 352 -20.43 0.85 -4.41
N SER A 353 -21.54 0.23 -4.05
CA SER A 353 -22.71 0.98 -3.61
C SER A 353 -22.43 1.80 -2.36
N ARG A 354 -21.72 1.23 -1.40
CA ARG A 354 -21.41 1.94 -0.17
C ARG A 354 -20.40 3.06 -0.42
N GLY A 355 -19.51 2.84 -1.37
CA GLY A 355 -18.52 3.86 -1.69
C GLY A 355 -19.18 4.99 -2.47
N LEU A 356 -20.06 4.64 -3.39
CA LEU A 356 -20.74 5.65 -4.17
C LEU A 356 -21.65 6.43 -3.23
N LEU A 357 -22.23 5.73 -2.26
CA LEU A 357 -23.14 6.37 -1.29
C LEU A 357 -22.38 7.48 -0.55
N LYS A 358 -21.17 7.16 -0.10
CA LYS A 358 -20.35 8.14 0.60
C LYS A 358 -20.01 9.26 -0.37
N ARG A 359 -19.73 8.91 -1.61
CA ARG A 359 -19.41 9.90 -2.62
C ARG A 359 -20.58 10.87 -2.78
N GLY A 360 -21.79 10.31 -2.81
CA GLY A 360 -22.97 11.13 -2.96
C GLY A 360 -23.22 12.03 -1.75
N GLU A 361 -22.89 11.54 -0.57
CA GLU A 361 -23.08 12.32 0.66
C GLU A 361 -22.15 13.50 0.76
N LEU A 362 -20.89 13.31 0.42
CA LEU A 362 -19.91 14.39 0.50
C LEU A 362 -20.11 15.45 -0.56
N ASP A 363 -20.66 15.06 -1.71
CA ASP A 363 -20.89 16.01 -2.79
C ASP A 363 -22.31 16.51 -2.81
N ASN A 364 -23.12 16.05 -1.87
CA ASN A 364 -24.52 16.45 -1.84
C ASN A 364 -25.08 16.27 -3.26
N THR A 365 -25.14 15.01 -3.66
CA THR A 365 -25.67 14.61 -4.96
C THR A 365 -26.61 13.46 -4.68
N PRO A 366 -27.85 13.78 -4.27
CA PRO A 366 -28.86 12.77 -3.96
C PRO A 366 -29.05 11.76 -5.08
N ALA A 367 -29.02 12.25 -6.33
CA ALA A 367 -29.19 11.40 -7.49
C ALA A 367 -28.30 10.17 -7.36
N LEU A 368 -27.02 10.39 -7.04
CA LEU A 368 -26.10 9.29 -6.88
C LEU A 368 -26.57 8.36 -5.76
N CYS A 369 -26.82 8.94 -4.59
CA CYS A 369 -27.27 8.19 -3.43
C CYS A 369 -28.45 7.30 -3.74
N LYS A 370 -29.37 7.81 -4.56
CA LYS A 370 -30.56 7.06 -4.92
C LYS A 370 -30.19 5.84 -5.76
N PHE A 371 -29.27 6.02 -6.70
CA PHE A 371 -28.84 4.92 -7.56
C PHE A 371 -28.17 3.82 -6.72
N ALA A 372 -27.41 4.24 -5.72
CA ALA A 372 -26.69 3.32 -4.83
C ALA A 372 -27.65 2.42 -4.08
N ASN A 373 -28.75 2.98 -3.61
CA ASN A 373 -29.72 2.19 -2.88
C ASN A 373 -30.48 1.28 -3.84
N ILE A 374 -30.54 1.66 -5.11
CA ILE A 374 -31.22 0.84 -6.10
C ILE A 374 -30.34 -0.34 -6.48
N LEU A 375 -29.04 -0.09 -6.64
CA LEU A 375 -28.11 -1.17 -6.98
C LEU A 375 -28.17 -2.24 -5.89
N GLU A 376 -28.23 -1.80 -4.64
CA GLU A 376 -28.31 -2.71 -3.52
C GLU A 376 -29.61 -3.50 -3.58
N SER A 377 -30.72 -2.79 -3.73
CA SER A 377 -32.02 -3.44 -3.80
C SER A 377 -32.08 -4.47 -4.91
N ALA A 378 -31.57 -4.11 -6.09
CA ALA A 378 -31.60 -5.03 -7.22
C ALA A 378 -30.78 -6.27 -6.91
N THR A 379 -29.64 -6.03 -6.28
CA THR A 379 -28.73 -7.11 -5.94
C THR A 379 -29.37 -8.08 -4.95
N LEU A 380 -29.85 -7.56 -3.82
CA LEU A 380 -30.46 -8.41 -2.81
C LEU A 380 -31.79 -9.05 -3.20
N ASN A 381 -32.63 -8.34 -3.95
CA ASN A 381 -33.92 -8.91 -4.37
C ASN A 381 -33.68 -10.08 -5.31
N THR A 382 -32.54 -10.07 -5.99
CA THR A 382 -32.20 -11.15 -6.90
C THR A 382 -32.20 -12.47 -6.11
N VAL A 383 -31.67 -12.42 -4.88
CA VAL A 383 -31.63 -13.59 -4.00
C VAL A 383 -32.97 -13.76 -3.28
N GLN A 384 -33.37 -12.72 -2.56
CA GLN A 384 -34.61 -12.71 -1.77
C GLN A 384 -35.88 -13.02 -2.56
N GLN A 385 -36.17 -12.22 -3.59
CA GLN A 385 -37.37 -12.42 -4.40
C GLN A 385 -37.25 -13.50 -5.47
N ASP A 386 -36.23 -13.37 -6.33
CA ASP A 386 -36.03 -14.30 -7.44
C ASP A 386 -35.39 -15.63 -7.06
N GLY A 387 -34.74 -15.68 -5.91
CA GLY A 387 -34.12 -16.91 -5.47
C GLY A 387 -32.94 -17.34 -6.32
N ILE A 388 -32.29 -16.37 -6.97
CA ILE A 388 -31.13 -16.66 -7.80
C ILE A 388 -29.93 -16.35 -6.90
N MET A 389 -29.07 -17.35 -6.68
CA MET A 389 -27.93 -17.18 -5.80
C MET A 389 -26.77 -18.13 -6.08
N THR A 390 -25.61 -17.82 -5.49
CA THR A 390 -24.43 -18.66 -5.66
C THR A 390 -24.39 -19.78 -4.59
N LYS A 391 -23.57 -20.79 -4.82
CA LYS A 391 -23.46 -21.92 -3.91
C LYS A 391 -23.36 -21.59 -2.41
N ASP A 392 -22.47 -20.66 -2.06
CA ASP A 392 -22.28 -20.29 -0.65
C ASP A 392 -23.59 -19.90 0.04
N LEU A 393 -24.47 -19.26 -0.71
CA LEU A 393 -25.75 -18.85 -0.18
C LEU A 393 -26.68 -20.05 -0.10
N ALA A 394 -26.71 -20.86 -1.15
CA ALA A 394 -27.58 -22.02 -1.18
C ALA A 394 -27.26 -23.01 -0.06
N LEU A 395 -25.99 -23.10 0.33
CA LEU A 395 -25.59 -24.01 1.40
C LEU A 395 -26.23 -23.71 2.74
N ALA A 396 -26.52 -22.43 2.98
CA ALA A 396 -27.13 -22.00 4.23
C ALA A 396 -28.59 -22.45 4.30
N CYS A 397 -29.17 -22.77 3.15
CA CYS A 397 -30.56 -23.20 3.09
C CYS A 397 -30.65 -24.72 3.20
N GLY A 398 -29.54 -25.39 2.91
CA GLY A 398 -29.52 -26.83 2.96
C GLY A 398 -29.92 -27.36 1.58
N ASN A 399 -29.27 -26.83 0.55
CA ASN A 399 -29.56 -27.21 -0.83
C ASN A 399 -28.28 -27.08 -1.66
N ASN A 400 -27.58 -28.21 -1.86
CA ASN A 400 -26.34 -28.19 -2.64
C ASN A 400 -26.57 -28.74 -4.04
N GLU A 401 -27.82 -29.09 -4.33
CA GLU A 401 -28.17 -29.61 -5.64
C GLU A 401 -27.80 -28.56 -6.68
N ARG A 402 -27.17 -28.98 -7.76
CA ARG A 402 -26.74 -28.06 -8.82
C ARG A 402 -27.91 -27.32 -9.49
N SER A 403 -29.06 -27.33 -8.81
CA SER A 403 -30.24 -26.64 -9.31
C SER A 403 -30.66 -25.57 -8.30
N ALA A 404 -30.07 -25.64 -7.11
CA ALA A 404 -30.36 -24.68 -6.06
C ALA A 404 -29.54 -23.42 -6.29
N TYR A 405 -28.30 -23.60 -6.75
CA TYR A 405 -27.44 -22.45 -6.97
C TYR A 405 -27.11 -22.17 -8.43
N VAL A 406 -26.48 -21.02 -8.66
CA VAL A 406 -26.13 -20.58 -10.00
C VAL A 406 -24.64 -20.23 -10.08
N THR A 407 -24.11 -20.12 -11.30
CA THR A 407 -22.69 -19.79 -11.48
C THR A 407 -22.38 -18.33 -11.23
N THR A 408 -21.09 -18.08 -11.04
CA THR A 408 -20.55 -16.75 -10.82
C THR A 408 -21.13 -15.73 -11.80
N GLU A 409 -21.00 -16.03 -13.09
CA GLU A 409 -21.49 -15.15 -14.15
C GLU A 409 -23.03 -15.10 -14.25
N GLU A 410 -23.68 -16.24 -14.01
CA GLU A 410 -25.14 -16.30 -14.06
C GLU A 410 -25.77 -15.38 -13.02
N PHE A 411 -25.14 -15.29 -11.86
CA PHE A 411 -25.63 -14.43 -10.81
C PHE A 411 -25.48 -12.96 -11.24
N LEU A 412 -24.33 -12.61 -11.80
CA LEU A 412 -24.09 -11.23 -12.25
C LEU A 412 -25.06 -10.89 -13.37
N ASP A 413 -25.36 -11.85 -14.23
CA ASP A 413 -26.31 -11.61 -15.32
C ASP A 413 -27.68 -11.31 -14.72
N ALA A 414 -28.06 -12.06 -13.69
CA ALA A 414 -29.36 -11.89 -13.05
C ALA A 414 -29.55 -10.51 -12.42
N VAL A 415 -28.53 -10.07 -11.67
CA VAL A 415 -28.60 -8.78 -11.02
C VAL A 415 -28.60 -7.68 -12.07
N GLU A 416 -27.78 -7.85 -13.10
CA GLU A 416 -27.71 -6.87 -14.17
C GLU A 416 -29.11 -6.63 -14.73
N LYS A 417 -29.76 -7.71 -15.17
CA LYS A 417 -31.10 -7.64 -15.73
C LYS A 417 -32.05 -6.97 -14.76
N ARG A 418 -31.97 -7.35 -13.50
CA ARG A 418 -32.84 -6.78 -12.48
C ARG A 418 -32.59 -5.29 -12.29
N LEU A 419 -31.32 -4.87 -12.32
CA LEU A 419 -31.00 -3.46 -12.15
C LEU A 419 -31.71 -2.68 -13.25
N GLN A 420 -31.46 -3.06 -14.51
CA GLN A 420 -32.09 -2.39 -15.64
C GLN A 420 -33.58 -2.17 -15.36
N LYS A 421 -34.26 -3.22 -14.91
CA LYS A 421 -35.69 -3.10 -14.62
C LYS A 421 -35.96 -2.05 -13.55
N GLU A 422 -35.41 -2.24 -12.36
CA GLU A 422 -35.62 -1.30 -11.25
C GLU A 422 -35.12 0.12 -11.51
N ILE A 423 -34.38 0.33 -12.60
CA ILE A 423 -33.86 1.65 -12.90
C ILE A 423 -34.83 2.51 -13.70
N LYS A 424 -35.78 1.86 -14.37
CA LYS A 424 -36.76 2.58 -15.18
C LYS A 424 -37.64 3.43 -14.27
N SER A 425 -37.19 3.58 -13.01
CA SER A 425 -37.88 4.31 -11.96
C SER A 425 -38.19 3.33 -10.84
N LYS B 18 -27.01 -49.83 50.77
CA LYS B 18 -26.34 -48.60 50.29
C LYS B 18 -25.01 -48.87 49.58
N ILE B 19 -24.60 -47.90 48.77
CA ILE B 19 -23.34 -47.98 48.04
C ILE B 19 -22.24 -47.39 48.90
N LYS B 20 -21.17 -48.14 49.12
CA LYS B 20 -20.08 -47.67 49.95
C LYS B 20 -18.99 -46.92 49.20
N VAL B 21 -18.80 -45.66 49.54
CA VAL B 21 -17.77 -44.84 48.92
C VAL B 21 -16.48 -45.03 49.71
N LYS B 22 -15.52 -45.71 49.12
CA LYS B 22 -14.23 -45.99 49.76
C LYS B 22 -13.57 -44.75 50.37
N GLN B 23 -13.12 -43.84 49.52
CA GLN B 23 -12.48 -42.63 50.02
C GLN B 23 -13.45 -41.51 50.34
N PRO B 24 -13.01 -40.56 51.17
CA PRO B 24 -13.84 -39.41 51.57
C PRO B 24 -14.00 -38.40 50.44
N VAL B 25 -15.17 -37.76 50.40
CA VAL B 25 -15.45 -36.75 49.39
C VAL B 25 -15.46 -35.38 50.09
N VAL B 26 -14.74 -34.44 49.52
CA VAL B 26 -14.65 -33.10 50.07
C VAL B 26 -15.76 -32.23 49.51
N GLU B 27 -16.61 -31.71 50.40
CA GLU B 27 -17.74 -30.89 50.03
C GLU B 27 -17.61 -29.45 50.50
N LEU B 28 -17.70 -28.50 49.56
CA LEU B 28 -17.62 -27.08 49.90
C LEU B 28 -19.01 -26.46 49.68
N ASP B 29 -19.58 -25.88 50.74
CA ASP B 29 -20.90 -25.25 50.66
C ASP B 29 -20.75 -23.81 50.19
N GLY B 30 -21.73 -23.30 49.46
CA GLY B 30 -21.65 -21.94 48.95
C GLY B 30 -22.65 -20.96 49.52
N ASP B 31 -23.12 -20.04 48.69
CA ASP B 31 -24.09 -19.07 49.17
C ASP B 31 -25.29 -18.80 48.25
N GLU B 32 -26.19 -17.96 48.74
CA GLU B 32 -27.40 -17.57 48.03
C GLU B 32 -28.21 -18.73 47.45
N MET B 33 -28.83 -18.51 46.29
CA MET B 33 -29.68 -19.54 45.69
C MET B 33 -29.09 -20.93 45.56
N THR B 34 -27.86 -21.02 45.07
CA THR B 34 -27.22 -22.31 44.90
C THR B 34 -27.05 -23.06 46.24
N ARG B 35 -26.92 -22.34 47.34
CA ARG B 35 -26.78 -22.99 48.65
C ARG B 35 -28.09 -23.70 48.97
N ILE B 36 -29.20 -23.07 48.59
CA ILE B 36 -30.52 -23.65 48.84
C ILE B 36 -30.70 -24.96 48.11
N ILE B 37 -30.41 -24.97 46.81
CA ILE B 37 -30.57 -26.20 46.02
C ILE B 37 -29.55 -27.27 46.40
N TRP B 38 -28.40 -26.82 46.89
CA TRP B 38 -27.33 -27.73 47.30
C TRP B 38 -27.76 -28.65 48.45
N ASP B 39 -28.39 -28.08 49.46
CA ASP B 39 -28.82 -28.88 50.60
C ASP B 39 -29.92 -29.86 50.21
N LYS B 40 -30.83 -29.43 49.34
CA LYS B 40 -31.92 -30.30 48.90
C LYS B 40 -31.38 -31.45 48.08
N ILE B 41 -30.35 -31.16 47.29
CA ILE B 41 -29.73 -32.17 46.43
C ILE B 41 -29.06 -33.25 47.27
N LYS B 42 -28.20 -32.83 48.18
CA LYS B 42 -27.48 -33.74 49.06
C LYS B 42 -28.44 -34.68 49.79
N LYS B 43 -29.45 -34.10 50.43
CA LYS B 43 -30.44 -34.87 51.19
C LYS B 43 -31.41 -35.73 50.39
N LYS B 44 -31.78 -35.29 49.19
CA LYS B 44 -32.74 -36.05 48.38
C LYS B 44 -32.13 -36.99 47.35
N LEU B 45 -31.02 -36.59 46.75
CA LEU B 45 -30.41 -37.40 45.70
C LEU B 45 -29.11 -38.11 46.06
N ILE B 46 -28.44 -37.64 47.10
CA ILE B 46 -27.16 -38.24 47.49
C ILE B 46 -27.18 -39.10 48.76
N LEU B 47 -27.37 -38.46 49.92
CA LEU B 47 -27.38 -39.16 51.21
C LEU B 47 -28.22 -40.44 51.27
N PRO B 48 -29.42 -40.44 50.68
CA PRO B 48 -30.25 -41.65 50.72
C PRO B 48 -29.66 -42.88 50.02
N TYR B 49 -28.73 -42.66 49.09
CA TYR B 49 -28.18 -43.79 48.35
C TYR B 49 -26.70 -44.09 48.59
N LEU B 50 -25.96 -43.15 49.15
CA LEU B 50 -24.55 -43.37 49.36
C LEU B 50 -24.11 -43.31 50.82
N ASP B 51 -23.22 -44.23 51.19
CA ASP B 51 -22.65 -44.23 52.53
C ASP B 51 -21.30 -43.59 52.30
N VAL B 52 -21.29 -42.27 52.33
CA VAL B 52 -20.07 -41.51 52.08
C VAL B 52 -19.67 -40.58 53.22
N ASP B 53 -18.36 -40.46 53.41
CA ASP B 53 -17.79 -39.61 54.43
C ASP B 53 -17.52 -38.25 53.79
N LEU B 54 -18.44 -37.32 53.96
CA LEU B 54 -18.31 -35.99 53.38
C LEU B 54 -17.54 -34.99 54.25
N LYS B 55 -16.32 -34.67 53.87
CA LYS B 55 -15.52 -33.68 54.61
C LYS B 55 -16.17 -32.33 54.26
N TYR B 56 -16.93 -31.80 55.20
CA TYR B 56 -17.65 -30.56 54.99
C TYR B 56 -16.88 -29.28 55.30
N TYR B 57 -17.06 -28.28 54.44
CA TYR B 57 -16.44 -26.97 54.59
C TYR B 57 -17.43 -25.91 54.13
N ASP B 58 -17.84 -25.06 55.05
CA ASP B 58 -18.78 -24.00 54.71
C ASP B 58 -17.99 -22.87 54.06
N LEU B 59 -18.23 -22.65 52.76
CA LEU B 59 -17.53 -21.59 52.05
C LEU B 59 -18.42 -20.38 51.77
N SER B 60 -19.45 -20.18 52.58
CA SER B 60 -20.34 -19.05 52.39
C SER B 60 -19.60 -17.74 52.63
N VAL B 61 -20.21 -16.63 52.21
CA VAL B 61 -19.60 -15.32 52.40
C VAL B 61 -19.32 -15.11 53.88
N GLU B 62 -20.30 -15.44 54.73
CA GLU B 62 -20.19 -15.28 56.18
C GLU B 62 -19.07 -16.14 56.77
N SER B 63 -19.08 -17.42 56.44
CA SER B 63 -18.08 -18.34 56.96
C SER B 63 -16.68 -17.87 56.57
N ARG B 64 -16.52 -17.51 55.31
CA ARG B 64 -15.24 -17.04 54.80
C ARG B 64 -14.77 -15.76 55.49
N ASP B 65 -15.67 -14.80 55.66
CA ASP B 65 -15.30 -13.56 56.30
C ASP B 65 -15.09 -13.76 57.79
N ALA B 66 -15.64 -14.85 58.33
CA ALA B 66 -15.51 -15.15 59.75
C ALA B 66 -14.19 -15.85 60.06
N THR B 67 -13.55 -16.39 59.03
CA THR B 67 -12.28 -17.09 59.21
C THR B 67 -11.17 -16.39 58.45
N SER B 68 -11.42 -15.15 58.02
CA SER B 68 -10.44 -14.40 57.26
C SER B 68 -10.07 -15.19 56.00
N ASP B 69 -11.07 -15.88 55.45
CA ASP B 69 -10.93 -16.69 54.24
C ASP B 69 -10.08 -17.91 54.48
N LYS B 70 -10.03 -18.38 55.72
CA LYS B 70 -9.23 -19.55 56.03
C LYS B 70 -9.88 -20.89 55.63
N ILE B 71 -11.21 -21.01 55.75
CA ILE B 71 -11.83 -22.29 55.37
C ILE B 71 -11.54 -22.58 53.91
N THR B 72 -11.49 -21.53 53.10
CA THR B 72 -11.21 -21.68 51.68
C THR B 72 -9.96 -22.52 51.50
N GLN B 73 -8.87 -22.07 52.10
CA GLN B 73 -7.60 -22.76 52.02
C GLN B 73 -7.67 -24.16 52.62
N ASP B 74 -8.26 -24.28 53.79
CA ASP B 74 -8.40 -25.59 54.44
C ASP B 74 -9.13 -26.51 53.47
N ALA B 75 -10.13 -25.95 52.79
CA ALA B 75 -10.91 -26.70 51.84
C ALA B 75 -10.03 -27.26 50.72
N ALA B 76 -9.27 -26.37 50.08
CA ALA B 76 -8.38 -26.77 48.99
C ALA B 76 -7.39 -27.84 49.45
N GLU B 77 -6.77 -27.61 50.61
CA GLU B 77 -5.82 -28.55 51.18
C GLU B 77 -6.45 -29.94 51.29
N ALA B 78 -7.71 -29.97 51.73
CA ALA B 78 -8.43 -31.22 51.89
C ALA B 78 -8.65 -31.92 50.55
N ILE B 79 -8.99 -31.14 49.52
CA ILE B 79 -9.20 -31.68 48.18
C ILE B 79 -7.88 -32.30 47.70
N LYS B 80 -6.80 -31.60 48.01
CA LYS B 80 -5.45 -32.05 47.66
C LYS B 80 -5.13 -33.35 48.40
N LYS B 81 -5.67 -33.47 49.61
CA LYS B 81 -5.43 -34.64 50.45
C LYS B 81 -6.19 -35.88 50.00
N TYR B 82 -7.50 -35.77 49.81
CA TYR B 82 -8.28 -36.94 49.39
C TYR B 82 -8.48 -37.06 47.89
N GLY B 83 -8.24 -35.96 47.17
CA GLY B 83 -8.43 -35.97 45.72
C GLY B 83 -9.51 -35.12 45.09
N VAL B 84 -10.75 -35.60 45.09
CA VAL B 84 -11.91 -34.90 44.51
C VAL B 84 -12.71 -33.99 45.43
N GLY B 85 -13.22 -32.91 44.86
CA GLY B 85 -14.03 -31.97 45.62
C GLY B 85 -15.30 -31.65 44.86
N ILE B 86 -16.37 -31.39 45.60
CA ILE B 86 -17.67 -31.02 45.04
C ILE B 86 -17.93 -29.65 45.65
N LYS B 87 -18.00 -28.62 44.81
CA LYS B 87 -18.20 -27.28 45.30
C LYS B 87 -19.47 -26.58 44.83
N CYS B 88 -20.05 -25.81 45.74
CA CYS B 88 -21.26 -25.05 45.49
C CYS B 88 -20.80 -23.67 45.04
N ALA B 89 -21.59 -22.99 44.21
CA ALA B 89 -21.20 -21.66 43.75
C ALA B 89 -21.02 -20.74 44.96
N THR B 90 -20.00 -19.88 44.90
CA THR B 90 -19.73 -18.94 45.99
C THR B 90 -19.71 -17.50 45.52
N ILE B 91 -19.90 -16.58 46.47
CA ILE B 91 -19.89 -15.16 46.16
C ILE B 91 -18.45 -14.63 46.11
N THR B 92 -18.12 -13.95 45.03
CA THR B 92 -16.79 -13.36 44.88
C THR B 92 -16.88 -11.91 45.36
N PRO B 93 -16.17 -11.58 46.44
CA PRO B 93 -16.22 -10.21 46.96
C PRO B 93 -15.84 -9.14 45.94
N ASP B 94 -16.39 -7.95 46.14
CA ASP B 94 -16.11 -6.79 45.30
C ASP B 94 -16.67 -5.58 46.04
N GLU B 95 -16.34 -4.38 45.57
CA GLU B 95 -16.80 -3.14 46.20
C GLU B 95 -18.22 -3.27 46.78
N ALA B 96 -19.16 -3.69 45.92
CA ALA B 96 -20.56 -3.84 46.29
C ALA B 96 -20.80 -4.85 47.40
N ARG B 97 -20.24 -6.04 47.25
CA ARG B 97 -20.40 -7.11 48.24
C ARG B 97 -19.78 -6.77 49.60
N VAL B 98 -18.75 -5.93 49.61
CA VAL B 98 -18.10 -5.54 50.85
C VAL B 98 -19.06 -4.73 51.71
N LYS B 99 -19.87 -3.89 51.06
CA LYS B 99 -20.84 -3.07 51.76
C LYS B 99 -22.07 -3.89 52.14
N GLU B 100 -22.45 -4.82 51.28
CA GLU B 100 -23.60 -5.67 51.52
C GLU B 100 -23.48 -6.51 52.79
N PHE B 101 -22.37 -7.23 52.92
CA PHE B 101 -22.14 -8.08 54.08
C PHE B 101 -21.21 -7.48 55.11
N ASN B 102 -20.73 -6.25 54.85
CA ASN B 102 -19.81 -5.61 55.78
C ASN B 102 -18.57 -6.48 55.95
N LEU B 103 -18.01 -6.90 54.83
CA LEU B 103 -16.81 -7.73 54.82
C LEU B 103 -15.62 -6.90 55.27
N HIS B 104 -14.78 -7.49 56.11
CA HIS B 104 -13.59 -6.80 56.61
C HIS B 104 -12.66 -6.49 55.44
N LYS B 105 -12.34 -7.52 54.67
CA LYS B 105 -11.47 -7.37 53.50
C LYS B 105 -12.19 -7.86 52.26
N MET B 106 -11.82 -7.33 51.10
CA MET B 106 -12.43 -7.76 49.86
C MET B 106 -11.72 -9.06 49.46
N TRP B 107 -12.13 -10.15 50.10
CA TRP B 107 -11.54 -11.45 49.84
C TRP B 107 -11.55 -11.78 48.36
N LYS B 108 -10.48 -12.41 47.90
CA LYS B 108 -10.36 -12.78 46.50
C LYS B 108 -11.16 -14.05 46.21
N SER B 109 -11.47 -14.26 44.93
CA SER B 109 -12.25 -15.41 44.47
C SER B 109 -11.84 -16.73 45.09
N PRO B 110 -12.78 -17.41 45.77
CA PRO B 110 -12.41 -18.70 46.38
C PRO B 110 -12.00 -19.71 45.30
N ASN B 111 -12.56 -19.59 44.11
CA ASN B 111 -12.21 -20.49 43.02
C ASN B 111 -10.75 -20.28 42.67
N GLY B 112 -10.33 -19.02 42.60
CA GLY B 112 -8.94 -18.72 42.28
C GLY B 112 -7.99 -19.31 43.32
N THR B 113 -8.27 -19.02 44.59
CA THR B 113 -7.44 -19.53 45.68
C THR B 113 -7.32 -21.05 45.63
N ILE B 114 -8.45 -21.74 45.45
CA ILE B 114 -8.47 -23.20 45.37
C ILE B 114 -7.63 -23.65 44.17
N ARG B 115 -7.78 -22.94 43.06
CA ARG B 115 -7.07 -23.23 41.83
C ARG B 115 -5.56 -23.12 42.02
N ASN B 116 -5.13 -22.12 42.80
CA ASN B 116 -3.70 -21.92 43.06
C ASN B 116 -3.10 -23.04 43.91
N ILE B 117 -3.78 -23.39 44.99
CA ILE B 117 -3.29 -24.45 45.87
C ILE B 117 -3.23 -25.79 45.15
N LEU B 118 -4.24 -26.08 44.35
CA LEU B 118 -4.29 -27.35 43.63
C LEU B 118 -3.57 -27.32 42.28
N GLY B 119 -3.29 -26.12 41.77
CA GLY B 119 -2.68 -26.04 40.47
C GLY B 119 -3.83 -26.54 39.59
N GLY B 120 -3.54 -27.12 38.44
CA GLY B 120 -4.63 -27.63 37.63
C GLY B 120 -5.36 -26.63 36.75
N THR B 121 -6.09 -27.16 35.76
CA THR B 121 -6.84 -26.36 34.80
C THR B 121 -8.34 -26.65 34.85
N VAL B 122 -9.13 -25.61 34.65
CA VAL B 122 -10.59 -25.70 34.66
C VAL B 122 -11.20 -25.89 33.27
N PHE B 123 -12.02 -26.92 33.13
CA PHE B 123 -12.68 -27.21 31.86
C PHE B 123 -14.18 -27.02 31.98
N ARG B 124 -14.75 -26.24 31.06
CA ARG B 124 -16.19 -25.96 31.04
C ARG B 124 -16.88 -26.85 30.02
N GLU B 125 -17.80 -27.68 30.48
CA GLU B 125 -18.52 -28.59 29.60
C GLU B 125 -20.03 -28.40 29.73
N PRO B 126 -20.69 -28.00 28.64
CA PRO B 126 -22.14 -27.83 28.71
C PRO B 126 -22.83 -29.19 28.66
N ILE B 127 -24.05 -29.26 29.19
CA ILE B 127 -24.82 -30.50 29.19
C ILE B 127 -25.84 -30.36 28.07
N VAL B 128 -25.73 -31.21 27.06
CA VAL B 128 -26.67 -31.14 25.94
C VAL B 128 -27.87 -32.06 26.12
N ILE B 129 -29.06 -31.46 26.13
CA ILE B 129 -30.31 -32.21 26.25
C ILE B 129 -30.91 -32.04 24.85
N PRO B 130 -30.95 -33.11 24.06
CA PRO B 130 -31.51 -33.04 22.69
C PRO B 130 -32.84 -32.33 22.49
N ARG B 131 -33.78 -32.53 23.40
CA ARG B 131 -35.10 -31.90 23.31
C ARG B 131 -35.02 -30.36 23.43
N ILE B 132 -33.99 -29.87 24.12
CA ILE B 132 -33.82 -28.43 24.32
C ILE B 132 -32.92 -27.84 23.23
N PRO B 133 -33.45 -26.91 22.42
CA PRO B 133 -32.67 -26.28 21.35
C PRO B 133 -31.57 -25.36 21.87
N ARG B 134 -30.46 -25.30 21.14
CA ARG B 134 -29.35 -24.44 21.49
C ARG B 134 -29.45 -23.15 20.65
N LEU B 135 -28.81 -22.06 21.06
CA LEU B 135 -28.89 -20.82 20.27
C LEU B 135 -28.19 -21.00 18.93
N VAL B 136 -27.12 -21.79 18.95
CA VAL B 136 -26.39 -22.13 17.73
C VAL B 136 -27.00 -23.52 17.53
N PRO B 137 -28.10 -23.61 16.77
CA PRO B 137 -28.83 -24.84 16.49
C PRO B 137 -28.04 -26.09 16.08
N ARG B 138 -26.93 -25.93 15.38
CA ARG B 138 -26.16 -27.09 14.94
C ARG B 138 -25.32 -27.78 16.02
N TRP B 139 -25.09 -27.10 17.13
CA TRP B 139 -24.29 -27.67 18.20
C TRP B 139 -25.11 -28.74 18.92
N GLU B 140 -24.74 -30.02 18.73
CA GLU B 140 -25.47 -31.11 19.35
C GLU B 140 -24.55 -31.92 20.25
N LYS B 141 -23.28 -31.55 20.26
CA LYS B 141 -22.29 -32.22 21.09
C LYS B 141 -21.52 -31.14 21.84
N PRO B 142 -21.16 -31.42 23.10
CA PRO B 142 -20.42 -30.51 23.97
C PRO B 142 -19.16 -29.92 23.36
N ILE B 143 -18.94 -28.63 23.61
CA ILE B 143 -17.73 -27.96 23.17
C ILE B 143 -17.10 -27.55 24.49
N ILE B 144 -16.01 -28.22 24.84
CA ILE B 144 -15.35 -27.97 26.12
C ILE B 144 -14.20 -26.99 25.99
N ILE B 145 -14.19 -25.97 26.83
CA ILE B 145 -13.12 -24.98 26.82
C ILE B 145 -12.22 -25.11 28.05
N GLY B 146 -10.93 -25.32 27.83
CA GLY B 146 -9.98 -25.43 28.91
C GLY B 146 -9.25 -24.10 29.04
N ARG B 147 -9.24 -23.52 30.22
CA ARG B 147 -8.61 -22.22 30.43
C ARG B 147 -7.33 -22.24 31.24
N HIS B 148 -6.24 -21.82 30.61
CA HIS B 148 -4.96 -21.74 31.30
C HIS B 148 -5.06 -20.48 32.17
N ALA B 149 -5.47 -20.65 33.42
CA ALA B 149 -5.63 -19.49 34.30
C ALA B 149 -4.42 -19.15 35.14
N HIS B 150 -3.22 -19.39 34.62
CA HIS B 150 -2.04 -19.08 35.38
C HIS B 150 -1.89 -17.57 35.39
N GLY B 151 -1.47 -17.00 34.27
CA GLY B 151 -1.33 -15.56 34.26
C GLY B 151 -0.65 -14.88 33.09
N ASP B 152 -1.46 -14.27 32.22
CA ASP B 152 -0.95 -13.52 31.09
C ASP B 152 -1.44 -12.11 31.49
N GLN B 153 -2.55 -11.66 30.91
CA GLN B 153 -3.09 -10.35 31.26
C GLN B 153 -3.55 -10.34 32.72
N TYR B 154 -3.82 -11.53 33.28
CA TYR B 154 -4.32 -11.62 34.65
C TYR B 154 -3.26 -11.51 35.75
N LYS B 155 -2.04 -11.20 35.36
CA LYS B 155 -0.97 -11.04 36.32
C LYS B 155 0.05 -10.11 35.71
N ALA B 156 -0.44 -9.24 34.84
CA ALA B 156 0.39 -8.28 34.15
C ALA B 156 0.53 -6.97 34.91
N THR B 157 1.51 -6.18 34.52
CA THR B 157 1.70 -4.88 35.12
C THR B 157 1.50 -3.92 33.95
N ASP B 158 0.62 -2.95 34.16
CA ASP B 158 0.30 -1.97 33.13
C ASP B 158 0.46 -0.57 33.73
N THR B 159 0.68 0.42 32.89
CA THR B 159 0.83 1.78 33.37
C THR B 159 0.53 2.82 32.30
N LEU B 160 0.40 4.07 32.72
CA LEU B 160 0.14 5.15 31.79
C LEU B 160 1.49 5.76 31.45
N ILE B 161 1.61 6.27 30.24
CA ILE B 161 2.86 6.89 29.81
C ILE B 161 2.51 8.35 29.53
N PRO B 162 2.92 9.27 30.42
CA PRO B 162 2.67 10.71 30.32
C PRO B 162 3.15 11.45 29.07
N GLY B 163 4.22 10.98 28.44
CA GLY B 163 4.68 11.66 27.25
C GLY B 163 5.83 10.98 26.54
N PRO B 164 6.57 11.71 25.69
CA PRO B 164 7.71 11.18 24.94
C PRO B 164 8.77 10.53 25.84
N GLY B 165 9.24 9.36 25.44
CA GLY B 165 10.25 8.66 26.20
C GLY B 165 10.38 7.26 25.64
N SER B 166 11.39 6.51 26.09
CA SER B 166 11.58 5.15 25.59
C SER B 166 10.94 4.15 26.53
N LEU B 167 10.66 2.96 26.00
CA LEU B 167 10.06 1.88 26.77
C LEU B 167 10.89 0.64 26.45
N GLU B 168 11.37 -0.03 27.49
CA GLU B 168 12.18 -1.23 27.32
C GLU B 168 11.77 -2.38 28.24
N LEU B 169 12.05 -3.60 27.79
CA LEU B 169 11.78 -4.81 28.55
C LEU B 169 13.18 -5.20 28.99
N VAL B 170 13.37 -5.39 30.29
CA VAL B 170 14.68 -5.71 30.83
C VAL B 170 14.71 -6.96 31.71
N TYR B 171 15.55 -7.91 31.31
CA TYR B 171 15.72 -9.16 32.04
C TYR B 171 17.15 -9.27 32.58
N LYS B 172 17.27 -9.56 33.87
CA LYS B 172 18.56 -9.74 34.52
C LYS B 172 18.56 -11.12 35.15
N PRO B 173 19.36 -12.05 34.61
CA PRO B 173 19.42 -13.41 35.15
C PRO B 173 20.04 -13.48 36.55
N SER B 174 19.56 -14.42 37.35
CA SER B 174 20.06 -14.62 38.71
C SER B 174 21.52 -15.03 38.63
N ASP B 175 21.81 -15.95 37.70
CA ASP B 175 23.18 -16.42 37.51
C ASP B 175 23.68 -15.97 36.14
N PRO B 176 24.31 -14.78 36.09
CA PRO B 176 24.85 -14.20 34.86
C PRO B 176 26.01 -15.02 34.29
N THR B 177 26.05 -16.29 34.68
CA THR B 177 27.09 -17.21 34.25
C THR B 177 26.49 -18.29 33.35
N THR B 178 25.19 -18.54 33.53
CA THR B 178 24.48 -19.55 32.76
C THR B 178 23.48 -18.93 31.79
N ALA B 179 23.13 -17.68 32.04
CA ALA B 179 22.16 -16.98 31.20
C ALA B 179 22.60 -15.56 30.89
N GLN B 180 22.22 -15.07 29.71
CA GLN B 180 22.56 -13.73 29.29
C GLN B 180 21.41 -12.77 29.62
N PRO B 181 21.74 -11.51 29.89
CA PRO B 181 20.68 -10.54 30.20
C PRO B 181 20.02 -10.08 28.91
N GLN B 182 18.89 -9.38 29.03
CA GLN B 182 18.17 -8.89 27.85
C GLN B 182 17.59 -7.50 28.12
N THR B 183 17.79 -6.60 27.16
CA THR B 183 17.26 -5.26 27.28
C THR B 183 16.72 -4.91 25.90
N LEU B 184 15.44 -5.19 25.70
CA LEU B 184 14.77 -4.99 24.43
C LEU B 184 13.96 -3.71 24.30
N LYS B 185 14.20 -2.97 23.22
CA LYS B 185 13.47 -1.74 22.95
C LYS B 185 12.05 -2.11 22.55
N VAL B 186 11.07 -1.69 23.33
CA VAL B 186 9.70 -2.02 23.03
C VAL B 186 9.04 -0.92 22.20
N TYR B 187 9.34 0.33 22.53
CA TYR B 187 8.72 1.44 21.82
C TYR B 187 9.28 2.79 22.26
N ASP B 188 9.21 3.76 21.36
CA ASP B 188 9.63 5.11 21.67
C ASP B 188 8.38 5.96 21.50
N TYR B 189 7.78 6.36 22.62
CA TYR B 189 6.58 7.16 22.55
C TYR B 189 6.86 8.57 22.06
N LYS B 190 6.02 9.06 21.14
CA LYS B 190 6.13 10.41 20.63
C LYS B 190 4.99 11.21 21.26
N GLY B 191 4.20 10.54 22.09
CA GLY B 191 3.08 11.16 22.76
C GLY B 191 2.67 10.32 23.96
N SER B 192 1.74 10.80 24.76
CA SER B 192 1.31 10.04 25.93
C SER B 192 0.57 8.78 25.51
N GLY B 193 0.58 7.77 26.37
CA GLY B 193 -0.11 6.53 26.03
C GLY B 193 -0.18 5.52 27.15
N VAL B 194 -0.06 4.25 26.78
CA VAL B 194 -0.13 3.20 27.77
C VAL B 194 0.88 2.10 27.47
N ALA B 195 1.29 1.39 28.52
CA ALA B 195 2.25 0.31 28.36
C ALA B 195 1.84 -0.87 29.23
N MET B 196 2.22 -2.06 28.81
CA MET B 196 1.89 -3.26 29.55
C MET B 196 2.87 -4.40 29.27
N ALA B 197 3.08 -5.24 30.27
CA ALA B 197 3.98 -6.38 30.13
C ALA B 197 3.37 -7.54 30.89
N MET B 198 3.54 -8.74 30.35
CA MET B 198 3.03 -9.94 30.99
C MET B 198 4.00 -11.10 30.83
N TYR B 199 3.71 -12.21 31.49
CA TYR B 199 4.59 -13.36 31.45
C TYR B 199 3.86 -14.69 31.62
N ASN B 200 4.61 -15.77 31.47
CA ASN B 200 4.09 -17.10 31.71
C ASN B 200 5.32 -17.96 31.81
N THR B 201 5.17 -19.12 32.43
CA THR B 201 6.31 -20.00 32.64
C THR B 201 6.14 -21.34 31.97
N ASP B 202 7.26 -21.93 31.58
CA ASP B 202 7.24 -23.23 30.94
C ASP B 202 6.57 -24.21 31.88
N GLU B 203 6.76 -24.02 33.19
CA GLU B 203 6.18 -24.93 34.17
C GLU B 203 4.64 -24.96 34.07
N SER B 204 3.98 -23.81 34.21
CA SER B 204 2.53 -23.79 34.14
C SER B 204 2.01 -24.24 32.77
N ILE B 205 2.69 -23.81 31.71
CA ILE B 205 2.31 -24.18 30.36
C ILE B 205 2.35 -25.71 30.25
N GLU B 206 3.39 -26.32 30.80
CA GLU B 206 3.53 -27.77 30.77
C GLU B 206 2.41 -28.43 31.58
N GLY B 207 2.05 -27.79 32.70
CA GLY B 207 0.97 -28.32 33.51
C GLY B 207 -0.32 -28.19 32.73
N PHE B 208 -0.49 -27.02 32.10
CA PHE B 208 -1.67 -26.75 31.29
C PHE B 208 -1.79 -27.86 30.22
N ALA B 209 -0.66 -28.20 29.61
CA ALA B 209 -0.63 -29.25 28.59
C ALA B 209 -1.05 -30.62 29.15
N HIS B 210 -0.38 -31.07 30.20
CA HIS B 210 -0.73 -32.36 30.79
C HIS B 210 -2.21 -32.51 31.14
N SER B 211 -2.80 -31.50 31.75
CA SER B 211 -4.20 -31.56 32.14
C SER B 211 -5.09 -31.67 30.90
N SER B 212 -4.80 -30.86 29.90
CA SER B 212 -5.61 -30.89 28.68
C SER B 212 -5.62 -32.29 28.08
N PHE B 213 -4.45 -32.88 27.90
CA PHE B 213 -4.36 -34.21 27.33
C PHE B 213 -5.11 -35.27 28.15
N LYS B 214 -4.98 -35.23 29.47
CA LYS B 214 -5.67 -36.22 30.28
C LYS B 214 -7.18 -36.08 30.19
N LEU B 215 -7.66 -34.85 30.04
CA LEU B 215 -9.09 -34.62 29.91
C LEU B 215 -9.61 -35.13 28.56
N ALA B 216 -8.82 -34.93 27.51
CA ALA B 216 -9.21 -35.39 26.17
C ALA B 216 -9.31 -36.90 26.18
N ILE B 217 -8.34 -37.54 26.83
CA ILE B 217 -8.33 -38.99 26.90
C ILE B 217 -9.53 -39.50 27.71
N ASP B 218 -9.86 -38.80 28.78
CA ASP B 218 -10.98 -39.18 29.63
C ASP B 218 -12.35 -38.98 28.96
N LYS B 219 -12.48 -37.90 28.18
CA LYS B 219 -13.73 -37.62 27.48
C LYS B 219 -13.77 -38.26 26.10
N LYS B 220 -12.63 -38.76 25.66
CA LYS B 220 -12.52 -39.38 24.34
C LYS B 220 -12.98 -38.41 23.25
N LEU B 221 -12.39 -37.23 23.24
CA LEU B 221 -12.73 -36.21 22.26
C LEU B 221 -11.45 -35.61 21.69
N ASN B 222 -11.54 -35.06 20.50
CA ASN B 222 -10.39 -34.43 19.89
C ASN B 222 -9.99 -33.18 20.67
N LEU B 223 -8.71 -32.89 20.68
CA LEU B 223 -8.22 -31.74 21.43
C LEU B 223 -7.58 -30.73 20.49
N PHE B 224 -7.89 -29.45 20.70
CA PHE B 224 -7.31 -28.38 19.89
C PHE B 224 -6.72 -27.30 20.77
N LEU B 225 -5.52 -26.84 20.43
CA LEU B 225 -4.89 -25.74 21.16
C LEU B 225 -4.91 -24.56 20.20
N SER B 226 -5.26 -23.38 20.71
CA SER B 226 -5.29 -22.20 19.86
C SER B 226 -4.42 -21.07 20.39
N THR B 227 -3.73 -20.39 19.49
CA THR B 227 -2.86 -19.29 19.85
C THR B 227 -2.75 -18.38 18.64
N LYS B 228 -1.95 -17.34 18.80
CA LYS B 228 -1.68 -16.37 17.73
C LYS B 228 -0.18 -16.47 17.50
N ASN B 229 0.31 -17.68 17.26
CA ASN B 229 1.74 -17.86 17.07
C ASN B 229 2.28 -17.24 15.79
N THR B 230 1.40 -16.69 14.96
CA THR B 230 1.85 -16.04 13.72
C THR B 230 2.33 -14.64 14.04
N ILE B 231 1.77 -14.04 15.08
CA ILE B 231 2.17 -12.69 15.48
C ILE B 231 3.10 -12.78 16.68
N LEU B 232 2.68 -13.51 17.70
CA LEU B 232 3.49 -13.70 18.90
C LEU B 232 4.26 -14.98 18.66
N LYS B 233 5.28 -14.88 17.81
CA LYS B 233 6.10 -16.02 17.43
C LYS B 233 6.74 -16.73 18.60
N LYS B 234 7.38 -15.96 19.48
CA LYS B 234 8.04 -16.55 20.63
C LYS B 234 7.08 -16.95 21.75
N TYR B 235 6.31 -15.98 22.24
CA TYR B 235 5.37 -16.21 23.34
C TYR B 235 4.40 -17.35 23.05
N ASP B 236 3.62 -17.22 21.99
CA ASP B 236 2.63 -18.26 21.65
C ASP B 236 3.28 -19.48 21.01
N GLY B 237 4.41 -19.30 20.36
CA GLY B 237 5.08 -20.44 19.76
C GLY B 237 5.53 -21.36 20.88
N ARG B 238 5.70 -20.77 22.06
CA ARG B 238 6.12 -21.54 23.22
C ARG B 238 5.00 -22.49 23.66
N PHE B 239 3.76 -22.01 23.66
CA PHE B 239 2.67 -22.90 24.04
C PHE B 239 2.61 -24.07 23.05
N LYS B 240 2.65 -23.73 21.76
CA LYS B 240 2.60 -24.73 20.70
C LYS B 240 3.66 -25.82 20.88
N ASP B 241 4.91 -25.40 21.00
CA ASP B 241 6.02 -26.33 21.13
C ASP B 241 5.96 -27.21 22.37
N ILE B 242 5.58 -26.63 23.51
CA ILE B 242 5.48 -27.41 24.72
C ILE B 242 4.35 -28.44 24.63
N PHE B 243 3.21 -28.05 24.07
CA PHE B 243 2.10 -29.01 23.92
C PHE B 243 2.52 -30.17 23.03
N GLN B 244 3.21 -29.85 21.93
CA GLN B 244 3.70 -30.86 20.98
C GLN B 244 4.64 -31.80 21.70
N GLU B 245 5.59 -31.23 22.43
CA GLU B 245 6.58 -32.01 23.17
C GLU B 245 5.90 -32.91 24.16
N VAL B 246 4.97 -32.36 24.93
CA VAL B 246 4.23 -33.11 25.93
C VAL B 246 3.39 -34.20 25.27
N TYR B 247 2.79 -33.86 24.14
CA TYR B 247 1.97 -34.80 23.38
C TYR B 247 2.78 -36.05 23.00
N GLU B 248 3.90 -35.82 22.34
CA GLU B 248 4.77 -36.90 21.90
C GLU B 248 5.44 -37.66 23.05
N ALA B 249 5.67 -36.96 24.16
CA ALA B 249 6.31 -37.59 25.31
C ALA B 249 5.46 -38.60 26.08
N GLN B 250 4.13 -38.42 26.10
CA GLN B 250 3.30 -39.33 26.88
C GLN B 250 1.88 -39.62 26.44
N TYR B 251 1.36 -38.84 25.51
CA TYR B 251 -0.03 -39.06 25.14
C TYR B 251 -0.33 -39.50 23.72
N LYS B 252 0.63 -39.35 22.81
CA LYS B 252 0.40 -39.73 21.43
C LYS B 252 -0.17 -41.15 21.25
N SER B 253 0.48 -42.15 21.83
CA SER B 253 -0.02 -43.52 21.69
C SER B 253 -1.42 -43.70 22.24
N LYS B 254 -1.72 -43.10 23.39
CA LYS B 254 -3.04 -43.22 23.96
C LYS B 254 -4.08 -42.60 23.02
N PHE B 255 -3.73 -41.46 22.42
CA PHE B 255 -4.63 -40.79 21.50
C PHE B 255 -4.90 -41.68 20.30
N GLU B 256 -3.85 -42.32 19.82
CA GLU B 256 -3.91 -43.22 18.68
C GLU B 256 -4.80 -44.43 18.96
N GLN B 257 -4.74 -44.95 20.17
CA GLN B 257 -5.54 -46.11 20.56
C GLN B 257 -7.03 -45.75 20.59
N LEU B 258 -7.36 -44.57 21.09
CA LEU B 258 -8.75 -44.11 21.20
C LEU B 258 -9.35 -43.54 19.94
N GLY B 259 -8.51 -43.21 18.96
CA GLY B 259 -9.03 -42.63 17.74
C GLY B 259 -9.31 -41.15 17.87
N ILE B 260 -8.59 -40.45 18.75
CA ILE B 260 -8.80 -39.01 18.87
C ILE B 260 -7.53 -38.29 18.39
N HIS B 261 -7.64 -37.00 18.11
CA HIS B 261 -6.49 -36.29 17.60
C HIS B 261 -6.17 -34.96 18.26
N TYR B 262 -4.90 -34.63 18.30
CA TYR B 262 -4.46 -33.37 18.87
C TYR B 262 -3.96 -32.49 17.73
N GLU B 263 -4.16 -31.19 17.87
CA GLU B 263 -3.72 -30.29 16.82
C GLU B 263 -3.68 -28.84 17.30
N HIS B 264 -2.73 -28.09 16.77
CA HIS B 264 -2.62 -26.68 17.09
C HIS B 264 -3.32 -25.94 15.94
N ARG B 265 -4.05 -24.90 16.28
CA ARG B 265 -4.77 -24.12 15.28
C ARG B 265 -4.67 -22.64 15.60
N LEU B 266 -4.63 -21.82 14.57
CA LEU B 266 -4.56 -20.38 14.78
C LEU B 266 -5.93 -20.05 15.38
N ILE B 267 -5.97 -19.14 16.35
CA ILE B 267 -7.24 -18.79 16.98
C ILE B 267 -8.28 -18.34 15.94
N ASP B 268 -7.83 -17.62 14.91
CA ASP B 268 -8.72 -17.15 13.85
C ASP B 268 -9.46 -18.28 13.17
N ASP B 269 -8.75 -19.39 12.92
CA ASP B 269 -9.30 -20.56 12.26
C ASP B 269 -10.18 -21.41 13.19
N MET B 270 -9.67 -21.65 14.40
CA MET B 270 -10.38 -22.45 15.40
C MET B 270 -11.78 -21.93 15.64
N VAL B 271 -11.85 -20.65 15.99
CA VAL B 271 -13.08 -19.98 16.32
C VAL B 271 -14.10 -19.98 15.19
N ALA B 272 -13.62 -19.79 13.96
CA ALA B 272 -14.49 -19.81 12.80
C ALA B 272 -15.02 -21.22 12.66
N GLN B 273 -14.11 -22.19 12.73
CA GLN B 273 -14.46 -23.60 12.63
C GLN B 273 -15.47 -24.00 13.73
N MET B 274 -15.20 -23.53 14.95
CA MET B 274 -16.04 -23.82 16.10
C MET B 274 -17.52 -23.48 15.87
N ILE B 275 -17.79 -22.26 15.41
CA ILE B 275 -19.15 -21.81 15.18
C ILE B 275 -19.85 -22.52 14.01
N LYS B 276 -19.06 -23.08 13.09
CA LYS B 276 -19.59 -23.78 11.93
C LYS B 276 -19.80 -25.28 12.18
N SER B 277 -19.26 -25.77 13.29
CA SER B 277 -19.34 -27.17 13.62
C SER B 277 -20.65 -27.59 14.32
N LYS B 278 -20.71 -28.85 14.72
CA LYS B 278 -21.86 -29.37 15.44
C LYS B 278 -21.38 -29.69 16.85
N GLY B 279 -20.21 -29.13 17.19
CA GLY B 279 -19.63 -29.34 18.50
C GLY B 279 -18.90 -30.67 18.55
N GLY B 280 -18.56 -31.11 19.76
CA GLY B 280 -17.88 -32.39 19.93
C GLY B 280 -16.36 -32.40 20.01
N PHE B 281 -15.79 -31.44 20.72
CA PHE B 281 -14.35 -31.40 20.84
C PHE B 281 -13.90 -30.54 22.01
N ILE B 282 -12.60 -30.53 22.26
CA ILE B 282 -12.07 -29.74 23.36
C ILE B 282 -11.12 -28.66 22.85
N MET B 283 -11.27 -27.48 23.42
CA MET B 283 -10.42 -26.34 23.05
C MET B 283 -9.62 -25.83 24.24
N ALA B 284 -8.31 -26.04 24.20
CA ALA B 284 -7.43 -25.56 25.24
C ALA B 284 -7.10 -24.12 24.82
N LEU B 285 -7.29 -23.16 25.71
CA LEU B 285 -7.03 -21.76 25.39
C LEU B 285 -6.21 -21.02 26.43
N LYS B 286 -5.47 -20.01 25.97
CA LYS B 286 -4.68 -19.20 26.87
C LYS B 286 -5.65 -18.48 27.81
N ASN B 287 -5.14 -17.98 28.92
CA ASN B 287 -5.97 -17.29 29.91
C ASN B 287 -7.08 -16.39 29.34
N TYR B 288 -6.69 -15.38 28.57
CA TYR B 288 -7.66 -14.43 28.04
C TYR B 288 -8.71 -15.00 27.08
N ASP B 289 -8.27 -15.76 26.08
CA ASP B 289 -9.21 -16.33 25.12
C ASP B 289 -10.14 -17.27 25.85
N GLY B 290 -9.58 -18.03 26.79
CA GLY B 290 -10.38 -18.97 27.55
C GLY B 290 -11.53 -18.26 28.23
N ASP B 291 -11.23 -17.09 28.78
CA ASP B 291 -12.22 -16.27 29.48
C ASP B 291 -13.36 -15.85 28.56
N VAL B 292 -13.01 -15.16 27.48
CA VAL B 292 -14.00 -14.67 26.52
C VAL B 292 -14.72 -15.75 25.75
N GLN B 293 -13.98 -16.77 25.33
CA GLN B 293 -14.58 -17.86 24.57
C GLN B 293 -15.50 -18.74 25.40
N SER B 294 -15.22 -18.85 26.70
CA SER B 294 -16.07 -19.67 27.58
C SER B 294 -17.47 -19.10 27.66
N ASP B 295 -17.56 -17.77 27.65
CA ASP B 295 -18.85 -17.09 27.72
C ASP B 295 -19.59 -17.20 26.39
N ILE B 296 -18.86 -17.18 25.28
CA ILE B 296 -19.50 -17.32 23.97
C ILE B 296 -20.09 -18.72 23.85
N VAL B 297 -19.27 -19.73 24.08
CA VAL B 297 -19.71 -21.11 23.98
C VAL B 297 -20.89 -21.41 24.90
N ALA B 298 -20.80 -21.00 26.16
CA ALA B 298 -21.88 -21.25 27.12
C ALA B 298 -23.21 -20.67 26.62
N GLN B 299 -23.20 -19.43 26.16
CA GLN B 299 -24.40 -18.79 25.67
C GLN B 299 -24.91 -19.45 24.39
N GLY B 300 -23.98 -20.00 23.60
CA GLY B 300 -24.37 -20.65 22.37
C GLY B 300 -25.18 -21.91 22.61
N PHE B 301 -24.89 -22.59 23.72
CA PHE B 301 -25.59 -23.82 24.07
C PHE B 301 -26.92 -23.58 24.75
N GLY B 302 -27.04 -22.46 25.47
CA GLY B 302 -28.30 -22.18 26.13
C GLY B 302 -28.16 -21.66 27.54
N SER B 303 -28.91 -22.26 28.46
CA SER B 303 -28.90 -21.84 29.85
C SER B 303 -27.61 -22.17 30.55
N LEU B 304 -27.19 -21.25 31.41
CA LEU B 304 -25.98 -21.46 32.19
C LEU B 304 -26.32 -22.55 33.20
N GLY B 305 -27.61 -22.86 33.29
CA GLY B 305 -28.07 -23.89 34.19
C GLY B 305 -27.68 -25.30 33.76
N LEU B 306 -27.16 -25.43 32.54
CA LEU B 306 -26.74 -26.73 32.05
C LEU B 306 -25.22 -26.73 31.87
N MET B 307 -24.56 -25.72 32.42
CA MET B 307 -23.12 -25.56 32.29
C MET B 307 -22.33 -26.13 33.47
N THR B 308 -21.41 -27.06 33.21
CA THR B 308 -20.58 -27.66 34.25
C THR B 308 -19.11 -27.32 34.07
N SER B 309 -18.30 -27.69 35.06
CA SER B 309 -16.86 -27.44 35.00
C SER B 309 -16.11 -28.38 35.94
N ILE B 310 -14.88 -28.72 35.58
CA ILE B 310 -14.05 -29.59 36.41
C ILE B 310 -12.64 -29.04 36.42
N LEU B 311 -12.01 -29.12 37.59
CA LEU B 311 -10.65 -28.69 37.76
C LEU B 311 -9.85 -29.99 37.67
N VAL B 312 -8.80 -29.99 36.84
CA VAL B 312 -7.98 -31.18 36.67
C VAL B 312 -6.50 -30.87 36.81
N THR B 313 -5.83 -31.51 37.75
CA THR B 313 -4.41 -31.31 37.99
C THR B 313 -3.57 -32.13 37.01
N PRO B 314 -2.34 -31.68 36.71
CA PRO B 314 -1.39 -32.33 35.80
C PRO B 314 -1.21 -33.83 36.03
N ASP B 315 -1.02 -34.21 37.28
CA ASP B 315 -0.84 -35.61 37.66
C ASP B 315 -2.07 -36.46 37.34
N GLY B 316 -3.22 -35.81 37.24
CA GLY B 316 -4.44 -36.53 36.95
C GLY B 316 -5.01 -37.30 38.13
N LYS B 317 -4.77 -36.83 39.34
CA LYS B 317 -5.27 -37.49 40.53
C LYS B 317 -6.07 -36.60 41.46
N THR B 318 -6.26 -35.34 41.08
CA THR B 318 -7.01 -34.40 41.90
C THR B 318 -8.05 -33.68 41.03
N PHE B 319 -9.30 -33.62 41.49
CA PHE B 319 -10.36 -32.96 40.76
C PHE B 319 -11.26 -32.12 41.67
N GLU B 320 -11.85 -31.09 41.08
CA GLU B 320 -12.80 -30.23 41.79
C GLU B 320 -13.96 -30.05 40.80
N SER B 321 -15.15 -30.49 41.18
CA SER B 321 -16.33 -30.39 40.33
C SER B 321 -17.34 -29.38 40.88
N GLU B 322 -17.86 -28.53 40.00
CA GLU B 322 -18.82 -27.51 40.38
C GLU B 322 -19.59 -26.97 39.19
N ALA B 323 -20.73 -26.34 39.45
CA ALA B 323 -21.55 -25.77 38.40
C ALA B 323 -20.74 -24.64 37.78
N ALA B 324 -20.93 -24.41 36.48
CA ALA B 324 -20.19 -23.36 35.80
C ALA B 324 -20.86 -22.00 35.96
N HIS B 325 -22.02 -21.97 36.58
CA HIS B 325 -22.75 -20.72 36.77
C HIS B 325 -22.54 -20.14 38.18
N GLY B 326 -23.16 -19.00 38.45
CA GLY B 326 -23.01 -18.35 39.73
C GLY B 326 -24.03 -18.73 40.79
N THR B 327 -24.18 -17.87 41.80
CA THR B 327 -25.11 -18.10 42.92
C THR B 327 -26.56 -17.76 42.60
N VAL B 328 -26.76 -17.24 41.38
CA VAL B 328 -28.07 -16.84 40.90
C VAL B 328 -28.73 -15.84 41.85
N THR B 329 -28.03 -14.74 42.08
CA THR B 329 -28.48 -13.66 42.97
C THR B 329 -29.91 -13.23 42.70
N ARG B 330 -30.27 -12.91 41.38
CA ARG B 330 -31.62 -12.48 41.04
C ARG B 330 -32.68 -13.42 41.60
N HIS B 331 -32.41 -14.71 41.49
CA HIS B 331 -33.41 -15.66 41.96
C HIS B 331 -33.43 -15.72 43.49
N TYR B 332 -32.30 -15.41 44.10
CA TYR B 332 -32.23 -15.43 45.56
C TYR B 332 -33.11 -14.36 46.17
N ARG B 333 -33.12 -13.17 45.57
CA ARG B 333 -33.94 -12.06 46.08
C ARG B 333 -35.40 -12.47 46.10
N LYS B 334 -35.86 -13.05 44.99
CA LYS B 334 -37.25 -13.48 44.90
C LYS B 334 -37.51 -14.47 46.02
N TYR B 335 -36.57 -15.38 46.23
CA TYR B 335 -36.69 -16.38 47.28
C TYR B 335 -36.79 -15.66 48.64
N GLN B 336 -36.13 -14.51 48.75
CA GLN B 336 -36.16 -13.76 50.00
C GLN B 336 -37.51 -13.08 50.20
N LYS B 337 -38.11 -12.64 49.09
CA LYS B 337 -39.41 -11.98 49.14
C LYS B 337 -40.58 -12.95 49.21
N GLY B 338 -40.30 -14.21 49.50
CA GLY B 338 -41.35 -15.22 49.58
C GLY B 338 -41.88 -15.64 48.22
N GLU B 339 -41.40 -14.97 47.17
CA GLU B 339 -41.82 -15.25 45.81
C GLU B 339 -41.31 -16.60 45.31
N GLU B 340 -42.08 -17.23 44.42
CA GLU B 340 -41.72 -18.53 43.85
C GLU B 340 -40.51 -18.41 42.94
N THR B 341 -39.78 -19.52 42.77
CA THR B 341 -38.61 -19.51 41.90
C THR B 341 -38.55 -20.71 40.98
N SER B 342 -37.74 -20.58 39.95
CA SER B 342 -37.55 -21.63 38.95
C SER B 342 -36.07 -21.62 38.57
N THR B 343 -35.22 -22.10 39.49
CA THR B 343 -33.78 -22.14 39.28
C THR B 343 -33.41 -23.54 38.81
N ASN B 344 -32.69 -23.63 37.69
CA ASN B 344 -32.28 -24.92 37.16
C ASN B 344 -31.19 -25.49 38.04
N SER B 345 -31.42 -26.68 38.61
CA SER B 345 -30.43 -27.30 39.48
C SER B 345 -29.66 -28.43 38.78
N ILE B 346 -29.90 -28.59 37.47
CA ILE B 346 -29.20 -29.62 36.71
C ILE B 346 -27.69 -29.51 36.84
N ALA B 347 -27.16 -28.31 36.64
CA ALA B 347 -25.72 -28.12 36.73
C ALA B 347 -25.16 -28.46 38.09
N SER B 348 -25.92 -28.15 39.15
CA SER B 348 -25.45 -28.45 40.50
C SER B 348 -25.44 -29.97 40.72
N ILE B 349 -26.50 -30.63 40.28
CA ILE B 349 -26.59 -32.07 40.43
C ILE B 349 -25.42 -32.73 39.70
N PHE B 350 -25.08 -32.23 38.52
CA PHE B 350 -23.97 -32.81 37.78
C PHE B 350 -22.65 -32.58 38.50
N ALA B 351 -22.56 -31.48 39.24
CA ALA B 351 -21.33 -31.21 39.99
C ALA B 351 -21.12 -32.39 40.94
N TRP B 352 -22.21 -32.91 41.50
CA TRP B 352 -22.14 -34.06 42.40
C TRP B 352 -21.85 -35.33 41.61
N SER B 353 -22.61 -35.55 40.55
CA SER B 353 -22.42 -36.74 39.73
C SER B 353 -21.02 -36.87 39.14
N ARG B 354 -20.50 -35.78 38.56
CA ARG B 354 -19.17 -35.83 37.94
C ARG B 354 -18.12 -36.06 39.02
N GLY B 355 -18.27 -35.36 40.13
CA GLY B 355 -17.33 -35.53 41.21
C GLY B 355 -17.36 -36.96 41.73
N LEU B 356 -18.55 -37.51 41.92
CA LEU B 356 -18.66 -38.87 42.42
C LEU B 356 -18.17 -39.89 41.41
N LEU B 357 -18.22 -39.54 40.13
CA LEU B 357 -17.76 -40.44 39.09
C LEU B 357 -16.24 -40.53 39.21
N LYS B 358 -15.61 -39.38 39.44
CA LYS B 358 -14.16 -39.33 39.59
C LYS B 358 -13.76 -40.11 40.83
N ARG B 359 -14.53 -39.96 41.91
CA ARG B 359 -14.28 -40.67 43.16
C ARG B 359 -14.23 -42.17 42.91
N GLY B 360 -15.20 -42.66 42.14
CA GLY B 360 -15.28 -44.07 41.83
C GLY B 360 -14.17 -44.55 40.91
N GLU B 361 -13.85 -43.74 39.89
CA GLU B 361 -12.79 -44.10 38.95
C GLU B 361 -11.50 -44.33 39.73
N LEU B 362 -11.21 -43.43 40.67
CA LEU B 362 -10.02 -43.52 41.50
C LEU B 362 -10.06 -44.66 42.50
N ASP B 363 -11.22 -44.90 43.10
CA ASP B 363 -11.38 -45.98 44.09
C ASP B 363 -11.75 -47.30 43.44
N ASN B 364 -11.76 -47.36 42.11
CA ASN B 364 -12.12 -48.58 41.41
C ASN B 364 -13.39 -49.14 42.02
N THR B 365 -14.39 -48.29 42.20
CA THR B 365 -15.67 -48.70 42.76
C THR B 365 -16.73 -48.56 41.68
N PRO B 366 -16.78 -49.53 40.75
CA PRO B 366 -17.76 -49.48 39.66
C PRO B 366 -19.19 -49.24 40.12
N ALA B 367 -19.47 -49.58 41.38
CA ALA B 367 -20.82 -49.38 41.92
C ALA B 367 -21.15 -47.90 42.06
N LEU B 368 -20.18 -47.12 42.54
CA LEU B 368 -20.37 -45.69 42.70
C LEU B 368 -20.57 -45.05 41.33
N CYS B 369 -19.76 -45.46 40.37
CA CYS B 369 -19.84 -44.94 39.02
C CYS B 369 -21.21 -45.21 38.39
N LYS B 370 -21.79 -46.36 38.71
CA LYS B 370 -23.10 -46.70 38.18
C LYS B 370 -24.15 -45.78 38.74
N PHE B 371 -24.08 -45.53 40.05
CA PHE B 371 -25.02 -44.62 40.69
C PHE B 371 -24.97 -43.28 39.98
N ALA B 372 -23.75 -42.75 39.84
CA ALA B 372 -23.51 -41.47 39.20
C ALA B 372 -24.18 -41.35 37.84
N ASN B 373 -24.02 -42.38 37.01
CA ASN B 373 -24.61 -42.37 35.68
C ASN B 373 -26.13 -42.42 35.70
N ILE B 374 -26.69 -43.09 36.71
CA ILE B 374 -28.14 -43.22 36.86
C ILE B 374 -28.73 -41.91 37.38
N LEU B 375 -27.94 -41.17 38.15
CA LEU B 375 -28.39 -39.89 38.68
C LEU B 375 -28.45 -38.90 37.53
N GLU B 376 -27.52 -39.00 36.61
CA GLU B 376 -27.50 -38.11 35.46
C GLU B 376 -28.61 -38.47 34.49
N SER B 377 -28.93 -39.76 34.41
CA SER B 377 -29.98 -40.24 33.52
C SER B 377 -31.35 -39.80 34.02
N ALA B 378 -31.54 -39.92 35.33
CA ALA B 378 -32.78 -39.54 35.98
C ALA B 378 -33.01 -38.03 35.83
N THR B 379 -31.97 -37.25 36.07
CA THR B 379 -32.03 -35.80 35.97
C THR B 379 -32.46 -35.37 34.56
N LEU B 380 -31.64 -35.71 33.57
CA LEU B 380 -31.91 -35.34 32.20
C LEU B 380 -33.21 -35.88 31.64
N ASN B 381 -33.55 -37.13 31.96
CA ASN B 381 -34.80 -37.70 31.46
C ASN B 381 -36.03 -37.01 32.05
N THR B 382 -35.88 -36.42 33.24
CA THR B 382 -37.01 -35.72 33.84
C THR B 382 -37.40 -34.64 32.84
N VAL B 383 -36.40 -34.11 32.14
CA VAL B 383 -36.63 -33.08 31.13
C VAL B 383 -36.97 -33.69 29.77
N GLN B 384 -36.06 -34.51 29.23
CA GLN B 384 -36.25 -35.12 27.91
C GLN B 384 -37.53 -35.94 27.73
N GLN B 385 -37.88 -36.76 28.72
CA GLN B 385 -39.07 -37.60 28.62
C GLN B 385 -40.30 -37.15 29.43
N ASP B 386 -40.12 -36.90 30.72
CA ASP B 386 -41.22 -36.46 31.56
C ASP B 386 -41.67 -35.05 31.18
N GLY B 387 -40.78 -34.30 30.55
CA GLY B 387 -41.11 -32.94 30.14
C GLY B 387 -41.22 -31.98 31.31
N ILE B 388 -40.52 -32.29 32.40
CA ILE B 388 -40.52 -31.45 33.60
C ILE B 388 -39.22 -30.64 33.60
N MET B 389 -39.36 -29.32 33.58
CA MET B 389 -38.20 -28.45 33.53
C MET B 389 -38.45 -27.07 34.15
N THR B 390 -37.35 -26.37 34.44
CA THR B 390 -37.42 -25.04 35.02
C THR B 390 -37.61 -24.02 33.89
N LYS B 391 -37.93 -22.79 34.27
CA LYS B 391 -38.21 -21.69 33.34
C LYS B 391 -37.19 -21.48 32.23
N ASP B 392 -35.91 -21.47 32.59
CA ASP B 392 -34.84 -21.27 31.62
C ASP B 392 -34.94 -22.23 30.45
N LEU B 393 -35.20 -23.50 30.73
CA LEU B 393 -35.31 -24.51 29.67
C LEU B 393 -36.56 -24.35 28.83
N ALA B 394 -37.68 -24.05 29.49
CA ALA B 394 -38.94 -23.86 28.79
C ALA B 394 -38.80 -22.71 27.80
N LEU B 395 -38.15 -21.63 28.23
CA LEU B 395 -37.95 -20.48 27.35
C LEU B 395 -37.11 -20.85 26.13
N ALA B 396 -36.12 -21.72 26.33
CA ALA B 396 -35.26 -22.16 25.25
C ALA B 396 -36.07 -22.98 24.25
N CYS B 397 -37.18 -23.56 24.72
CA CYS B 397 -38.09 -24.37 23.90
C CYS B 397 -39.17 -23.52 23.27
N GLY B 398 -39.07 -22.19 23.42
CA GLY B 398 -40.07 -21.30 22.85
C GLY B 398 -41.39 -21.30 23.61
N ASN B 399 -41.38 -21.87 24.81
CA ASN B 399 -42.57 -21.92 25.66
C ASN B 399 -42.44 -20.81 26.69
N ASN B 400 -43.21 -19.74 26.50
CA ASN B 400 -43.15 -18.60 27.41
C ASN B 400 -44.26 -18.60 28.46
N GLU B 401 -45.00 -19.70 28.53
CA GLU B 401 -46.11 -19.82 29.49
C GLU B 401 -45.69 -20.32 30.86
N ARG B 402 -46.37 -19.81 31.88
CA ARG B 402 -46.09 -20.20 33.26
C ARG B 402 -46.36 -21.69 33.40
N SER B 403 -47.44 -22.15 32.80
CA SER B 403 -47.82 -23.56 32.88
C SER B 403 -46.83 -24.47 32.17
N ALA B 404 -45.89 -23.88 31.44
CA ALA B 404 -44.90 -24.66 30.72
C ALA B 404 -43.76 -25.15 31.60
N TYR B 405 -43.48 -24.43 32.68
CA TYR B 405 -42.39 -24.81 33.56
C TYR B 405 -42.82 -25.12 34.97
N VAL B 406 -41.85 -25.43 35.82
CA VAL B 406 -42.12 -25.80 37.20
C VAL B 406 -41.13 -25.11 38.15
N THR B 407 -41.47 -25.08 39.44
CA THR B 407 -40.62 -24.44 40.45
C THR B 407 -39.31 -25.15 40.73
N THR B 408 -38.36 -24.43 41.32
CA THR B 408 -37.06 -24.98 41.68
C THR B 408 -37.24 -26.29 42.46
N GLU B 409 -38.05 -26.24 43.51
CA GLU B 409 -38.30 -27.42 44.34
C GLU B 409 -39.07 -28.49 43.60
N GLU B 410 -40.06 -28.09 42.81
CA GLU B 410 -40.83 -29.05 42.06
C GLU B 410 -39.93 -29.89 41.15
N PHE B 411 -38.96 -29.23 40.51
CA PHE B 411 -38.06 -29.96 39.63
C PHE B 411 -37.24 -30.97 40.44
N LEU B 412 -36.73 -30.53 41.58
CA LEU B 412 -35.96 -31.44 42.43
C LEU B 412 -36.88 -32.60 42.83
N ASP B 413 -38.10 -32.30 43.27
CA ASP B 413 -39.04 -33.35 43.66
C ASP B 413 -39.18 -34.38 42.55
N ALA B 414 -39.29 -33.89 41.31
CA ALA B 414 -39.44 -34.75 40.15
C ALA B 414 -38.22 -35.64 39.92
N VAL B 415 -37.03 -35.06 39.99
CA VAL B 415 -35.82 -35.85 39.81
C VAL B 415 -35.76 -36.89 40.92
N GLU B 416 -36.09 -36.46 42.14
CA GLU B 416 -36.08 -37.38 43.28
C GLU B 416 -36.93 -38.61 43.00
N LYS B 417 -38.17 -38.38 42.56
CA LYS B 417 -39.09 -39.48 42.26
C LYS B 417 -38.57 -40.38 41.14
N ARG B 418 -38.07 -39.77 40.07
CA ARG B 418 -37.55 -40.53 38.93
C ARG B 418 -36.32 -41.33 39.34
N LEU B 419 -35.48 -40.71 40.18
CA LEU B 419 -34.27 -41.36 40.67
C LEU B 419 -34.64 -42.65 41.40
N GLN B 420 -35.66 -42.58 42.27
CA GLN B 420 -36.09 -43.74 43.02
C GLN B 420 -36.52 -44.86 42.08
N LYS B 421 -37.25 -44.50 41.03
CA LYS B 421 -37.71 -45.46 40.05
C LYS B 421 -36.52 -46.05 39.29
N GLU B 422 -35.60 -45.18 38.87
CA GLU B 422 -34.41 -45.60 38.13
C GLU B 422 -33.51 -46.53 38.93
N ILE B 423 -33.40 -46.29 40.23
CA ILE B 423 -32.57 -47.11 41.09
C ILE B 423 -33.16 -48.51 41.24
N LYS B 424 -34.47 -48.61 41.16
CA LYS B 424 -35.14 -49.90 41.33
C LYS B 424 -34.54 -51.03 40.49
N SER B 425 -33.92 -50.66 39.37
CA SER B 425 -33.31 -51.63 38.46
C SER B 425 -32.02 -51.10 37.82
N SER C 17 -0.15 -20.56 -52.00
CA SER C 17 -1.40 -19.77 -52.27
C SER C 17 -1.17 -18.30 -51.96
N LYS C 18 -1.16 -17.47 -52.99
CA LYS C 18 -0.94 -16.03 -52.79
C LYS C 18 -2.12 -15.36 -52.11
N ILE C 19 -1.85 -14.73 -50.98
CA ILE C 19 -2.87 -14.02 -50.23
C ILE C 19 -3.24 -12.76 -51.01
N LYS C 20 -4.52 -12.61 -51.30
CA LYS C 20 -5.02 -11.48 -52.05
C LYS C 20 -5.19 -10.25 -51.16
N VAL C 21 -4.45 -9.20 -51.46
CA VAL C 21 -4.57 -7.96 -50.68
C VAL C 21 -5.68 -7.19 -51.39
N LYS C 22 -6.63 -6.67 -50.62
CA LYS C 22 -7.75 -5.95 -51.21
C LYS C 22 -7.37 -4.62 -51.85
N GLN C 23 -7.06 -3.63 -51.03
CA GLN C 23 -6.69 -2.32 -51.55
C GLN C 23 -5.19 -2.28 -51.80
N PRO C 24 -4.74 -1.31 -52.62
CA PRO C 24 -3.30 -1.22 -52.88
C PRO C 24 -2.54 -0.53 -51.77
N VAL C 25 -1.26 -0.83 -51.65
CA VAL C 25 -0.40 -0.24 -50.65
C VAL C 25 0.57 0.72 -51.34
N VAL C 26 0.76 1.91 -50.78
CA VAL C 26 1.69 2.88 -51.38
C VAL C 26 3.07 2.63 -50.78
N GLU C 27 4.04 2.36 -51.65
CA GLU C 27 5.41 2.07 -51.22
C GLU C 27 6.37 3.17 -51.65
N LEU C 28 7.15 3.70 -50.70
CA LEU C 28 8.12 4.76 -50.99
C LEU C 28 9.54 4.25 -50.76
N ASP C 29 10.33 4.24 -51.83
CA ASP C 29 11.71 3.75 -51.77
C ASP C 29 12.62 4.87 -51.28
N GLY C 30 13.67 4.51 -50.55
CA GLY C 30 14.59 5.51 -50.02
C GLY C 30 15.97 5.35 -50.63
N ASP C 31 17.00 5.48 -49.81
CA ASP C 31 18.35 5.33 -50.34
C ASP C 31 19.35 4.72 -49.40
N GLU C 32 20.54 4.48 -49.95
CA GLU C 32 21.67 3.91 -49.23
C GLU C 32 21.39 2.53 -48.67
N MET C 33 21.86 2.25 -47.46
CA MET C 33 21.67 0.92 -46.88
C MET C 33 20.23 0.44 -46.78
N THR C 34 19.31 1.31 -46.38
CA THR C 34 17.92 0.89 -46.27
C THR C 34 17.30 0.58 -47.63
N ARG C 35 17.88 1.12 -48.70
CA ARG C 35 17.35 0.83 -50.03
C ARG C 35 17.76 -0.60 -50.36
N ILE C 36 18.97 -0.99 -49.94
CA ILE C 36 19.45 -2.34 -50.20
C ILE C 36 18.57 -3.39 -49.52
N ILE C 37 18.29 -3.17 -48.24
CA ILE C 37 17.48 -4.09 -47.46
C ILE C 37 16.05 -4.13 -47.97
N TRP C 38 15.54 -2.96 -48.29
CA TRP C 38 14.18 -2.81 -48.78
C TRP C 38 13.89 -3.79 -49.92
N ASP C 39 14.75 -3.82 -50.93
CA ASP C 39 14.54 -4.71 -52.05
C ASP C 39 14.52 -6.18 -51.62
N LYS C 40 15.47 -6.57 -50.78
CA LYS C 40 15.54 -7.95 -50.31
C LYS C 40 14.29 -8.34 -49.51
N ILE C 41 13.78 -7.40 -48.72
CA ILE C 41 12.60 -7.66 -47.92
C ILE C 41 11.38 -7.91 -48.80
N LYS C 42 11.22 -7.07 -49.82
CA LYS C 42 10.12 -7.16 -50.74
C LYS C 42 10.16 -8.46 -51.54
N LYS C 43 11.32 -8.74 -52.14
CA LYS C 43 11.51 -9.93 -52.96
C LYS C 43 11.54 -11.26 -52.20
N LYS C 44 12.11 -11.27 -51.01
CA LYS C 44 12.19 -12.53 -50.29
C LYS C 44 11.12 -12.75 -49.24
N LEU C 45 10.56 -11.68 -48.70
CA LEU C 45 9.56 -11.86 -47.64
C LEU C 45 8.13 -11.41 -47.95
N ILE C 46 7.96 -10.57 -48.98
CA ILE C 46 6.62 -10.08 -49.29
C ILE C 46 5.98 -10.60 -50.59
N LEU C 47 6.58 -10.29 -51.73
CA LEU C 47 6.01 -10.72 -53.00
C LEU C 47 5.71 -12.21 -53.16
N PRO C 48 6.59 -13.09 -52.63
CA PRO C 48 6.31 -14.52 -52.77
C PRO C 48 5.03 -15.01 -52.12
N TYR C 49 4.49 -14.25 -51.17
CA TYR C 49 3.27 -14.68 -50.50
C TYR C 49 2.08 -13.75 -50.66
N LEU C 50 2.30 -12.58 -51.26
CA LEU C 50 1.19 -11.64 -51.42
C LEU C 50 0.93 -11.22 -52.85
N ASP C 51 -0.35 -11.04 -53.16
CA ASP C 51 -0.78 -10.58 -54.46
C ASP C 51 -1.31 -9.20 -54.14
N VAL C 52 -0.37 -8.26 -54.04
CA VAL C 52 -0.68 -6.90 -53.67
C VAL C 52 -0.33 -5.90 -54.77
N ASP C 53 -1.13 -4.85 -54.87
CA ASP C 53 -0.90 -3.81 -55.85
C ASP C 53 -0.07 -2.73 -55.15
N LEU C 54 1.23 -2.71 -55.41
CA LEU C 54 2.11 -1.73 -54.80
C LEU C 54 2.25 -0.46 -55.66
N LYS C 55 1.76 0.66 -55.14
CA LYS C 55 1.86 1.94 -55.82
C LYS C 55 3.27 2.43 -55.51
N TYR C 56 4.18 2.17 -56.44
CA TYR C 56 5.58 2.52 -56.24
C TYR C 56 6.00 3.98 -56.46
N TYR C 57 6.68 4.55 -55.46
CA TYR C 57 7.18 5.92 -55.52
C TYR C 57 8.61 5.94 -55.03
N ASP C 58 9.54 6.22 -55.95
CA ASP C 58 10.96 6.26 -55.62
C ASP C 58 11.35 7.57 -54.97
N LEU C 59 11.70 7.52 -53.69
CA LEU C 59 12.09 8.73 -52.97
C LEU C 59 13.59 8.85 -52.70
N SER C 60 14.40 8.21 -53.54
CA SER C 60 15.85 8.31 -53.38
C SER C 60 16.19 9.77 -53.67
N VAL C 61 17.26 10.28 -53.10
CA VAL C 61 17.64 11.67 -53.33
C VAL C 61 17.76 12.01 -54.82
N GLU C 62 18.25 11.08 -55.63
CA GLU C 62 18.37 11.33 -57.06
C GLU C 62 16.99 11.55 -57.69
N SER C 63 16.04 10.70 -57.30
CA SER C 63 14.67 10.79 -57.81
C SER C 63 14.03 12.10 -57.39
N ARG C 64 14.18 12.45 -56.12
CA ARG C 64 13.62 13.68 -55.61
C ARG C 64 14.23 14.90 -56.29
N ASP C 65 15.54 14.88 -56.51
CA ASP C 65 16.19 16.00 -57.18
C ASP C 65 15.77 16.07 -58.64
N ALA C 66 15.64 14.91 -59.28
CA ALA C 66 15.27 14.85 -60.68
C ALA C 66 13.85 15.34 -60.95
N THR C 67 13.09 15.57 -59.88
CA THR C 67 11.71 16.01 -60.02
C THR C 67 11.43 17.24 -59.16
N SER C 68 12.50 17.83 -58.63
CA SER C 68 12.38 19.01 -57.78
C SER C 68 11.58 18.72 -56.52
N ASP C 69 11.70 17.49 -56.02
CA ASP C 69 11.01 17.05 -54.80
C ASP C 69 9.50 16.89 -54.99
N LYS C 70 9.04 16.96 -56.24
CA LYS C 70 7.63 16.81 -56.56
C LYS C 70 7.14 15.39 -56.27
N ILE C 71 8.04 14.41 -56.39
CA ILE C 71 7.68 13.02 -56.14
C ILE C 71 7.27 12.78 -54.70
N THR C 72 7.89 13.51 -53.78
CA THR C 72 7.56 13.36 -52.38
C THR C 72 6.10 13.71 -52.15
N GLN C 73 5.68 14.80 -52.79
CA GLN C 73 4.30 15.28 -52.66
C GLN C 73 3.31 14.28 -53.24
N ASP C 74 3.63 13.77 -54.43
CA ASP C 74 2.77 12.79 -55.10
C ASP C 74 2.58 11.54 -54.23
N ALA C 75 3.67 11.10 -53.60
CA ALA C 75 3.63 9.93 -52.74
C ALA C 75 2.67 10.18 -51.57
N ALA C 76 2.81 11.34 -50.95
CA ALA C 76 1.97 11.70 -49.81
C ALA C 76 0.49 11.75 -50.23
N GLU C 77 0.22 12.27 -51.41
CA GLU C 77 -1.16 12.34 -51.87
C GLU C 77 -1.69 10.92 -52.12
N ALA C 78 -0.81 10.04 -52.60
CA ALA C 78 -1.20 8.66 -52.89
C ALA C 78 -1.54 7.95 -51.58
N ILE C 79 -0.77 8.24 -50.52
CA ILE C 79 -1.01 7.64 -49.21
C ILE C 79 -2.36 8.12 -48.69
N LYS C 80 -2.65 9.41 -48.89
CA LYS C 80 -3.91 9.97 -48.45
C LYS C 80 -5.10 9.39 -49.22
N LYS C 81 -4.88 9.02 -50.48
CA LYS C 81 -5.94 8.47 -51.32
C LYS C 81 -6.27 7.01 -51.00
N TYR C 82 -5.24 6.17 -50.90
CA TYR C 82 -5.44 4.77 -50.63
C TYR C 82 -5.35 4.37 -49.15
N GLY C 83 -4.79 5.24 -48.33
CA GLY C 83 -4.64 4.91 -46.92
C GLY C 83 -3.48 3.94 -46.82
N VAL C 84 -2.68 4.05 -45.78
CA VAL C 84 -1.55 3.14 -45.62
C VAL C 84 -0.38 3.28 -46.61
N GLY C 85 0.75 3.74 -46.07
CA GLY C 85 1.95 3.88 -46.85
C GLY C 85 3.08 3.20 -46.09
N ILE C 86 4.03 2.62 -46.83
CA ILE C 86 5.17 1.95 -46.23
C ILE C 86 6.38 2.68 -46.80
N LYS C 87 7.19 3.26 -45.93
CA LYS C 87 8.34 4.03 -46.37
C LYS C 87 9.72 3.58 -45.89
N CYS C 88 10.68 3.68 -46.81
CA CYS C 88 12.07 3.33 -46.56
C CYS C 88 12.79 4.62 -46.16
N ALA C 89 13.75 4.52 -45.26
CA ALA C 89 14.51 5.69 -44.82
C ALA C 89 15.03 6.48 -46.02
N THR C 90 15.01 7.81 -45.89
CA THR C 90 15.48 8.72 -46.94
C THR C 90 16.52 9.71 -46.44
N ILE C 91 17.30 10.24 -47.36
CA ILE C 91 18.34 11.20 -47.02
C ILE C 91 17.80 12.61 -46.91
N THR C 92 17.95 13.23 -45.74
CA THR C 92 17.52 14.60 -45.56
C THR C 92 18.72 15.41 -46.01
N PRO C 93 18.62 16.07 -47.17
CA PRO C 93 19.74 16.86 -47.68
C PRO C 93 20.27 17.94 -46.75
N ASP C 94 21.55 18.22 -46.92
CA ASP C 94 22.25 19.26 -46.17
C ASP C 94 23.42 19.70 -47.06
N GLU C 95 24.16 20.70 -46.63
CA GLU C 95 25.28 21.21 -47.42
C GLU C 95 26.08 20.08 -48.06
N ALA C 96 26.63 19.20 -47.23
CA ALA C 96 27.42 18.08 -47.71
C ALA C 96 26.72 17.23 -48.77
N ARG C 97 25.47 16.88 -48.51
CA ARG C 97 24.70 16.06 -49.44
C ARG C 97 24.55 16.70 -50.81
N VAL C 98 24.31 18.02 -50.82
CA VAL C 98 24.15 18.76 -52.06
C VAL C 98 25.30 18.48 -53.02
N LYS C 99 26.51 18.55 -52.50
CA LYS C 99 27.72 18.32 -53.28
C LYS C 99 27.90 16.86 -53.68
N GLU C 100 27.48 15.95 -52.81
CA GLU C 100 27.63 14.52 -53.07
C GLU C 100 26.83 14.01 -54.26
N PHE C 101 25.65 14.59 -54.49
CA PHE C 101 24.81 14.15 -55.59
C PHE C 101 24.49 15.23 -56.62
N ASN C 102 25.06 16.41 -56.45
CA ASN C 102 24.83 17.52 -57.38
C ASN C 102 23.37 17.98 -57.36
N LEU C 103 22.81 18.10 -56.16
CA LEU C 103 21.43 18.52 -56.01
C LEU C 103 21.24 19.95 -56.52
N HIS C 104 20.01 20.29 -56.88
CA HIS C 104 19.69 21.62 -57.38
C HIS C 104 19.34 22.58 -56.25
N LYS C 105 19.08 22.02 -55.08
CA LYS C 105 18.74 22.83 -53.92
C LYS C 105 18.68 21.95 -52.67
N MET C 106 18.81 22.57 -51.51
CA MET C 106 18.76 21.84 -50.25
C MET C 106 17.31 21.45 -49.98
N TRP C 107 16.88 20.36 -50.61
CA TRP C 107 15.52 19.87 -50.46
C TRP C 107 15.10 19.75 -49.01
N LYS C 108 13.79 19.76 -48.77
CA LYS C 108 13.27 19.62 -47.42
C LYS C 108 13.06 18.16 -47.07
N SER C 109 13.15 17.87 -45.77
CA SER C 109 12.96 16.50 -45.29
C SER C 109 11.68 15.91 -45.84
N PRO C 110 11.79 14.84 -46.65
CA PRO C 110 10.57 14.24 -47.18
C PRO C 110 9.62 13.85 -46.06
N ASN C 111 10.18 13.34 -44.96
CA ASN C 111 9.37 12.92 -43.81
C ASN C 111 8.54 14.10 -43.34
N GLY C 112 9.16 15.28 -43.28
CA GLY C 112 8.44 16.46 -42.86
C GLY C 112 7.34 16.80 -43.84
N THR C 113 7.68 16.83 -45.13
CA THR C 113 6.72 17.15 -46.17
C THR C 113 5.50 16.22 -46.11
N ILE C 114 5.75 14.92 -46.02
CA ILE C 114 4.68 13.94 -45.94
C ILE C 114 3.79 14.18 -44.71
N ARG C 115 4.42 14.47 -43.58
CA ARG C 115 3.68 14.71 -42.34
C ARG C 115 2.74 15.90 -42.51
N ASN C 116 3.23 17.00 -43.07
CA ASN C 116 2.41 18.20 -43.30
C ASN C 116 1.16 17.86 -44.11
N ILE C 117 1.38 17.27 -45.28
CA ILE C 117 0.28 16.91 -46.18
C ILE C 117 -0.72 15.92 -45.58
N LEU C 118 -0.24 14.95 -44.82
CA LEU C 118 -1.14 13.97 -44.24
C LEU C 118 -1.75 14.42 -42.93
N GLY C 119 -1.06 15.31 -42.23
CA GLY C 119 -1.55 15.73 -40.94
C GLY C 119 -1.23 14.50 -40.10
N GLY C 120 -1.81 14.36 -38.93
CA GLY C 120 -1.51 13.16 -38.15
C GLY C 120 -0.28 13.24 -37.26
N THR C 121 -0.18 12.28 -36.34
CA THR C 121 0.91 12.22 -35.37
C THR C 121 1.78 10.98 -35.51
N VAL C 122 3.06 11.14 -35.21
CA VAL C 122 4.01 10.03 -35.30
C VAL C 122 4.24 9.40 -33.93
N PHE C 123 4.11 8.07 -33.87
CA PHE C 123 4.33 7.31 -32.64
C PHE C 123 5.51 6.37 -32.81
N ARG C 124 6.50 6.49 -31.93
CA ARG C 124 7.68 5.62 -31.97
C ARG C 124 7.46 4.44 -31.04
N GLU C 125 7.60 3.23 -31.57
CA GLU C 125 7.41 2.00 -30.78
C GLU C 125 8.60 1.06 -30.91
N PRO C 126 9.26 0.77 -29.78
CA PRO C 126 10.41 -0.15 -29.85
C PRO C 126 9.91 -1.58 -29.94
N ILE C 127 10.71 -2.45 -30.55
CA ILE C 127 10.37 -3.86 -30.67
C ILE C 127 11.17 -4.56 -29.59
N VAL C 128 10.49 -5.22 -28.66
CA VAL C 128 11.18 -5.90 -27.58
C VAL C 128 11.38 -7.39 -27.84
N ILE C 129 12.63 -7.82 -27.76
CA ILE C 129 12.99 -9.22 -27.93
C ILE C 129 13.52 -9.57 -26.54
N PRO C 130 12.78 -10.40 -25.78
CA PRO C 130 13.16 -10.80 -24.42
C PRO C 130 14.60 -11.26 -24.22
N ARG C 131 15.10 -12.08 -25.13
CA ARG C 131 16.47 -12.60 -25.09
C ARG C 131 17.50 -11.47 -25.18
N ILE C 132 17.07 -10.32 -25.70
CA ILE C 132 17.95 -9.16 -25.86
C ILE C 132 17.75 -8.14 -24.76
N PRO C 133 18.75 -7.99 -23.88
CA PRO C 133 18.69 -7.04 -22.76
C PRO C 133 18.58 -5.57 -23.22
N ARG C 134 17.85 -4.76 -22.46
CA ARG C 134 17.69 -3.35 -22.77
C ARG C 134 18.64 -2.57 -21.83
N LEU C 135 18.91 -1.29 -22.12
CA LEU C 135 19.80 -0.53 -21.25
C LEU C 135 19.11 -0.28 -19.92
N VAL C 136 17.79 -0.11 -19.97
CA VAL C 136 17.00 0.05 -18.75
C VAL C 136 16.39 -1.36 -18.69
N PRO C 137 17.14 -2.31 -18.08
CA PRO C 137 16.74 -3.71 -17.94
C PRO C 137 15.29 -4.05 -17.59
N ARG C 138 14.67 -3.32 -16.66
CA ARG C 138 13.29 -3.64 -16.28
C ARG C 138 12.26 -3.38 -17.38
N TRP C 139 12.60 -2.53 -18.36
CA TRP C 139 11.66 -2.27 -19.44
C TRP C 139 11.48 -3.59 -20.20
N GLU C 140 10.26 -4.12 -20.24
CA GLU C 140 10.03 -5.37 -20.95
C GLU C 140 8.87 -5.27 -21.91
N LYS C 141 8.19 -4.13 -21.87
CA LYS C 141 7.06 -3.87 -22.75
C LYS C 141 7.30 -2.49 -23.35
N PRO C 142 7.00 -2.34 -24.64
CA PRO C 142 7.20 -1.07 -25.32
C PRO C 142 6.59 0.15 -24.63
N ILE C 143 7.32 1.24 -24.72
CA ILE C 143 6.89 2.52 -24.21
C ILE C 143 6.79 3.28 -25.53
N ILE C 144 5.59 3.71 -25.88
CA ILE C 144 5.36 4.41 -27.13
C ILE C 144 5.29 5.91 -26.91
N ILE C 145 6.07 6.65 -27.70
CA ILE C 145 6.09 8.10 -27.58
C ILE C 145 5.37 8.74 -28.77
N GLY C 146 4.33 9.52 -28.48
CA GLY C 146 3.59 10.19 -29.53
C GLY C 146 4.04 11.64 -29.52
N ARG C 147 4.46 12.16 -30.66
CA ARG C 147 4.94 13.53 -30.74
C ARG C 147 4.06 14.47 -31.54
N HIS C 148 3.61 15.53 -30.87
CA HIS C 148 2.78 16.55 -31.48
C HIS C 148 3.72 17.41 -32.31
N ALA C 149 3.93 17.06 -33.56
CA ALA C 149 4.85 17.83 -34.39
C ALA C 149 4.18 18.93 -35.20
N HIS C 150 3.51 19.85 -34.52
CA HIS C 150 2.86 20.94 -35.25
C HIS C 150 3.61 22.24 -35.04
N GLY C 151 3.56 22.78 -33.83
CA GLY C 151 4.25 24.02 -33.64
C GLY C 151 4.39 24.59 -32.24
N ASP C 152 5.58 24.50 -31.70
CA ASP C 152 5.88 25.08 -30.40
C ASP C 152 7.24 25.69 -30.76
N GLN C 153 8.32 25.16 -30.20
CA GLN C 153 9.66 25.67 -30.51
C GLN C 153 10.03 25.55 -32.00
N TYR C 154 9.34 24.66 -32.71
CA TYR C 154 9.64 24.42 -34.13
C TYR C 154 9.00 25.39 -35.12
N LYS C 155 8.05 26.17 -34.68
CA LYS C 155 7.42 27.16 -35.56
C LYS C 155 7.46 28.47 -34.80
N ALA C 156 8.54 28.65 -34.03
CA ALA C 156 8.73 29.83 -33.21
C ALA C 156 9.49 30.99 -33.84
N THR C 157 9.35 32.14 -33.20
CA THR C 157 10.03 33.35 -33.62
C THR C 157 10.94 33.72 -32.45
N ASP C 158 12.20 33.97 -32.75
CA ASP C 158 13.14 34.33 -31.71
C ASP C 158 14.14 35.36 -32.23
N THR C 159 14.60 36.24 -31.36
CA THR C 159 15.58 37.25 -31.76
C THR C 159 16.47 37.65 -30.60
N LEU C 160 17.44 38.50 -30.90
CA LEU C 160 18.32 38.99 -29.86
C LEU C 160 17.75 40.33 -29.42
N ILE C 161 17.96 40.65 -28.16
CA ILE C 161 17.51 41.93 -27.62
C ILE C 161 18.82 42.66 -27.33
N PRO C 162 19.07 43.78 -28.03
CA PRO C 162 20.28 44.59 -27.87
C PRO C 162 20.48 45.22 -26.49
N GLY C 163 19.41 45.73 -25.90
CA GLY C 163 19.55 46.35 -24.59
C GLY C 163 18.25 46.70 -23.90
N PRO C 164 18.29 47.57 -22.88
CA PRO C 164 17.10 47.99 -22.15
C PRO C 164 15.92 48.26 -23.07
N GLY C 165 14.73 47.90 -22.62
CA GLY C 165 13.55 48.10 -23.42
C GLY C 165 12.44 47.13 -23.05
N SER C 166 11.22 47.48 -23.41
CA SER C 166 10.06 46.65 -23.10
C SER C 166 9.85 45.58 -24.17
N LEU C 167 9.27 44.46 -23.74
CA LEU C 167 8.99 43.34 -24.63
C LEU C 167 7.53 42.97 -24.38
N GLU C 168 6.75 42.99 -25.45
CA GLU C 168 5.34 42.69 -25.33
C GLU C 168 4.76 41.73 -26.37
N LEU C 169 3.74 40.99 -25.97
CA LEU C 169 3.05 40.06 -26.84
C LEU C 169 1.78 40.82 -27.24
N VAL C 170 1.52 40.90 -28.53
CA VAL C 170 0.37 41.64 -29.01
C VAL C 170 -0.54 40.84 -29.94
N TYR C 171 -1.80 40.72 -29.54
CA TYR C 171 -2.81 40.03 -30.32
C TYR C 171 -3.88 41.02 -30.77
N LYS C 172 -4.23 40.98 -32.04
CA LYS C 172 -5.25 41.86 -32.61
C LYS C 172 -6.25 40.99 -33.36
N PRO C 173 -7.48 40.88 -32.84
CA PRO C 173 -8.51 40.05 -33.48
C PRO C 173 -8.87 40.52 -34.89
N SER C 174 -9.30 39.59 -35.73
CA SER C 174 -9.68 39.91 -37.11
C SER C 174 -11.08 40.51 -37.11
N ASP C 175 -11.82 40.25 -36.04
CA ASP C 175 -13.17 40.75 -35.86
C ASP C 175 -13.27 41.32 -34.45
N PRO C 176 -12.98 42.61 -34.28
CA PRO C 176 -13.05 43.27 -32.97
C PRO C 176 -14.43 43.22 -32.32
N THR C 177 -15.38 42.62 -33.01
CA THR C 177 -16.74 42.51 -32.51
C THR C 177 -16.94 41.28 -31.64
N THR C 178 -16.33 40.17 -32.03
CA THR C 178 -16.45 38.92 -31.27
C THR C 178 -15.25 38.64 -30.36
N ALA C 179 -14.09 39.13 -30.77
CA ALA C 179 -12.87 38.92 -29.99
C ALA C 179 -12.20 40.22 -29.57
N GLN C 180 -11.59 40.21 -28.38
CA GLN C 180 -10.91 41.39 -27.87
C GLN C 180 -9.41 41.31 -28.12
N PRO C 181 -8.75 42.46 -28.27
CA PRO C 181 -7.30 42.50 -28.52
C PRO C 181 -6.53 42.35 -27.22
N GLN C 182 -5.30 41.86 -27.31
CA GLN C 182 -4.47 41.67 -26.13
C GLN C 182 -3.08 42.25 -26.27
N THR C 183 -2.68 43.04 -25.30
CA THR C 183 -1.34 43.60 -25.28
C THR C 183 -0.79 43.21 -23.90
N LEU C 184 0.09 42.22 -23.89
CA LEU C 184 0.66 41.72 -22.64
C LEU C 184 2.13 42.05 -22.45
N LYS C 185 2.46 42.61 -21.29
CA LYS C 185 3.85 42.94 -20.99
C LYS C 185 4.58 41.67 -20.62
N VAL C 186 5.57 41.32 -21.43
CA VAL C 186 6.33 40.10 -21.18
C VAL C 186 7.53 40.36 -20.28
N TYR C 187 8.27 41.43 -20.57
CA TYR C 187 9.47 41.73 -19.79
C TYR C 187 10.03 43.12 -20.07
N ASP C 188 10.73 43.67 -19.07
CA ASP C 188 11.38 44.96 -19.20
C ASP C 188 12.87 44.65 -19.02
N TYR C 189 13.59 44.56 -20.13
CA TYR C 189 15.01 44.24 -20.05
C TYR C 189 15.80 45.37 -19.40
N LYS C 190 16.87 44.99 -18.70
CA LYS C 190 17.75 45.96 -18.05
C LYS C 190 19.14 45.78 -18.65
N GLY C 191 19.25 44.81 -19.55
CA GLY C 191 20.51 44.54 -20.21
C GLY C 191 20.18 43.78 -21.49
N SER C 192 21.21 43.46 -22.28
CA SER C 192 20.98 42.73 -23.52
C SER C 192 20.48 41.32 -23.21
N GLY C 193 19.87 40.68 -24.19
CA GLY C 193 19.37 39.34 -23.97
C GLY C 193 18.74 38.69 -25.19
N VAL C 194 17.77 37.81 -24.92
CA VAL C 194 17.10 37.12 -25.99
C VAL C 194 15.60 37.09 -25.70
N ALA C 195 14.82 36.99 -26.77
CA ALA C 195 13.36 36.95 -26.63
C ALA C 195 12.83 35.78 -27.46
N MET C 196 11.60 35.38 -27.18
CA MET C 196 11.05 34.24 -27.90
C MET C 196 9.53 34.15 -27.75
N ALA C 197 8.86 33.74 -28.82
CA ALA C 197 7.41 33.58 -28.80
C ALA C 197 7.07 32.37 -29.65
N MET C 198 6.09 31.59 -29.20
CA MET C 198 5.66 30.41 -29.93
C MET C 198 4.15 30.37 -29.86
N TYR C 199 3.55 29.39 -30.50
CA TYR C 199 2.09 29.28 -30.53
C TYR C 199 1.64 27.88 -30.86
N ASN C 200 0.33 27.67 -30.82
CA ASN C 200 -0.27 26.40 -31.20
C ASN C 200 -1.75 26.64 -31.32
N THR C 201 -2.48 25.70 -31.92
CA THR C 201 -3.91 25.86 -32.10
C THR C 201 -4.79 24.74 -31.57
N ASP C 202 -6.02 25.10 -31.23
CA ASP C 202 -6.99 24.15 -30.72
C ASP C 202 -7.24 23.06 -31.75
N GLU C 203 -7.30 23.45 -33.01
CA GLU C 203 -7.52 22.48 -34.09
C GLU C 203 -6.41 21.44 -34.10
N SER C 204 -5.17 21.90 -34.04
CA SER C 204 -4.04 20.99 -34.07
C SER C 204 -3.98 20.09 -32.83
N ILE C 205 -4.21 20.67 -31.66
CA ILE C 205 -4.16 19.90 -30.44
C ILE C 205 -5.26 18.84 -30.45
N GLU C 206 -6.43 19.22 -30.98
CA GLU C 206 -7.56 18.31 -31.03
C GLU C 206 -7.21 17.10 -31.89
N GLY C 207 -6.53 17.35 -33.00
CA GLY C 207 -6.12 16.27 -33.89
C GLY C 207 -5.06 15.41 -33.22
N PHE C 208 -4.21 16.04 -32.41
CA PHE C 208 -3.17 15.35 -31.67
C PHE C 208 -3.84 14.37 -30.71
N ALA C 209 -4.89 14.85 -30.03
CA ALA C 209 -5.64 14.03 -29.08
C ALA C 209 -6.31 12.85 -29.79
N HIS C 210 -7.04 13.14 -30.87
CA HIS C 210 -7.72 12.08 -31.61
C HIS C 210 -6.82 10.91 -31.99
N SER C 211 -5.66 11.23 -32.56
CA SER C 211 -4.72 10.20 -32.97
C SER C 211 -4.19 9.38 -31.80
N SER C 212 -3.90 10.05 -30.69
CA SER C 212 -3.39 9.38 -29.51
C SER C 212 -4.42 8.40 -28.97
N PHE C 213 -5.66 8.88 -28.84
CA PHE C 213 -6.70 7.99 -28.33
C PHE C 213 -6.93 6.81 -29.26
N LYS C 214 -6.97 7.05 -30.57
CA LYS C 214 -7.18 5.93 -31.51
C LYS C 214 -6.04 4.93 -31.45
N LEU C 215 -4.81 5.41 -31.37
CA LEU C 215 -3.66 4.50 -31.29
C LEU C 215 -3.65 3.68 -30.00
N ALA C 216 -4.09 4.29 -28.91
CA ALA C 216 -4.11 3.58 -27.63
C ALA C 216 -5.11 2.44 -27.72
N ILE C 217 -6.27 2.71 -28.32
CA ILE C 217 -7.30 1.70 -28.47
C ILE C 217 -6.80 0.57 -29.37
N ASP C 218 -6.13 0.94 -30.46
CA ASP C 218 -5.61 -0.06 -31.40
C ASP C 218 -4.56 -0.95 -30.74
N LYS C 219 -3.76 -0.36 -29.86
CA LYS C 219 -2.68 -1.05 -29.16
C LYS C 219 -3.11 -1.65 -27.82
N LYS C 220 -4.24 -1.19 -27.30
CA LYS C 220 -4.74 -1.66 -26.02
C LYS C 220 -3.72 -1.41 -24.91
N LEU C 221 -3.30 -0.15 -24.79
CA LEU C 221 -2.34 0.24 -23.78
C LEU C 221 -2.81 1.54 -23.13
N ASN C 222 -2.39 1.75 -21.88
CA ASN C 222 -2.76 2.96 -21.17
C ASN C 222 -2.17 4.18 -21.89
N LEU C 223 -2.85 5.32 -21.77
CA LEU C 223 -2.40 6.53 -22.42
C LEU C 223 -2.12 7.62 -21.39
N PHE C 224 -0.97 8.29 -21.53
CA PHE C 224 -0.61 9.36 -20.62
C PHE C 224 -0.22 10.60 -21.39
N LEU C 225 -0.81 11.73 -21.03
CA LEU C 225 -0.46 13.01 -21.65
C LEU C 225 0.31 13.78 -20.57
N SER C 226 1.45 14.36 -20.95
CA SER C 226 2.25 15.13 -20.00
C SER C 226 2.47 16.56 -20.44
N THR C 227 2.42 17.47 -19.48
CA THR C 227 2.63 18.88 -19.73
C THR C 227 3.19 19.50 -18.46
N LYS C 228 3.42 20.80 -18.50
CA LYS C 228 3.92 21.53 -17.34
C LYS C 228 2.84 22.54 -16.99
N ASN C 229 1.59 22.07 -16.97
CA ASN C 229 0.45 22.94 -16.68
C ASN C 229 0.50 23.58 -15.30
N THR C 230 1.55 23.29 -14.53
CA THR C 230 1.70 23.90 -13.21
C THR C 230 2.35 25.27 -13.40
N ILE C 231 3.21 25.38 -14.42
CA ILE C 231 3.89 26.64 -14.73
C ILE C 231 3.23 27.35 -15.90
N LEU C 232 2.88 26.59 -16.93
CA LEU C 232 2.21 27.16 -18.11
C LEU C 232 0.73 26.81 -17.99
N LYS C 233 0.05 27.46 -17.05
CA LYS C 233 -1.35 27.21 -16.76
C LYS C 233 -2.31 27.37 -17.93
N LYS C 234 -2.02 28.31 -18.82
CA LYS C 234 -2.90 28.54 -19.96
C LYS C 234 -2.53 27.68 -21.16
N TYR C 235 -1.27 27.77 -21.56
CA TYR C 235 -0.76 27.05 -22.71
C TYR C 235 -0.97 25.55 -22.55
N ASP C 236 -0.27 24.95 -21.59
CA ASP C 236 -0.37 23.52 -21.33
C ASP C 236 -1.73 23.09 -20.78
N GLY C 237 -2.38 23.99 -20.07
CA GLY C 237 -3.68 23.67 -19.54
C GLY C 237 -4.62 23.46 -20.71
N ARG C 238 -4.28 24.07 -21.84
CA ARG C 238 -5.10 23.93 -23.03
C ARG C 238 -5.01 22.51 -23.55
N PHE C 239 -3.82 21.94 -23.56
CA PHE C 239 -3.68 20.57 -24.05
C PHE C 239 -4.47 19.62 -23.16
N LYS C 240 -4.34 19.80 -21.86
CA LYS C 240 -5.02 18.95 -20.88
C LYS C 240 -6.52 19.02 -21.07
N ASP C 241 -7.05 20.24 -21.10
CA ASP C 241 -8.47 20.45 -21.26
C ASP C 241 -9.03 19.82 -22.52
N ILE C 242 -8.39 20.10 -23.65
CA ILE C 242 -8.85 19.56 -24.92
C ILE C 242 -8.76 18.03 -24.98
N PHE C 243 -7.74 17.44 -24.39
CA PHE C 243 -7.63 15.99 -24.42
C PHE C 243 -8.77 15.35 -23.65
N GLN C 244 -9.08 15.94 -22.50
CA GLN C 244 -10.14 15.48 -21.61
C GLN C 244 -11.49 15.52 -22.32
N GLU C 245 -11.75 16.64 -23.01
CA GLU C 245 -12.99 16.83 -23.74
C GLU C 245 -13.10 15.79 -24.84
N VAL C 246 -12.04 15.67 -25.64
CA VAL C 246 -12.00 14.70 -26.72
C VAL C 246 -12.18 13.31 -26.13
N TYR C 247 -11.54 13.07 -24.99
CA TYR C 247 -11.66 11.77 -24.31
C TYR C 247 -13.13 11.44 -24.03
N GLU C 248 -13.80 12.34 -23.32
CA GLU C 248 -15.20 12.13 -22.95
C GLU C 248 -16.17 12.10 -24.12
N ALA C 249 -15.90 12.87 -25.17
CA ALA C 249 -16.78 12.90 -26.31
C ALA C 249 -16.80 11.64 -27.18
N GLN C 250 -15.67 10.94 -27.31
CA GLN C 250 -15.64 9.76 -28.18
C GLN C 250 -14.88 8.51 -27.76
N TYR C 251 -14.00 8.60 -26.79
CA TYR C 251 -13.21 7.43 -26.47
C TYR C 251 -13.38 6.76 -25.12
N LYS C 252 -13.95 7.48 -24.15
CA LYS C 252 -14.14 6.92 -22.81
C LYS C 252 -14.76 5.52 -22.77
N SER C 253 -15.84 5.31 -23.52
CA SER C 253 -16.49 4.00 -23.54
C SER C 253 -15.60 2.90 -24.08
N LYS C 254 -14.91 3.18 -25.18
CA LYS C 254 -14.02 2.19 -25.76
C LYS C 254 -12.89 1.87 -24.80
N PHE C 255 -12.40 2.87 -24.08
CA PHE C 255 -11.32 2.63 -23.12
C PHE C 255 -11.81 1.70 -22.01
N GLU C 256 -12.98 2.00 -21.49
CA GLU C 256 -13.59 1.22 -20.42
C GLU C 256 -13.86 -0.21 -20.84
N GLN C 257 -14.24 -0.40 -22.10
CA GLN C 257 -14.50 -1.74 -22.58
C GLN C 257 -13.20 -2.52 -22.72
N LEU C 258 -12.12 -1.81 -23.05
CA LEU C 258 -10.81 -2.42 -23.24
C LEU C 258 -9.99 -2.56 -21.97
N GLY C 259 -10.43 -1.89 -20.91
CA GLY C 259 -9.68 -1.96 -19.67
C GLY C 259 -8.41 -1.14 -19.70
N ILE C 260 -8.37 -0.09 -20.53
CA ILE C 260 -7.19 0.77 -20.58
C ILE C 260 -7.59 2.12 -20.00
N HIS C 261 -6.61 2.89 -19.53
CA HIS C 261 -6.92 4.17 -18.90
C HIS C 261 -6.20 5.40 -19.43
N TYR C 262 -6.89 6.52 -19.38
CA TYR C 262 -6.28 7.76 -19.84
C TYR C 262 -6.01 8.66 -18.66
N GLU C 263 -4.91 9.40 -18.71
CA GLU C 263 -4.58 10.28 -17.63
C GLU C 263 -3.57 11.35 -18.03
N HIS C 264 -3.74 12.52 -17.45
CA HIS C 264 -2.81 13.60 -17.68
C HIS C 264 -1.83 13.54 -16.51
N ARG C 265 -0.55 13.74 -16.79
CA ARG C 265 0.46 13.72 -15.75
C ARG C 265 1.42 14.86 -15.99
N LEU C 266 1.93 15.42 -14.89
CA LEU C 266 2.90 16.49 -14.97
C LEU C 266 4.16 15.81 -15.54
N ILE C 267 4.81 16.46 -16.50
CA ILE C 267 6.01 15.89 -17.13
C ILE C 267 7.03 15.39 -16.10
N ASP C 268 7.19 16.13 -15.00
CA ASP C 268 8.12 15.73 -13.94
C ASP C 268 7.79 14.35 -13.41
N ASP C 269 6.51 14.11 -13.15
CA ASP C 269 6.06 12.82 -12.63
C ASP C 269 6.17 11.69 -13.67
N MET C 270 5.57 11.91 -14.84
CA MET C 270 5.58 10.92 -15.92
C MET C 270 6.96 10.31 -16.13
N VAL C 271 7.91 11.20 -16.43
CA VAL C 271 9.28 10.81 -16.70
C VAL C 271 9.93 9.97 -15.61
N ALA C 272 9.72 10.34 -14.35
CA ALA C 272 10.26 9.60 -13.22
C ALA C 272 9.60 8.25 -13.17
N GLN C 273 8.29 8.27 -13.38
CA GLN C 273 7.51 7.04 -13.39
C GLN C 273 7.95 6.18 -14.56
N MET C 274 8.20 6.83 -15.70
CA MET C 274 8.63 6.12 -16.90
C MET C 274 9.90 5.28 -16.72
N ILE C 275 10.93 5.85 -16.10
CA ILE C 275 12.17 5.10 -15.93
C ILE C 275 12.16 4.06 -14.81
N LYS C 276 11.17 4.10 -13.94
CA LYS C 276 11.06 3.13 -12.85
C LYS C 276 10.08 2.01 -13.20
N SER C 277 9.46 2.11 -14.37
CA SER C 277 8.46 1.13 -14.80
C SER C 277 9.02 -0.08 -15.54
N LYS C 278 8.12 -0.98 -15.93
CA LYS C 278 8.51 -2.15 -16.70
C LYS C 278 8.01 -1.89 -18.13
N GLY C 279 7.68 -0.63 -18.40
CA GLY C 279 7.19 -0.25 -19.71
C GLY C 279 5.74 -0.65 -19.91
N GLY C 280 5.27 -0.55 -21.16
CA GLY C 280 3.90 -0.93 -21.49
C GLY C 280 2.85 0.16 -21.44
N PHE C 281 3.10 1.27 -22.12
CA PHE C 281 2.14 2.36 -22.15
C PHE C 281 2.49 3.38 -23.23
N ILE C 282 1.59 4.31 -23.48
CA ILE C 282 1.81 5.34 -24.46
C ILE C 282 1.90 6.70 -23.81
N MET C 283 2.88 7.48 -24.23
CA MET C 283 3.07 8.82 -23.70
C MET C 283 2.88 9.87 -24.81
N ALA C 284 1.82 10.68 -24.71
CA ALA C 284 1.58 11.72 -25.70
C ALA C 284 2.35 12.92 -25.18
N LEU C 285 3.18 13.53 -26.04
CA LEU C 285 4.00 14.66 -25.62
C LEU C 285 4.00 15.83 -26.58
N LYS C 286 4.26 17.01 -26.05
CA LYS C 286 4.31 18.20 -26.90
C LYS C 286 5.54 18.07 -27.78
N ASN C 287 5.57 18.85 -28.86
CA ASN C 287 6.66 18.82 -29.83
C ASN C 287 8.06 18.64 -29.22
N TYR C 288 8.48 19.60 -28.41
CA TYR C 288 9.82 19.54 -27.82
C TYR C 288 10.05 18.33 -26.91
N ASP C 289 9.09 18.05 -26.03
CA ASP C 289 9.24 16.90 -25.12
C ASP C 289 9.28 15.60 -25.91
N GLY C 290 8.46 15.51 -26.96
CA GLY C 290 8.44 14.30 -27.78
C GLY C 290 9.76 14.05 -28.46
N ASP C 291 10.37 15.12 -28.96
CA ASP C 291 11.66 15.05 -29.64
C ASP C 291 12.73 14.53 -28.69
N VAL C 292 12.85 15.17 -27.53
CA VAL C 292 13.84 14.78 -26.53
C VAL C 292 13.59 13.43 -25.88
N GLN C 293 12.34 13.12 -25.56
CA GLN C 293 12.04 11.85 -24.90
C GLN C 293 12.07 10.64 -25.84
N SER C 294 11.85 10.84 -27.13
CA SER C 294 11.90 9.73 -28.09
C SER C 294 13.31 9.17 -28.08
N ASP C 295 14.28 10.09 -28.08
CA ASP C 295 15.69 9.74 -28.07
C ASP C 295 16.04 8.97 -26.80
N ILE C 296 15.52 9.42 -25.66
CA ILE C 296 15.81 8.73 -24.40
C ILE C 296 15.27 7.31 -24.44
N VAL C 297 13.98 7.17 -24.67
CA VAL C 297 13.35 5.85 -24.72
C VAL C 297 14.03 4.92 -25.71
N ALA C 298 14.36 5.46 -26.90
CA ALA C 298 15.02 4.65 -27.93
C ALA C 298 16.26 3.96 -27.40
N GLN C 299 17.17 4.74 -26.81
CA GLN C 299 18.40 4.19 -26.25
C GLN C 299 18.13 3.30 -25.05
N GLY C 300 17.11 3.63 -24.28
CA GLY C 300 16.76 2.84 -23.11
C GLY C 300 16.50 1.40 -23.49
N PHE C 301 15.84 1.20 -24.64
CA PHE C 301 15.53 -0.13 -25.14
C PHE C 301 16.70 -0.78 -25.86
N GLY C 302 17.53 0.03 -26.51
CA GLY C 302 18.66 -0.53 -27.22
C GLY C 302 18.91 0.00 -28.63
N SER C 303 19.10 -0.93 -29.56
CA SER C 303 19.39 -0.58 -30.94
C SER C 303 18.28 0.08 -31.74
N LEU C 304 18.67 1.00 -32.61
CA LEU C 304 17.73 1.68 -33.46
C LEU C 304 17.18 0.72 -34.50
N GLY C 305 17.86 -0.42 -34.66
CA GLY C 305 17.41 -1.41 -35.62
C GLY C 305 16.14 -2.07 -35.12
N LEU C 306 15.71 -1.73 -33.92
CA LEU C 306 14.49 -2.32 -33.34
C LEU C 306 13.42 -1.27 -33.07
N MET C 307 13.58 -0.08 -33.66
CA MET C 307 12.62 1.00 -33.46
C MET C 307 11.71 1.25 -34.68
N THR C 308 10.41 1.28 -34.44
CA THR C 308 9.44 1.51 -35.51
C THR C 308 8.71 2.82 -35.31
N SER C 309 8.10 3.31 -36.38
CA SER C 309 7.32 4.54 -36.35
C SER C 309 6.02 4.30 -37.10
N ILE C 310 4.97 4.98 -36.66
CA ILE C 310 3.66 4.85 -37.28
C ILE C 310 2.98 6.20 -37.25
N LEU C 311 2.55 6.68 -38.41
CA LEU C 311 1.86 7.96 -38.50
C LEU C 311 0.36 7.67 -38.52
N VAL C 312 -0.38 8.37 -37.67
CA VAL C 312 -1.82 8.18 -37.54
C VAL C 312 -2.60 9.49 -37.67
N THR C 313 -3.39 9.63 -38.72
CA THR C 313 -4.19 10.82 -38.90
C THR C 313 -5.32 10.71 -37.89
N PRO C 314 -5.89 11.84 -37.49
CA PRO C 314 -7.00 11.95 -36.52
C PRO C 314 -8.25 11.13 -36.81
N ASP C 315 -8.55 10.92 -38.09
CA ASP C 315 -9.73 10.16 -38.50
C ASP C 315 -9.52 8.65 -38.49
N GLY C 316 -8.29 8.23 -38.25
CA GLY C 316 -7.99 6.81 -38.22
C GLY C 316 -8.19 6.08 -39.54
N LYS C 317 -8.03 6.79 -40.66
CA LYS C 317 -8.19 6.17 -41.97
C LYS C 317 -6.88 6.15 -42.78
N THR C 318 -5.92 6.99 -42.39
CA THR C 318 -4.65 7.06 -43.10
C THR C 318 -3.48 6.74 -42.17
N PHE C 319 -2.55 5.91 -42.65
CA PHE C 319 -1.39 5.51 -41.88
C PHE C 319 -0.10 5.48 -42.73
N GLU C 320 1.03 5.73 -42.09
CA GLU C 320 2.33 5.68 -42.76
C GLU C 320 3.26 4.88 -41.83
N SER C 321 3.78 3.77 -42.32
CA SER C 321 4.67 2.91 -41.53
C SER C 321 6.11 2.94 -42.02
N GLU C 322 7.04 3.14 -41.12
CA GLU C 322 8.45 3.19 -41.48
C GLU C 322 9.38 2.97 -40.30
N ALA C 323 10.59 2.49 -40.59
CA ALA C 323 11.59 2.26 -39.54
C ALA C 323 11.87 3.61 -38.91
N ALA C 324 12.20 3.61 -37.63
CA ALA C 324 12.48 4.87 -36.94
C ALA C 324 13.89 5.38 -37.19
N HIS C 325 14.78 4.52 -37.66
CA HIS C 325 16.16 4.90 -37.90
C HIS C 325 16.40 5.51 -39.28
N GLY C 326 17.64 5.93 -39.52
CA GLY C 326 17.99 6.56 -40.79
C GLY C 326 18.40 5.59 -41.89
N THR C 327 19.23 6.07 -42.82
CA THR C 327 19.67 5.25 -43.95
C THR C 327 20.92 4.43 -43.65
N VAL C 328 21.43 4.56 -42.41
CA VAL C 328 22.61 3.83 -41.97
C VAL C 328 23.81 4.03 -42.90
N THR C 329 24.06 5.29 -43.25
CA THR C 329 25.16 5.67 -44.14
C THR C 329 26.49 4.95 -43.83
N ARG C 330 26.91 4.95 -42.55
CA ARG C 330 28.16 4.29 -42.17
C ARG C 330 28.23 2.86 -42.68
N HIS C 331 27.14 2.15 -42.60
CA HIS C 331 27.15 0.77 -43.07
C HIS C 331 27.19 0.77 -44.59
N TYR C 332 26.57 1.76 -45.19
CA TYR C 332 26.54 1.87 -46.65
C TYR C 332 27.92 2.07 -47.25
N ARG C 333 28.72 2.95 -46.63
CA ARG C 333 30.08 3.23 -47.09
C ARG C 333 30.88 1.94 -47.10
N LYS C 334 30.81 1.21 -45.99
CA LYS C 334 31.53 -0.05 -45.89
C LYS C 334 30.99 -0.96 -46.98
N TYR C 335 29.69 -0.85 -47.24
CA TYR C 335 29.07 -1.65 -48.28
C TYR C 335 29.67 -1.29 -49.63
N GLN C 336 29.69 0.00 -49.93
CA GLN C 336 30.24 0.48 -51.20
C GLN C 336 31.66 -0.04 -51.41
N LYS C 337 32.40 -0.19 -50.32
CA LYS C 337 33.77 -0.67 -50.39
C LYS C 337 33.84 -2.19 -50.47
N GLY C 338 32.75 -2.81 -50.92
CA GLY C 338 32.73 -4.25 -51.01
C GLY C 338 33.04 -4.88 -49.67
N GLU C 339 32.86 -4.12 -48.61
CA GLU C 339 33.13 -4.60 -47.26
C GLU C 339 31.89 -5.24 -46.62
N GLU C 340 32.15 -6.15 -45.70
CA GLU C 340 31.11 -6.88 -44.98
C GLU C 340 30.30 -5.97 -44.05
N THR C 341 29.00 -6.20 -43.98
CA THR C 341 28.15 -5.39 -43.12
C THR C 341 27.19 -6.27 -42.33
N SER C 342 26.67 -5.72 -41.24
CA SER C 342 25.69 -6.41 -40.42
C SER C 342 24.68 -5.38 -39.94
N THR C 343 23.86 -4.90 -40.87
CA THR C 343 22.83 -3.91 -40.58
C THR C 343 21.59 -4.67 -40.15
N ASN C 344 20.97 -4.24 -39.05
CA ASN C 344 19.76 -4.90 -38.55
C ASN C 344 18.57 -4.56 -39.45
N SER C 345 17.86 -5.59 -39.94
CA SER C 345 16.72 -5.37 -40.83
C SER C 345 15.35 -5.44 -40.15
N ILE C 346 15.32 -5.87 -38.89
CA ILE C 346 14.07 -6.00 -38.17
C ILE C 346 13.09 -4.83 -38.28
N ALA C 347 13.55 -3.62 -37.98
CA ALA C 347 12.66 -2.46 -38.05
C ALA C 347 12.09 -2.25 -39.46
N SER C 348 12.91 -2.50 -40.47
CA SER C 348 12.44 -2.33 -41.85
C SER C 348 11.34 -3.37 -42.11
N ILE C 349 11.58 -4.61 -41.71
CA ILE C 349 10.58 -5.64 -41.88
C ILE C 349 9.29 -5.24 -41.15
N PHE C 350 9.44 -4.74 -39.92
CA PHE C 350 8.27 -4.33 -39.16
C PHE C 350 7.54 -3.16 -39.77
N ALA C 351 8.20 -2.37 -40.60
CA ALA C 351 7.51 -1.27 -41.25
C ALA C 351 6.56 -1.93 -42.25
N TRP C 352 7.01 -3.01 -42.89
CA TRP C 352 6.17 -3.73 -43.83
C TRP C 352 5.08 -4.49 -43.07
N SER C 353 5.45 -5.23 -42.03
CA SER C 353 4.45 -6.00 -41.28
C SER C 353 3.41 -5.10 -40.65
N ARG C 354 3.84 -3.99 -40.05
CA ARG C 354 2.88 -3.09 -39.44
C ARG C 354 1.96 -2.52 -40.49
N GLY C 355 2.54 -2.03 -41.58
CA GLY C 355 1.75 -1.46 -42.64
C GLY C 355 0.73 -2.42 -43.21
N LEU C 356 1.14 -3.67 -43.43
CA LEU C 356 0.24 -4.66 -43.99
C LEU C 356 -0.85 -5.00 -42.99
N LEU C 357 -0.55 -4.81 -41.71
CA LEU C 357 -1.50 -5.07 -40.63
C LEU C 357 -2.62 -4.03 -40.72
N LYS C 358 -2.25 -2.76 -40.82
CA LYS C 358 -3.24 -1.71 -40.94
C LYS C 358 -4.06 -1.87 -42.23
N ARG C 359 -3.41 -2.31 -43.31
CA ARG C 359 -4.08 -2.52 -44.60
C ARG C 359 -5.08 -3.67 -44.42
N GLY C 360 -4.68 -4.69 -43.67
CA GLY C 360 -5.56 -5.82 -43.44
C GLY C 360 -6.75 -5.39 -42.59
N GLU C 361 -6.51 -4.53 -41.62
CA GLU C 361 -7.56 -4.05 -40.75
C GLU C 361 -8.60 -3.25 -41.54
N LEU C 362 -8.14 -2.25 -42.29
CA LEU C 362 -9.02 -1.41 -43.09
C LEU C 362 -9.80 -2.20 -44.14
N ASP C 363 -9.25 -3.32 -44.57
CA ASP C 363 -9.88 -4.15 -45.59
C ASP C 363 -10.64 -5.36 -45.04
N ASN C 364 -10.74 -5.47 -43.71
CA ASN C 364 -11.42 -6.59 -43.09
C ASN C 364 -10.94 -7.88 -43.74
N THR C 365 -9.64 -7.94 -44.00
CA THR C 365 -9.02 -9.12 -44.60
C THR C 365 -8.13 -9.79 -43.56
N PRO C 366 -8.73 -10.58 -42.67
CA PRO C 366 -8.00 -11.29 -41.61
C PRO C 366 -6.83 -12.13 -42.13
N ALA C 367 -6.96 -12.66 -43.34
CA ALA C 367 -5.91 -13.47 -43.93
C ALA C 367 -4.61 -12.66 -44.05
N LEU C 368 -4.75 -11.35 -44.29
CA LEU C 368 -3.60 -10.49 -44.42
C LEU C 368 -2.99 -10.22 -43.06
N CYS C 369 -3.84 -9.95 -42.08
CA CYS C 369 -3.40 -9.70 -40.71
C CYS C 369 -2.60 -10.88 -40.16
N LYS C 370 -3.04 -12.08 -40.51
CA LYS C 370 -2.38 -13.31 -40.07
C LYS C 370 -0.98 -13.41 -40.66
N PHE C 371 -0.84 -13.09 -41.94
CA PHE C 371 0.46 -13.16 -42.57
C PHE C 371 1.40 -12.15 -41.94
N ALA C 372 0.87 -10.96 -41.64
CA ALA C 372 1.65 -9.89 -41.03
C ALA C 372 2.21 -10.31 -39.68
N ASN C 373 1.39 -10.99 -38.89
CA ASN C 373 1.82 -11.46 -37.59
C ASN C 373 2.79 -12.63 -37.69
N ILE C 374 2.68 -13.41 -38.77
CA ILE C 374 3.59 -14.54 -38.98
C ILE C 374 4.97 -14.03 -39.37
N LEU C 375 4.99 -12.99 -40.20
CA LEU C 375 6.24 -12.38 -40.63
C LEU C 375 6.99 -11.85 -39.40
N GLU C 376 6.28 -11.19 -38.51
CA GLU C 376 6.87 -10.63 -37.29
C GLU C 376 7.47 -11.70 -36.39
N SER C 377 6.67 -12.72 -36.05
CA SER C 377 7.16 -13.78 -35.18
C SER C 377 8.32 -14.53 -35.82
N ALA C 378 8.22 -14.78 -37.12
CA ALA C 378 9.29 -15.48 -37.83
C ALA C 378 10.58 -14.66 -37.75
N THR C 379 10.42 -13.34 -37.80
CA THR C 379 11.55 -12.42 -37.75
C THR C 379 12.17 -12.42 -36.35
N LEU C 380 11.35 -12.23 -35.33
CA LEU C 380 11.85 -12.20 -33.96
C LEU C 380 12.39 -13.53 -33.46
N ASN C 381 11.76 -14.63 -33.85
CA ASN C 381 12.22 -15.95 -33.41
C ASN C 381 13.53 -16.35 -34.08
N THR C 382 13.81 -15.77 -35.24
CA THR C 382 15.08 -16.08 -35.90
C THR C 382 16.15 -15.65 -34.89
N VAL C 383 15.81 -14.66 -34.08
CA VAL C 383 16.71 -14.14 -33.05
C VAL C 383 16.45 -14.81 -31.70
N GLN C 384 15.21 -14.71 -31.21
CA GLN C 384 14.86 -15.27 -29.91
C GLN C 384 15.12 -16.77 -29.73
N GLN C 385 14.83 -17.55 -30.76
CA GLN C 385 15.03 -19.00 -30.69
C GLN C 385 16.26 -19.56 -31.36
N ASP C 386 16.48 -19.17 -32.61
CA ASP C 386 17.62 -19.66 -33.38
C ASP C 386 18.94 -18.95 -33.07
N GLY C 387 18.87 -17.88 -32.30
CA GLY C 387 20.08 -17.13 -31.96
C GLY C 387 20.84 -16.60 -33.17
N ILE C 388 20.11 -16.15 -34.19
CA ILE C 388 20.71 -15.62 -35.40
C ILE C 388 20.39 -14.13 -35.41
N MET C 389 21.43 -13.31 -35.33
CA MET C 389 21.24 -11.87 -35.27
C MET C 389 22.39 -11.04 -35.82
N THR C 390 22.13 -9.75 -35.98
CA THR C 390 23.12 -8.82 -36.49
C THR C 390 23.99 -8.34 -35.32
N LYS C 391 25.12 -7.72 -35.64
CA LYS C 391 26.10 -7.26 -34.65
C LYS C 391 25.56 -6.33 -33.57
N ASP C 392 24.64 -5.45 -33.91
CA ASP C 392 24.09 -4.55 -32.92
C ASP C 392 23.43 -5.34 -31.78
N LEU C 393 22.64 -6.35 -32.14
CA LEU C 393 21.96 -7.16 -31.12
C LEU C 393 22.89 -8.07 -30.32
N ALA C 394 23.91 -8.61 -30.97
CA ALA C 394 24.87 -9.47 -30.28
C ALA C 394 25.57 -8.65 -29.20
N LEU C 395 26.01 -7.44 -29.56
CA LEU C 395 26.70 -6.58 -28.60
C LEU C 395 25.79 -6.28 -27.40
N ALA C 396 24.51 -6.07 -27.68
CA ALA C 396 23.54 -5.79 -26.62
C ALA C 396 23.53 -6.97 -25.67
N CYS C 397 23.78 -8.15 -26.23
CA CYS C 397 23.83 -9.42 -25.50
C CYS C 397 25.15 -9.66 -24.79
N GLY C 398 26.06 -8.69 -24.88
CA GLY C 398 27.36 -8.87 -24.24
C GLY C 398 28.29 -9.76 -25.04
N ASN C 399 27.93 -10.05 -26.29
CA ASN C 399 28.75 -10.88 -27.16
C ASN C 399 29.57 -9.98 -28.06
N ASN C 400 30.87 -9.91 -27.78
CA ASN C 400 31.78 -9.06 -28.54
C ASN C 400 32.52 -9.78 -29.67
N GLU C 401 32.31 -11.09 -29.77
CA GLU C 401 32.97 -11.92 -30.80
C GLU C 401 32.30 -11.80 -32.17
N ARG C 402 33.12 -11.74 -33.22
CA ARG C 402 32.62 -11.64 -34.58
C ARG C 402 31.76 -12.86 -34.89
N SER C 403 32.10 -13.99 -34.29
CA SER C 403 31.36 -15.21 -34.53
C SER C 403 29.97 -15.23 -33.89
N ALA C 404 29.66 -14.23 -33.08
CA ALA C 404 28.37 -14.19 -32.41
C ALA C 404 27.27 -13.59 -33.28
N TYR C 405 27.65 -12.94 -34.38
CA TYR C 405 26.66 -12.33 -35.23
C TYR C 405 26.74 -12.77 -36.68
N VAL C 406 25.77 -12.32 -37.46
CA VAL C 406 25.63 -12.68 -38.85
C VAL C 406 25.62 -11.43 -39.72
N THR C 407 25.80 -11.59 -41.03
CA THR C 407 25.79 -10.43 -41.93
C THR C 407 24.37 -9.96 -42.20
N THR C 408 24.27 -8.80 -42.85
CA THR C 408 22.97 -8.22 -43.22
C THR C 408 22.17 -9.24 -44.04
N GLU C 409 22.74 -9.67 -45.16
CA GLU C 409 22.07 -10.63 -46.03
C GLU C 409 21.86 -11.99 -45.37
N GLU C 410 22.81 -12.43 -44.56
CA GLU C 410 22.64 -13.71 -43.90
C GLU C 410 21.43 -13.70 -42.99
N PHE C 411 21.23 -12.61 -42.26
CA PHE C 411 20.08 -12.51 -41.36
C PHE C 411 18.76 -12.55 -42.15
N LEU C 412 18.69 -11.79 -43.23
CA LEU C 412 17.48 -11.79 -44.05
C LEU C 412 17.20 -13.20 -44.55
N ASP C 413 18.25 -13.87 -45.02
CA ASP C 413 18.12 -15.24 -45.52
C ASP C 413 17.59 -16.18 -44.43
N ALA C 414 18.07 -16.02 -43.21
CA ALA C 414 17.60 -16.88 -42.12
C ALA C 414 16.11 -16.63 -41.88
N VAL C 415 15.71 -15.36 -41.92
CA VAL C 415 14.32 -15.01 -41.69
C VAL C 415 13.49 -15.58 -42.84
N GLU C 416 13.97 -15.40 -44.07
CA GLU C 416 13.25 -15.92 -45.22
C GLU C 416 12.95 -17.40 -45.02
N LYS C 417 13.97 -18.16 -44.64
CA LYS C 417 13.81 -19.60 -44.41
C LYS C 417 12.87 -19.91 -43.25
N ARG C 418 12.95 -19.08 -42.20
CA ARG C 418 12.10 -19.27 -41.03
C ARG C 418 10.64 -18.99 -41.43
N LEU C 419 10.46 -17.99 -42.28
CA LEU C 419 9.12 -17.60 -42.73
C LEU C 419 8.47 -18.76 -43.50
N GLN C 420 9.24 -19.41 -44.37
CA GLN C 420 8.74 -20.53 -45.16
C GLN C 420 8.16 -21.67 -44.30
N LYS C 421 8.81 -21.97 -43.19
CA LYS C 421 8.34 -23.03 -42.33
C LYS C 421 7.11 -22.61 -41.55
N GLU C 422 7.19 -21.48 -40.85
CA GLU C 422 6.07 -20.99 -40.07
C GLU C 422 4.83 -20.67 -40.93
N ILE C 423 5.00 -20.71 -42.25
CA ILE C 423 3.89 -20.46 -43.15
C ILE C 423 3.13 -21.77 -43.32
N LYS C 424 3.88 -22.85 -43.55
CA LYS C 424 3.30 -24.17 -43.73
C LYS C 424 2.44 -24.54 -42.51
N PHE D 16 36.87 13.68 22.52
CA PHE D 16 37.48 13.74 21.16
C PHE D 16 38.23 15.03 20.90
N SER D 17 39.34 14.94 20.18
CA SER D 17 40.13 16.12 19.82
C SER D 17 39.25 16.84 18.81
N LYS D 18 39.24 18.17 18.82
CA LYS D 18 38.40 18.90 17.88
C LYS D 18 39.13 19.70 16.83
N ILE D 19 38.48 19.85 15.67
CA ILE D 19 39.04 20.62 14.57
C ILE D 19 38.46 22.01 14.59
N LYS D 20 39.33 23.01 14.66
CA LYS D 20 38.91 24.39 14.69
C LYS D 20 38.48 24.84 13.30
N VAL D 21 37.26 25.36 13.20
CA VAL D 21 36.76 25.85 11.92
C VAL D 21 36.96 27.35 11.99
N LYS D 22 37.90 27.85 11.19
CA LYS D 22 38.25 29.25 11.17
C LYS D 22 37.10 30.22 10.92
N GLN D 23 36.36 30.00 9.83
CA GLN D 23 35.25 30.88 9.51
C GLN D 23 33.89 30.29 9.89
N PRO D 24 32.94 31.16 10.26
CA PRO D 24 31.57 30.77 10.65
C PRO D 24 30.85 30.04 9.52
N VAL D 25 30.05 29.04 9.89
CA VAL D 25 29.29 28.27 8.91
C VAL D 25 27.83 28.65 9.07
N VAL D 26 27.16 28.95 7.97
CA VAL D 26 25.75 29.31 8.07
C VAL D 26 24.89 28.06 7.95
N GLU D 27 24.10 27.79 9.00
CA GLU D 27 23.21 26.63 9.03
C GLU D 27 21.76 27.05 8.93
N LEU D 28 21.04 26.45 7.98
CA LEU D 28 19.63 26.76 7.77
C LEU D 28 18.79 25.52 8.09
N ASP D 29 18.11 25.52 9.23
CA ASP D 29 17.30 24.41 9.67
C ASP D 29 16.01 24.35 8.86
N GLY D 30 15.45 23.15 8.70
CA GLY D 30 14.23 23.01 7.91
C GLY D 30 13.09 22.43 8.70
N ASP D 31 12.32 21.53 8.08
CA ASP D 31 11.20 20.94 8.79
C ASP D 31 10.86 19.49 8.49
N GLU D 32 9.86 19.00 9.21
CA GLU D 32 9.39 17.65 9.08
C GLU D 32 10.49 16.60 9.24
N MET D 33 10.45 15.53 8.45
CA MET D 33 11.45 14.48 8.63
C MET D 33 12.91 14.92 8.54
N THR D 34 13.26 15.66 7.50
CA THR D 34 14.64 16.11 7.38
C THR D 34 15.09 16.92 8.59
N ARG D 35 14.18 17.68 9.19
CA ARG D 35 14.53 18.45 10.38
C ARG D 35 14.91 17.48 11.52
N ILE D 36 14.19 16.36 11.60
CA ILE D 36 14.43 15.34 12.62
C ILE D 36 15.82 14.70 12.52
N ILE D 37 16.20 14.29 11.31
CA ILE D 37 17.49 13.65 11.16
C ILE D 37 18.66 14.63 11.11
N TRP D 38 18.33 15.88 10.85
CA TRP D 38 19.32 16.95 10.78
C TRP D 38 19.93 17.16 12.15
N ASP D 39 19.08 17.18 13.16
CA ASP D 39 19.52 17.37 14.54
C ASP D 39 20.39 16.21 15.02
N LYS D 40 20.08 15.00 14.60
CA LYS D 40 20.83 13.82 15.00
C LYS D 40 22.17 13.77 14.30
N ILE D 41 22.19 14.21 13.04
CA ILE D 41 23.43 14.25 12.28
C ILE D 41 24.39 15.21 13.01
N LYS D 42 23.87 16.37 13.36
CA LYS D 42 24.65 17.40 14.03
C LYS D 42 25.33 16.91 15.32
N LYS D 43 24.54 16.39 16.26
CA LYS D 43 25.08 15.92 17.54
C LYS D 43 25.88 14.63 17.48
N LYS D 44 25.47 13.70 16.63
CA LYS D 44 26.13 12.41 16.51
C LYS D 44 27.33 12.37 15.55
N LEU D 45 27.35 13.25 14.56
CA LEU D 45 28.42 13.20 13.57
C LEU D 45 29.25 14.44 13.32
N ILE D 46 28.73 15.61 13.66
CA ILE D 46 29.46 16.86 13.43
C ILE D 46 30.04 17.50 14.70
N LEU D 47 29.18 17.91 15.61
CA LEU D 47 29.60 18.57 16.85
C LEU D 47 30.64 17.87 17.74
N PRO D 48 30.62 16.54 17.80
CA PRO D 48 31.62 15.89 18.65
C PRO D 48 33.04 16.07 18.11
N TYR D 49 33.15 16.36 16.82
CA TYR D 49 34.45 16.51 16.18
C TYR D 49 34.88 17.91 15.76
N LEU D 50 33.98 18.88 15.74
CA LEU D 50 34.38 20.20 15.30
C LEU D 50 34.11 21.35 16.25
N ASP D 51 35.06 22.26 16.36
CA ASP D 51 34.86 23.45 17.15
C ASP D 51 34.40 24.43 16.08
N VAL D 52 33.11 24.45 15.83
CA VAL D 52 32.56 25.30 14.79
C VAL D 52 31.53 26.30 15.28
N ASP D 53 31.60 27.51 14.73
CA ASP D 53 30.67 28.56 15.08
C ASP D 53 29.59 28.57 14.01
N LEU D 54 28.42 28.05 14.40
CA LEU D 54 27.28 27.96 13.50
C LEU D 54 26.32 29.13 13.63
N LYS D 55 26.16 29.87 12.54
CA LYS D 55 25.24 31.00 12.48
C LYS D 55 23.91 30.33 12.08
N TYR D 56 23.12 30.01 13.10
CA TYR D 56 21.86 29.33 12.91
C TYR D 56 20.70 30.18 12.44
N TYR D 57 20.02 29.71 11.39
CA TYR D 57 18.85 30.39 10.86
C TYR D 57 17.83 29.27 10.68
N ASP D 58 16.73 29.37 11.42
CA ASP D 58 15.66 28.39 11.37
C ASP D 58 14.75 28.74 10.20
N LEU D 59 14.67 27.87 9.20
CA LEU D 59 13.80 28.12 8.07
C LEU D 59 12.58 27.21 8.03
N SER D 60 12.16 26.71 9.18
CA SER D 60 10.97 25.87 9.22
C SER D 60 9.82 26.79 8.82
N VAL D 61 8.69 26.23 8.39
CA VAL D 61 7.54 27.02 8.00
C VAL D 61 7.01 27.93 9.11
N GLU D 62 7.09 27.48 10.36
CA GLU D 62 6.61 28.29 11.47
C GLU D 62 7.53 29.47 11.72
N SER D 63 8.84 29.24 11.63
CA SER D 63 9.80 30.30 11.84
C SER D 63 9.66 31.34 10.74
N ARG D 64 9.51 30.88 9.50
CA ARG D 64 9.36 31.78 8.38
C ARG D 64 8.09 32.62 8.57
N ASP D 65 6.98 31.95 8.89
CA ASP D 65 5.73 32.67 9.08
C ASP D 65 5.83 33.69 10.21
N ALA D 66 6.52 33.34 11.29
CA ALA D 66 6.67 34.22 12.44
C ALA D 66 7.66 35.37 12.17
N THR D 67 8.22 35.41 10.97
CA THR D 67 9.16 36.47 10.61
C THR D 67 8.74 37.02 9.26
N SER D 68 7.64 36.48 8.74
CA SER D 68 7.11 36.91 7.44
C SER D 68 8.11 36.57 6.33
N ASP D 69 8.71 35.39 6.43
CA ASP D 69 9.70 34.89 5.48
C ASP D 69 10.90 35.81 5.38
N LYS D 70 11.24 36.41 6.51
CA LYS D 70 12.36 37.33 6.57
C LYS D 70 13.68 36.61 6.83
N ILE D 71 13.69 35.62 7.74
CA ILE D 71 14.92 34.87 8.05
C ILE D 71 15.46 34.24 6.78
N THR D 72 14.57 33.88 5.86
CA THR D 72 15.01 33.27 4.61
C THR D 72 16.00 34.23 3.94
N GLN D 73 15.60 35.50 3.83
CA GLN D 73 16.46 36.52 3.23
C GLN D 73 17.69 36.75 4.10
N ASP D 74 17.49 36.74 5.41
CA ASP D 74 18.59 36.95 6.33
C ASP D 74 19.62 35.83 6.20
N ALA D 75 19.13 34.61 6.02
CA ALA D 75 20.01 33.46 5.89
C ALA D 75 20.85 33.56 4.61
N ALA D 76 20.19 33.91 3.52
CA ALA D 76 20.85 34.06 2.23
C ALA D 76 21.94 35.11 2.33
N GLU D 77 21.62 36.22 3.02
CA GLU D 77 22.59 37.30 3.20
C GLU D 77 23.79 36.78 3.99
N ALA D 78 23.51 36.08 5.10
CA ALA D 78 24.59 35.54 5.91
C ALA D 78 25.48 34.61 5.08
N ILE D 79 24.87 33.79 4.24
CA ILE D 79 25.66 32.89 3.39
C ILE D 79 26.58 33.70 2.46
N LYS D 80 26.07 34.79 1.91
CA LYS D 80 26.89 35.62 1.03
C LYS D 80 28.01 36.27 1.83
N LYS D 81 27.74 36.56 3.09
CA LYS D 81 28.72 37.20 3.96
C LYS D 81 29.90 36.31 4.36
N TYR D 82 29.60 35.11 4.84
CA TYR D 82 30.65 34.22 5.29
C TYR D 82 31.06 33.21 4.24
N GLY D 83 30.22 33.03 3.22
CA GLY D 83 30.51 32.06 2.19
C GLY D 83 30.21 30.70 2.77
N VAL D 84 29.48 29.88 2.04
CA VAL D 84 29.10 28.54 2.51
C VAL D 84 27.97 28.44 3.53
N GLY D 85 26.88 27.82 3.10
CA GLY D 85 25.75 27.60 3.96
C GLY D 85 25.36 26.14 3.78
N ILE D 86 24.86 25.52 4.82
CA ILE D 86 24.43 24.12 4.76
C ILE D 86 22.96 24.11 5.17
N LYS D 87 22.10 23.76 4.21
CA LYS D 87 20.66 23.78 4.44
C LYS D 87 19.92 22.45 4.44
N CYS D 88 18.93 22.38 5.33
CA CYS D 88 18.05 21.23 5.51
C CYS D 88 16.81 21.44 4.65
N ALA D 89 16.24 20.38 4.12
CA ALA D 89 15.04 20.50 3.30
C ALA D 89 13.99 21.35 4.01
N THR D 90 13.31 22.18 3.24
CA THR D 90 12.27 23.06 3.74
C THR D 90 10.98 22.87 2.95
N ILE D 91 9.86 23.13 3.60
CA ILE D 91 8.56 23.00 2.95
C ILE D 91 8.28 24.22 2.09
N THR D 92 7.91 23.97 0.84
CA THR D 92 7.53 25.05 -0.06
C THR D 92 6.01 25.06 0.01
N PRO D 93 5.45 25.96 0.83
CA PRO D 93 4.00 26.08 1.02
C PRO D 93 3.17 26.19 -0.26
N ASP D 94 2.01 25.55 -0.21
CA ASP D 94 1.05 25.54 -1.30
C ASP D 94 -0.31 25.94 -0.71
N GLU D 95 -1.38 25.45 -1.32
CA GLU D 95 -2.72 25.75 -0.84
C GLU D 95 -2.97 25.03 0.48
N ALA D 96 -2.64 23.74 0.52
CA ALA D 96 -2.85 22.92 1.70
C ALA D 96 -1.97 23.25 2.90
N ARG D 97 -0.85 23.93 2.66
CA ARG D 97 0.07 24.29 3.73
C ARG D 97 -0.35 25.54 4.51
N VAL D 98 -1.11 26.43 3.86
CA VAL D 98 -1.56 27.65 4.53
C VAL D 98 -2.62 27.32 5.57
N LYS D 99 -3.35 26.24 5.32
CA LYS D 99 -4.41 25.80 6.22
C LYS D 99 -3.90 24.86 7.31
N GLU D 100 -2.77 24.21 7.05
CA GLU D 100 -2.19 23.27 8.00
C GLU D 100 -1.47 23.97 9.15
N PHE D 101 -0.74 25.04 8.84
CA PHE D 101 0.00 25.76 9.86
C PHE D 101 -0.58 27.15 10.17
N ASN D 102 -1.67 27.50 9.49
CA ASN D 102 -2.30 28.80 9.70
C ASN D 102 -1.34 29.92 9.30
N LEU D 103 -0.81 29.83 8.08
CA LEU D 103 0.13 30.81 7.56
C LEU D 103 -0.59 32.11 7.18
N HIS D 104 0.02 33.25 7.50
CA HIS D 104 -0.58 34.55 7.18
C HIS D 104 -0.64 34.76 5.67
N LYS D 105 0.04 33.91 4.93
CA LYS D 105 0.08 33.98 3.47
C LYS D 105 0.93 32.85 2.90
N MET D 106 0.70 32.52 1.62
CA MET D 106 1.45 31.45 0.98
C MET D 106 2.85 31.89 0.55
N TRP D 107 3.82 31.76 1.45
CA TRP D 107 5.19 32.15 1.17
C TRP D 107 5.78 31.41 -0.02
N LYS D 108 6.77 32.03 -0.67
CA LYS D 108 7.41 31.44 -1.84
C LYS D 108 8.54 30.50 -1.41
N SER D 109 8.90 29.58 -2.29
CA SER D 109 9.95 28.60 -2.04
C SER D 109 11.25 29.24 -1.56
N PRO D 110 11.70 28.86 -0.36
CA PRO D 110 12.94 29.42 0.20
C PRO D 110 14.14 29.12 -0.69
N ASN D 111 14.09 27.98 -1.37
CA ASN D 111 15.15 27.59 -2.29
C ASN D 111 15.31 28.64 -3.41
N GLY D 112 14.18 29.02 -4.01
CA GLY D 112 14.21 30.01 -5.08
C GLY D 112 14.75 31.34 -4.60
N THR D 113 14.26 31.78 -3.46
CA THR D 113 14.68 33.04 -2.88
C THR D 113 16.20 33.08 -2.62
N ILE D 114 16.73 32.03 -2.00
CA ILE D 114 18.17 31.97 -1.70
C ILE D 114 19.03 31.89 -2.95
N ARG D 115 18.65 31.01 -3.87
CA ARG D 115 19.35 30.83 -5.11
C ARG D 115 19.49 32.20 -5.81
N ASN D 116 18.40 32.96 -5.85
CA ASN D 116 18.38 34.27 -6.49
C ASN D 116 19.11 35.38 -5.77
N ILE D 117 19.15 35.33 -4.44
CA ILE D 117 19.86 36.34 -3.69
C ILE D 117 21.35 36.10 -3.90
N LEU D 118 21.73 34.83 -3.91
CA LEU D 118 23.13 34.43 -4.09
C LEU D 118 23.53 34.51 -5.55
N GLY D 119 22.55 34.39 -6.44
CA GLY D 119 22.82 34.46 -7.86
C GLY D 119 23.69 33.33 -8.40
N GLY D 120 23.52 32.14 -7.84
CA GLY D 120 24.31 31.02 -8.32
C GLY D 120 23.51 29.98 -9.08
N THR D 121 24.20 28.94 -9.49
CA THR D 121 23.59 27.83 -10.21
C THR D 121 23.65 26.59 -9.33
N VAL D 122 22.58 25.80 -9.34
CA VAL D 122 22.53 24.59 -8.53
C VAL D 122 22.94 23.38 -9.37
N PHE D 123 23.76 22.51 -8.79
CA PHE D 123 24.20 21.30 -9.49
C PHE D 123 23.78 20.08 -8.69
N ARG D 124 23.04 19.17 -9.33
CA ARG D 124 22.59 17.95 -8.65
C ARG D 124 23.55 16.81 -8.94
N GLU D 125 24.04 16.16 -7.88
CA GLU D 125 24.99 15.06 -8.02
C GLU D 125 24.57 13.83 -7.24
N PRO D 126 24.31 12.72 -7.94
CA PRO D 126 23.90 11.46 -7.30
C PRO D 126 25.12 10.80 -6.65
N ILE D 127 24.90 10.17 -5.51
CA ILE D 127 25.95 9.47 -4.80
C ILE D 127 25.93 8.02 -5.25
N VAL D 128 27.10 7.47 -5.58
CA VAL D 128 27.14 6.09 -6.04
C VAL D 128 27.75 5.11 -5.04
N ILE D 129 26.98 4.08 -4.70
CA ILE D 129 27.43 3.03 -3.81
C ILE D 129 27.36 1.76 -4.67
N PRO D 130 28.52 1.23 -5.08
CA PRO D 130 28.62 0.02 -5.93
C PRO D 130 27.61 -1.08 -5.58
N ARG D 131 27.53 -1.38 -4.30
CA ARG D 131 26.63 -2.40 -3.76
C ARG D 131 25.16 -2.14 -4.15
N ILE D 132 24.82 -0.87 -4.35
CA ILE D 132 23.45 -0.49 -4.68
C ILE D 132 23.27 -0.25 -6.16
N PRO D 133 22.57 -1.18 -6.85
CA PRO D 133 22.30 -1.11 -8.29
C PRO D 133 21.50 0.11 -8.74
N ARG D 134 21.90 0.71 -9.86
CA ARG D 134 21.23 1.86 -10.44
C ARG D 134 20.21 1.33 -11.46
N LEU D 135 19.13 2.06 -11.74
CA LEU D 135 18.13 1.60 -12.72
C LEU D 135 18.75 1.47 -14.09
N VAL D 136 19.71 2.35 -14.39
CA VAL D 136 20.46 2.26 -15.64
C VAL D 136 21.74 1.65 -15.06
N PRO D 137 21.79 0.31 -14.95
CA PRO D 137 22.92 -0.46 -14.41
C PRO D 137 24.32 -0.04 -14.85
N ARG D 138 24.45 0.43 -16.10
CA ARG D 138 25.74 0.87 -16.62
C ARG D 138 26.31 2.09 -15.89
N TRP D 139 25.47 3.00 -15.44
CA TRP D 139 25.92 4.20 -14.74
C TRP D 139 26.68 3.89 -13.46
N GLU D 140 28.00 4.05 -13.48
CA GLU D 140 28.83 3.78 -12.29
C GLU D 140 29.49 5.06 -11.79
N LYS D 141 29.41 6.10 -12.59
CA LYS D 141 29.98 7.40 -12.25
C LYS D 141 28.86 8.43 -12.28
N PRO D 142 28.92 9.41 -11.37
CA PRO D 142 27.92 10.48 -11.30
C PRO D 142 27.74 11.27 -12.57
N ILE D 143 26.50 11.68 -12.82
CA ILE D 143 26.18 12.52 -13.95
C ILE D 143 25.62 13.74 -13.23
N ILE D 144 26.32 14.85 -13.34
CA ILE D 144 25.92 16.06 -12.66
C ILE D 144 25.12 16.96 -13.59
N ILE D 145 23.95 17.38 -13.14
CA ILE D 145 23.11 18.26 -13.94
C ILE D 145 23.04 19.66 -13.34
N GLY D 146 23.39 20.64 -14.16
CA GLY D 146 23.36 22.02 -13.72
C GLY D 146 22.22 22.72 -14.43
N ARG D 147 21.29 23.28 -13.67
CA ARG D 147 20.14 23.96 -14.24
C ARG D 147 20.17 25.49 -14.23
N HIS D 148 19.97 26.10 -15.39
CA HIS D 148 19.91 27.56 -15.50
C HIS D 148 18.49 27.94 -15.08
N ALA D 149 18.28 28.21 -13.80
CA ALA D 149 16.93 28.54 -13.34
C ALA D 149 16.56 30.03 -13.29
N HIS D 150 16.57 30.72 -14.43
CA HIS D 150 16.21 32.13 -14.39
C HIS D 150 15.08 32.68 -15.24
N GLY D 151 14.98 32.24 -16.49
CA GLY D 151 13.91 32.77 -17.33
C GLY D 151 13.14 31.67 -18.04
N ASP D 152 13.16 31.72 -19.37
CA ASP D 152 12.49 30.73 -20.19
C ASP D 152 11.02 30.49 -19.76
N GLN D 153 10.61 29.22 -19.69
CA GLN D 153 9.23 28.89 -19.31
C GLN D 153 8.75 29.26 -17.91
N TYR D 154 9.66 29.33 -16.94
CA TYR D 154 9.22 29.63 -15.58
C TYR D 154 8.91 31.10 -15.31
N LYS D 155 9.00 31.93 -16.34
CA LYS D 155 8.70 33.35 -16.21
C LYS D 155 8.13 33.86 -17.54
N ALA D 156 7.40 32.98 -18.21
CA ALA D 156 6.80 33.29 -19.50
C ALA D 156 5.41 33.88 -19.37
N THR D 157 4.93 34.47 -20.46
CA THR D 157 3.59 35.02 -20.49
C THR D 157 2.82 34.14 -21.45
N ASP D 158 1.74 33.54 -20.98
CA ASP D 158 0.93 32.69 -21.85
C ASP D 158 -0.55 33.08 -21.75
N THR D 159 -1.30 32.84 -22.83
CA THR D 159 -2.71 33.18 -22.86
C THR D 159 -3.41 32.36 -23.92
N LEU D 160 -4.74 32.43 -23.91
CA LEU D 160 -5.56 31.74 -24.90
C LEU D 160 -5.88 32.77 -25.96
N ILE D 161 -5.93 32.34 -27.22
CA ILE D 161 -6.26 33.22 -28.31
C ILE D 161 -7.66 32.76 -28.72
N PRO D 162 -8.68 33.61 -28.48
CA PRO D 162 -10.10 33.36 -28.78
C PRO D 162 -10.47 33.05 -30.22
N GLY D 163 -9.74 33.61 -31.17
CA GLY D 163 -10.07 33.36 -32.56
C GLY D 163 -9.06 33.94 -33.52
N PRO D 164 -9.42 34.05 -34.82
CA PRO D 164 -8.54 34.60 -35.86
C PRO D 164 -7.99 35.98 -35.51
N GLY D 165 -6.75 36.21 -35.90
CA GLY D 165 -6.12 37.49 -35.62
C GLY D 165 -4.62 37.31 -35.70
N SER D 166 -3.89 38.41 -35.61
CA SER D 166 -2.44 38.34 -35.70
C SER D 166 -1.79 38.36 -34.31
N LEU D 167 -0.61 37.78 -34.21
CA LEU D 167 0.13 37.72 -32.95
C LEU D 167 1.50 38.30 -33.24
N GLU D 168 1.89 39.30 -32.47
CA GLU D 168 3.18 39.94 -32.67
C GLU D 168 3.98 40.04 -31.38
N LEU D 169 5.31 40.02 -31.54
CA LEU D 169 6.24 40.15 -30.42
C LEU D 169 6.82 41.52 -30.67
N VAL D 170 6.61 42.44 -29.73
CA VAL D 170 7.07 43.82 -29.89
C VAL D 170 8.09 44.28 -28.86
N TYR D 171 9.19 44.82 -29.35
CA TYR D 171 10.26 45.32 -28.50
C TYR D 171 10.54 46.79 -28.79
N LYS D 172 10.62 47.58 -27.72
CA LYS D 172 10.87 49.01 -27.80
C LYS D 172 12.04 49.34 -26.87
N PRO D 173 13.14 49.89 -27.42
CA PRO D 173 14.34 50.25 -26.66
C PRO D 173 14.19 51.49 -25.78
N SER D 174 14.67 51.38 -24.54
CA SER D 174 14.61 52.49 -23.59
C SER D 174 15.27 53.73 -24.16
N ASP D 175 16.34 53.52 -24.93
CA ASP D 175 17.08 54.62 -25.55
C ASP D 175 17.16 54.37 -27.05
N PRO D 176 16.20 54.93 -27.81
CA PRO D 176 16.12 54.80 -29.27
C PRO D 176 17.27 55.45 -30.04
N THR D 177 18.40 55.66 -29.37
CA THR D 177 19.57 56.26 -30.02
C THR D 177 20.60 55.17 -30.29
N THR D 178 20.53 54.10 -29.50
CA THR D 178 21.47 52.99 -29.62
C THR D 178 20.92 51.82 -30.43
N ALA D 179 19.64 51.50 -30.22
CA ALA D 179 19.01 50.40 -30.92
C ALA D 179 17.68 50.78 -31.54
N GLN D 180 17.12 49.87 -32.33
CA GLN D 180 15.85 50.13 -32.97
C GLN D 180 14.77 49.16 -32.53
N PRO D 181 13.50 49.58 -32.61
CA PRO D 181 12.38 48.74 -32.20
C PRO D 181 12.21 47.50 -33.07
N GLN D 182 11.56 46.48 -32.52
CA GLN D 182 11.33 45.24 -33.25
C GLN D 182 9.88 44.82 -33.14
N THR D 183 9.25 44.61 -34.29
CA THR D 183 7.88 44.15 -34.34
C THR D 183 7.96 42.90 -35.20
N LEU D 184 7.85 41.74 -34.57
CA LEU D 184 7.97 40.48 -35.29
C LEU D 184 6.67 39.69 -35.34
N LYS D 185 6.34 39.19 -36.53
CA LYS D 185 5.13 38.40 -36.72
C LYS D 185 5.31 36.98 -36.24
N VAL D 186 4.62 36.63 -35.17
CA VAL D 186 4.73 35.29 -34.64
C VAL D 186 3.81 34.33 -35.40
N TYR D 187 2.54 34.69 -35.52
CA TYR D 187 1.57 33.85 -36.22
C TYR D 187 0.26 34.59 -36.54
N ASP D 188 -0.44 34.11 -37.56
CA ASP D 188 -1.74 34.66 -37.95
C ASP D 188 -2.73 33.52 -37.67
N TYR D 189 -3.44 33.61 -36.56
CA TYR D 189 -4.38 32.56 -36.21
C TYR D 189 -5.57 32.44 -37.17
N LYS D 190 -5.96 31.20 -37.46
CA LYS D 190 -7.11 30.94 -38.32
C LYS D 190 -8.23 30.38 -37.45
N GLY D 191 -7.94 30.22 -36.16
CA GLY D 191 -8.93 29.70 -35.22
C GLY D 191 -8.47 29.92 -33.79
N SER D 192 -9.25 29.44 -32.83
CA SER D 192 -8.87 29.60 -31.43
C SER D 192 -7.55 28.88 -31.16
N GLY D 193 -6.76 29.40 -30.23
CA GLY D 193 -5.49 28.77 -29.95
C GLY D 193 -4.81 29.19 -28.66
N VAL D 194 -3.50 29.06 -28.64
CA VAL D 194 -2.73 29.40 -27.45
C VAL D 194 -1.42 30.08 -27.85
N ALA D 195 -0.89 30.93 -26.97
CA ALA D 195 0.35 31.65 -27.26
C ALA D 195 1.17 31.90 -26.02
N MET D 196 2.48 32.06 -26.21
CA MET D 196 3.37 32.34 -25.09
C MET D 196 4.67 32.98 -25.56
N ALA D 197 5.25 33.79 -24.70
CA ALA D 197 6.51 34.44 -25.02
C ALA D 197 7.38 34.29 -23.79
N MET D 198 8.68 34.16 -23.99
CA MET D 198 9.61 34.02 -22.87
C MET D 198 10.89 34.81 -23.15
N TYR D 199 11.73 34.95 -22.14
CA TYR D 199 12.94 35.73 -22.27
C TYR D 199 14.09 35.19 -21.43
N ASN D 200 15.28 35.72 -21.71
CA ASN D 200 16.45 35.39 -20.93
C ASN D 200 17.44 36.49 -21.19
N THR D 201 18.40 36.64 -20.30
CA THR D 201 19.38 37.71 -20.43
C THR D 201 20.82 37.21 -20.54
N ASP D 202 21.67 38.03 -21.15
CA ASP D 202 23.08 37.70 -21.29
C ASP D 202 23.75 37.71 -19.93
N GLU D 203 23.29 38.59 -19.04
CA GLU D 203 23.83 38.68 -17.68
C GLU D 203 23.63 37.35 -16.96
N SER D 204 22.44 36.79 -17.09
CA SER D 204 22.14 35.53 -16.42
C SER D 204 22.90 34.37 -17.04
N ILE D 205 22.89 34.30 -18.37
CA ILE D 205 23.59 33.24 -19.09
C ILE D 205 25.10 33.28 -18.84
N GLU D 206 25.69 34.46 -18.80
CA GLU D 206 27.12 34.56 -18.56
C GLU D 206 27.44 34.03 -17.15
N GLY D 207 26.56 34.32 -16.20
CA GLY D 207 26.76 33.84 -14.84
C GLY D 207 26.62 32.34 -14.79
N PHE D 208 25.70 31.83 -15.60
CA PHE D 208 25.42 30.40 -15.72
C PHE D 208 26.70 29.70 -16.22
N ALA D 209 27.31 30.26 -17.26
CA ALA D 209 28.55 29.70 -17.80
C ALA D 209 29.69 29.69 -16.77
N HIS D 210 29.93 30.82 -16.13
CA HIS D 210 31.01 30.87 -15.15
C HIS D 210 30.86 29.83 -14.04
N SER D 211 29.65 29.68 -13.52
CA SER D 211 29.41 28.70 -12.45
C SER D 211 29.67 27.26 -12.90
N SER D 212 29.35 26.97 -14.17
CA SER D 212 29.53 25.64 -14.73
C SER D 212 30.99 25.29 -14.95
N PHE D 213 31.77 26.25 -15.48
CA PHE D 213 33.17 26.00 -15.74
C PHE D 213 33.95 25.74 -14.46
N LYS D 214 33.69 26.53 -13.41
CA LYS D 214 34.38 26.35 -12.14
C LYS D 214 34.05 25.03 -11.46
N LEU D 215 32.80 24.59 -11.56
CA LEU D 215 32.42 23.32 -10.95
C LEU D 215 33.09 22.18 -11.71
N ALA D 216 33.19 22.31 -13.02
CA ALA D 216 33.82 21.27 -13.84
C ALA D 216 35.29 21.16 -13.45
N ILE D 217 35.95 22.31 -13.32
CA ILE D 217 37.35 22.34 -12.93
C ILE D 217 37.46 21.75 -11.53
N ASP D 218 36.62 22.23 -10.62
CA ASP D 218 36.63 21.75 -9.25
C ASP D 218 36.46 20.23 -9.17
N LYS D 219 35.51 19.71 -9.93
CA LYS D 219 35.25 18.28 -9.91
C LYS D 219 36.08 17.46 -10.90
N LYS D 220 36.81 18.15 -11.77
CA LYS D 220 37.65 17.50 -12.77
C LYS D 220 36.84 16.55 -13.66
N LEU D 221 35.75 17.05 -14.21
CA LEU D 221 34.90 16.25 -15.08
C LEU D 221 34.63 17.05 -16.35
N ASN D 222 34.37 16.35 -17.46
CA ASN D 222 34.07 17.02 -18.72
C ASN D 222 32.74 17.76 -18.58
N LEU D 223 32.58 18.85 -19.33
CA LEU D 223 31.37 19.64 -19.23
C LEU D 223 30.68 19.76 -20.59
N PHE D 224 29.37 19.49 -20.60
CA PHE D 224 28.61 19.59 -21.84
C PHE D 224 27.44 20.55 -21.69
N LEU D 225 27.28 21.43 -22.67
CA LEU D 225 26.15 22.35 -22.69
C LEU D 225 25.25 21.77 -23.76
N SER D 226 23.94 21.76 -23.53
CA SER D 226 23.02 21.22 -24.52
C SER D 226 21.90 22.19 -24.79
N THR D 227 21.61 22.39 -26.08
CA THR D 227 20.52 23.27 -26.48
C THR D 227 19.90 22.66 -27.73
N LYS D 228 18.95 23.38 -28.31
CA LYS D 228 18.29 22.95 -29.53
C LYS D 228 18.58 24.08 -30.51
N ASN D 229 19.82 24.58 -30.49
CA ASN D 229 20.23 25.71 -31.33
C ASN D 229 19.98 25.54 -32.82
N THR D 230 19.79 24.30 -33.27
CA THR D 230 19.53 24.07 -34.67
C THR D 230 18.17 24.66 -35.05
N ILE D 231 17.24 24.61 -34.11
CA ILE D 231 15.89 25.13 -34.32
C ILE D 231 15.79 26.58 -33.83
N LEU D 232 16.20 26.79 -32.59
CA LEU D 232 16.17 28.13 -31.99
C LEU D 232 17.56 28.72 -32.21
N LYS D 233 17.80 29.21 -33.42
CA LYS D 233 19.09 29.77 -33.82
C LYS D 233 19.59 30.98 -33.04
N LYS D 234 18.70 31.92 -32.72
CA LYS D 234 19.12 33.09 -31.99
C LYS D 234 19.09 32.82 -30.48
N TYR D 235 17.92 32.39 -29.99
CA TYR D 235 17.72 32.13 -28.57
C TYR D 235 18.73 31.17 -27.96
N ASP D 236 18.74 29.94 -28.44
CA ASP D 236 19.67 28.92 -27.93
C ASP D 236 21.05 29.23 -28.46
N GLY D 237 21.08 29.88 -29.63
CA GLY D 237 22.37 30.24 -30.22
C GLY D 237 23.13 31.12 -29.24
N ARG D 238 22.39 31.97 -28.54
CA ARG D 238 23.02 32.86 -27.57
C ARG D 238 23.73 32.08 -26.47
N PHE D 239 23.12 30.99 -25.98
CA PHE D 239 23.72 30.19 -24.92
C PHE D 239 25.04 29.58 -25.34
N LYS D 240 25.07 29.05 -26.56
CA LYS D 240 26.27 28.42 -27.08
C LYS D 240 27.39 29.47 -27.26
N ASP D 241 27.02 30.62 -27.78
CA ASP D 241 27.98 31.69 -27.99
C ASP D 241 28.62 32.14 -26.69
N ILE D 242 27.80 32.53 -25.72
CA ILE D 242 28.30 33.01 -24.45
C ILE D 242 29.15 31.96 -23.72
N PHE D 243 28.77 30.69 -23.81
CA PHE D 243 29.58 29.67 -23.17
C PHE D 243 30.93 29.58 -23.87
N GLN D 244 30.91 29.64 -25.20
CA GLN D 244 32.14 29.56 -25.99
C GLN D 244 33.10 30.72 -25.72
N GLU D 245 32.57 31.94 -25.78
CA GLU D 245 33.38 33.13 -25.54
C GLU D 245 34.02 33.03 -24.15
N VAL D 246 33.20 32.73 -23.15
CA VAL D 246 33.65 32.62 -21.77
C VAL D 246 34.74 31.57 -21.61
N TYR D 247 34.51 30.40 -22.20
CA TYR D 247 35.48 29.30 -22.13
C TYR D 247 36.82 29.71 -22.74
N GLU D 248 36.78 30.46 -23.84
CA GLU D 248 37.99 30.88 -24.53
C GLU D 248 38.87 31.79 -23.67
N ALA D 249 38.27 32.88 -23.21
CA ALA D 249 38.98 33.86 -22.42
C ALA D 249 39.36 33.48 -20.99
N GLN D 250 38.63 32.58 -20.36
CA GLN D 250 38.95 32.26 -18.96
C GLN D 250 39.07 30.84 -18.46
N TYR D 251 38.78 29.83 -19.27
CA TYR D 251 38.85 28.48 -18.73
C TYR D 251 39.52 27.43 -19.60
N LYS D 252 39.56 27.66 -20.90
CA LYS D 252 40.17 26.70 -21.81
C LYS D 252 41.52 26.19 -21.29
N SER D 253 42.37 27.09 -20.82
CA SER D 253 43.69 26.71 -20.31
C SER D 253 43.60 25.73 -19.16
N LYS D 254 42.90 26.12 -18.09
CA LYS D 254 42.73 25.27 -16.92
C LYS D 254 42.19 23.91 -17.31
N PHE D 255 41.19 23.89 -18.18
CA PHE D 255 40.60 22.64 -18.63
C PHE D 255 41.67 21.71 -19.20
N GLU D 256 42.46 22.21 -20.14
CA GLU D 256 43.52 21.42 -20.75
C GLU D 256 44.57 21.01 -19.72
N GLN D 257 44.94 21.93 -18.84
CA GLN D 257 45.94 21.61 -17.82
C GLN D 257 45.45 20.43 -17.00
N LEU D 258 44.12 20.33 -16.84
CA LEU D 258 43.52 19.25 -16.06
C LEU D 258 43.10 18.05 -16.89
N GLY D 259 43.23 18.14 -18.21
CA GLY D 259 42.86 17.02 -19.06
C GLY D 259 41.38 16.82 -19.28
N ILE D 260 40.60 17.88 -19.10
CA ILE D 260 39.16 17.78 -19.30
C ILE D 260 38.74 18.63 -20.49
N HIS D 261 37.55 18.37 -21.00
CA HIS D 261 37.07 19.11 -22.17
C HIS D 261 35.70 19.72 -21.98
N TYR D 262 35.45 20.80 -22.71
CA TYR D 262 34.16 21.45 -22.69
C TYR D 262 33.64 21.38 -24.11
N GLU D 263 32.34 21.21 -24.26
CA GLU D 263 31.76 21.11 -25.59
C GLU D 263 30.24 21.26 -25.60
N HIS D 264 29.71 21.87 -26.65
CA HIS D 264 28.28 22.04 -26.79
C HIS D 264 27.73 20.87 -27.62
N ARG D 265 26.60 20.34 -27.20
CA ARG D 265 25.96 19.24 -27.92
C ARG D 265 24.47 19.51 -28.09
N LEU D 266 23.91 19.04 -29.19
CA LEU D 266 22.49 19.20 -29.43
C LEU D 266 21.79 18.29 -28.41
N ILE D 267 20.78 18.83 -27.73
CA ILE D 267 20.05 18.06 -26.71
C ILE D 267 19.66 16.62 -27.11
N ASP D 268 19.36 16.40 -28.38
CA ASP D 268 18.96 15.06 -28.84
C ASP D 268 20.11 14.08 -28.70
N ASP D 269 21.29 14.51 -29.15
CA ASP D 269 22.49 13.70 -29.09
C ASP D 269 22.91 13.48 -27.66
N MET D 270 23.08 14.58 -26.93
CA MET D 270 23.51 14.54 -25.54
C MET D 270 22.66 13.60 -24.72
N VAL D 271 21.35 13.88 -24.67
CA VAL D 271 20.42 13.06 -23.93
C VAL D 271 20.53 11.57 -24.29
N ALA D 272 20.81 11.28 -25.57
CA ALA D 272 20.94 9.89 -25.99
C ALA D 272 22.27 9.32 -25.51
N GLN D 273 23.33 10.07 -25.73
CA GLN D 273 24.67 9.66 -25.35
C GLN D 273 24.71 9.42 -23.84
N MET D 274 23.88 10.19 -23.12
CA MET D 274 23.80 10.09 -21.66
C MET D 274 23.37 8.71 -21.15
N ILE D 275 22.26 8.19 -21.68
CA ILE D 275 21.77 6.89 -21.23
C ILE D 275 22.66 5.72 -21.63
N LYS D 276 23.42 5.89 -22.70
CA LYS D 276 24.29 4.84 -23.21
C LYS D 276 25.61 4.77 -22.45
N SER D 277 26.02 5.92 -21.91
CA SER D 277 27.28 6.04 -21.19
C SER D 277 27.31 5.36 -19.83
N LYS D 278 28.45 5.53 -19.14
CA LYS D 278 28.66 4.97 -17.82
C LYS D 278 28.67 6.08 -16.78
N GLY D 279 28.31 7.28 -17.22
CA GLY D 279 28.30 8.43 -16.33
C GLY D 279 29.66 9.11 -16.25
N GLY D 280 29.84 9.94 -15.22
CA GLY D 280 31.12 10.61 -15.04
C GLY D 280 31.37 11.91 -15.79
N PHE D 281 30.37 12.79 -15.82
CA PHE D 281 30.51 14.07 -16.50
C PHE D 281 29.41 15.05 -16.05
N ILE D 282 29.49 16.28 -16.55
CA ILE D 282 28.52 17.33 -16.21
C ILE D 282 27.74 17.85 -17.43
N MET D 283 26.44 17.99 -17.26
CA MET D 283 25.55 18.50 -18.32
C MET D 283 24.90 19.79 -17.83
N ALA D 284 25.29 20.92 -18.43
CA ALA D 284 24.68 22.21 -18.07
C ALA D 284 23.45 22.33 -18.95
N LEU D 285 22.27 22.46 -18.34
CA LEU D 285 21.03 22.53 -19.12
C LEU D 285 20.20 23.76 -18.85
N LYS D 286 19.38 24.13 -19.83
CA LYS D 286 18.51 25.28 -19.68
C LYS D 286 17.44 24.94 -18.63
N ASN D 287 16.78 25.98 -18.12
CA ASN D 287 15.76 25.85 -17.10
C ASN D 287 14.82 24.64 -17.23
N TYR D 288 14.16 24.52 -18.38
CA TYR D 288 13.22 23.44 -18.62
C TYR D 288 13.88 22.07 -18.72
N ASP D 289 14.90 21.95 -19.55
CA ASP D 289 15.60 20.67 -19.68
C ASP D 289 16.21 20.26 -18.36
N GLY D 290 16.76 21.24 -17.64
CA GLY D 290 17.37 20.95 -16.35
C GLY D 290 16.38 20.38 -15.36
N ASP D 291 15.13 20.83 -15.44
CA ASP D 291 14.08 20.35 -14.56
C ASP D 291 13.69 18.91 -14.88
N VAL D 292 13.40 18.66 -16.15
CA VAL D 292 12.99 17.33 -16.59
C VAL D 292 14.09 16.28 -16.52
N GLN D 293 15.26 16.62 -17.04
CA GLN D 293 16.40 15.70 -17.06
C GLN D 293 16.89 15.30 -15.68
N SER D 294 16.91 16.24 -14.74
CA SER D 294 17.38 15.94 -13.41
C SER D 294 16.47 14.91 -12.77
N ASP D 295 15.18 14.94 -13.12
CA ASP D 295 14.25 13.95 -12.56
C ASP D 295 14.58 12.62 -13.23
N ILE D 296 14.93 12.68 -14.52
CA ILE D 296 15.28 11.46 -15.25
C ILE D 296 16.51 10.83 -14.62
N VAL D 297 17.57 11.59 -14.53
CA VAL D 297 18.83 11.11 -13.96
C VAL D 297 18.68 10.65 -12.52
N ALA D 298 18.04 11.47 -11.70
CA ALA D 298 17.86 11.15 -10.29
C ALA D 298 17.30 9.75 -10.11
N GLN D 299 16.19 9.49 -10.79
CA GLN D 299 15.54 8.18 -10.71
C GLN D 299 16.41 7.13 -11.39
N GLY D 300 17.16 7.55 -12.41
CA GLY D 300 18.02 6.62 -13.11
C GLY D 300 19.08 6.04 -12.17
N PHE D 301 19.55 6.85 -11.24
CA PHE D 301 20.54 6.38 -10.29
C PHE D 301 19.90 5.61 -9.15
N GLY D 302 18.68 5.97 -8.79
CA GLY D 302 18.01 5.26 -7.72
C GLY D 302 17.31 6.19 -6.74
N SER D 303 17.44 5.86 -5.46
CA SER D 303 16.81 6.63 -4.38
C SER D 303 17.21 8.10 -4.30
N LEU D 304 16.23 8.95 -4.01
CA LEU D 304 16.47 10.37 -3.85
C LEU D 304 17.32 10.57 -2.58
N GLY D 305 17.42 9.50 -1.78
CA GLY D 305 18.20 9.55 -0.57
C GLY D 305 19.70 9.61 -0.86
N LEU D 306 20.06 9.46 -2.13
CA LEU D 306 21.47 9.50 -2.53
C LEU D 306 21.75 10.68 -3.46
N MET D 307 20.81 11.59 -3.57
CA MET D 307 20.97 12.76 -4.43
C MET D 307 21.31 13.99 -3.61
N THR D 308 22.44 14.63 -3.96
CA THR D 308 22.92 15.83 -3.29
C THR D 308 22.81 17.01 -4.25
N SER D 309 23.04 18.22 -3.75
CA SER D 309 23.00 19.39 -4.61
C SER D 309 23.92 20.46 -4.03
N ILE D 310 24.53 21.25 -4.90
CA ILE D 310 25.43 22.29 -4.45
C ILE D 310 25.16 23.58 -5.23
N LEU D 311 25.12 24.70 -4.51
CA LEU D 311 24.89 25.99 -5.15
C LEU D 311 26.26 26.66 -5.29
N VAL D 312 26.60 27.01 -6.54
CA VAL D 312 27.88 27.63 -6.86
C VAL D 312 27.66 28.98 -7.55
N THR D 313 28.41 29.99 -7.14
CA THR D 313 28.27 31.31 -7.74
C THR D 313 29.32 31.55 -8.83
N PRO D 314 29.06 32.52 -9.71
CA PRO D 314 29.96 32.88 -10.82
C PRO D 314 31.40 33.16 -10.37
N ASP D 315 31.52 33.87 -9.24
CA ASP D 315 32.83 34.23 -8.70
C ASP D 315 33.51 33.05 -8.00
N GLY D 316 32.72 32.03 -7.68
CA GLY D 316 33.27 30.85 -7.03
C GLY D 316 33.69 31.05 -5.58
N LYS D 317 33.08 31.99 -4.87
CA LYS D 317 33.41 32.25 -3.47
C LYS D 317 32.27 31.84 -2.53
N THR D 318 31.06 31.69 -3.09
CA THR D 318 29.91 31.35 -2.26
C THR D 318 29.24 30.02 -2.66
N PHE D 319 28.94 29.21 -1.65
CA PHE D 319 28.32 27.92 -1.88
C PHE D 319 27.21 27.64 -0.88
N GLU D 320 26.24 26.85 -1.33
CA GLU D 320 25.14 26.42 -0.49
C GLU D 320 24.96 24.95 -0.83
N SER D 321 25.05 24.09 0.17
CA SER D 321 24.89 22.66 -0.08
C SER D 321 23.69 22.13 0.68
N GLU D 322 22.94 21.23 0.06
CA GLU D 322 21.76 20.61 0.66
C GLU D 322 21.36 19.37 -0.11
N ALA D 323 20.65 18.46 0.56
CA ALA D 323 20.16 17.23 -0.06
C ALA D 323 19.21 17.68 -1.16
N ALA D 324 19.14 16.92 -2.25
CA ALA D 324 18.28 17.30 -3.37
C ALA D 324 16.82 16.93 -3.15
N HIS D 325 16.56 16.00 -2.23
CA HIS D 325 15.19 15.57 -1.96
C HIS D 325 14.47 16.56 -1.04
N GLY D 326 13.17 16.35 -0.87
CA GLY D 326 12.38 17.21 0.00
C GLY D 326 12.42 16.83 1.48
N THR D 327 11.44 17.31 2.23
CA THR D 327 11.35 17.04 3.66
C THR D 327 10.88 15.63 4.01
N VAL D 328 10.52 14.85 3.00
CA VAL D 328 10.05 13.49 3.20
C VAL D 328 8.81 13.52 4.11
N THR D 329 7.82 14.29 3.68
CA THR D 329 6.58 14.44 4.44
C THR D 329 5.97 13.08 4.79
N ARG D 330 5.84 12.13 3.84
CA ARG D 330 5.25 10.81 4.08
C ARG D 330 5.88 10.09 5.27
N HIS D 331 7.23 10.13 5.38
CA HIS D 331 7.87 9.47 6.51
C HIS D 331 7.56 10.21 7.80
N TYR D 332 7.53 11.55 7.75
CA TYR D 332 7.25 12.36 8.93
C TYR D 332 5.87 12.03 9.52
N ARG D 333 4.87 11.83 8.65
CA ARG D 333 3.51 11.52 9.12
C ARG D 333 3.50 10.28 10.01
N LYS D 334 4.33 9.30 9.65
CA LYS D 334 4.43 8.07 10.40
C LYS D 334 5.18 8.36 11.69
N TYR D 335 6.22 9.20 11.59
CA TYR D 335 7.03 9.57 12.73
C TYR D 335 6.24 10.28 13.83
N GLN D 336 5.32 11.15 13.44
CA GLN D 336 4.51 11.88 14.40
C GLN D 336 3.65 10.90 15.20
N LYS D 337 3.24 9.82 14.53
CA LYS D 337 2.39 8.80 15.15
C LYS D 337 3.23 7.75 15.89
N GLY D 338 4.54 7.87 15.80
CA GLY D 338 5.41 6.92 16.47
C GLY D 338 5.58 5.67 15.65
N GLU D 339 5.03 5.70 14.43
CA GLU D 339 5.13 4.58 13.52
C GLU D 339 6.57 4.46 13.04
N GLU D 340 7.00 3.24 12.76
CA GLU D 340 8.37 2.98 12.31
C GLU D 340 8.74 3.72 11.00
N THR D 341 9.97 4.21 10.92
CA THR D 341 10.41 4.88 9.69
C THR D 341 11.80 4.42 9.29
N SER D 342 12.05 4.48 7.99
CA SER D 342 13.34 4.13 7.43
C SER D 342 13.72 5.19 6.40
N THR D 343 14.13 6.35 6.91
CA THR D 343 14.51 7.47 6.05
C THR D 343 16.04 7.45 5.85
N ASN D 344 16.48 7.66 4.61
CA ASN D 344 17.90 7.67 4.30
C ASN D 344 18.48 9.03 4.68
N SER D 345 19.56 9.02 5.47
CA SER D 345 20.21 10.24 5.95
C SER D 345 21.42 10.63 5.12
N ILE D 346 21.86 9.72 4.27
CA ILE D 346 23.04 9.94 3.47
C ILE D 346 23.11 11.31 2.78
N ALA D 347 22.09 11.66 2.00
CA ALA D 347 22.14 12.95 1.31
C ALA D 347 22.28 14.11 2.29
N SER D 348 21.55 14.04 3.42
CA SER D 348 21.60 15.10 4.43
C SER D 348 23.00 15.18 5.05
N ILE D 349 23.62 14.01 5.21
CA ILE D 349 24.98 13.91 5.76
C ILE D 349 25.97 14.56 4.78
N PHE D 350 25.76 14.31 3.48
CA PHE D 350 26.63 14.88 2.45
C PHE D 350 26.41 16.37 2.27
N ALA D 351 25.27 16.86 2.71
CA ALA D 351 25.04 18.30 2.63
C ALA D 351 26.07 18.91 3.60
N TRP D 352 26.23 18.30 4.77
CA TRP D 352 27.20 18.79 5.75
C TRP D 352 28.63 18.60 5.24
N SER D 353 28.94 17.40 4.78
CA SER D 353 30.27 17.08 4.26
C SER D 353 30.73 18.01 3.15
N ARG D 354 29.95 18.12 2.08
CA ARG D 354 30.33 18.97 0.97
C ARG D 354 30.43 20.43 1.41
N GLY D 355 29.52 20.88 2.27
CA GLY D 355 29.59 22.25 2.74
C GLY D 355 30.85 22.47 3.55
N LEU D 356 31.20 21.51 4.41
CA LEU D 356 32.39 21.64 5.22
C LEU D 356 33.64 21.57 4.34
N LEU D 357 33.57 20.77 3.30
CA LEU D 357 34.70 20.63 2.36
C LEU D 357 34.99 22.00 1.77
N LYS D 358 33.93 22.68 1.35
CA LYS D 358 34.08 24.01 0.76
C LYS D 358 34.60 25.00 1.79
N ARG D 359 34.14 24.87 3.03
CA ARG D 359 34.57 25.75 4.11
C ARG D 359 36.07 25.57 4.35
N GLY D 360 36.49 24.31 4.43
CA GLY D 360 37.90 24.00 4.65
C GLY D 360 38.80 24.48 3.52
N GLU D 361 38.26 24.49 2.30
CA GLU D 361 39.02 24.93 1.14
C GLU D 361 39.15 26.44 1.07
N LEU D 362 38.08 27.15 1.40
CA LEU D 362 38.10 28.60 1.37
C LEU D 362 39.03 29.09 2.47
N ASP D 363 39.06 28.35 3.57
CA ASP D 363 39.86 28.69 4.73
C ASP D 363 41.26 28.09 4.70
N ASN D 364 41.52 27.20 3.76
CA ASN D 364 42.81 26.56 3.68
C ASN D 364 43.10 25.91 5.04
N THR D 365 42.12 25.15 5.53
CA THR D 365 42.24 24.43 6.78
C THR D 365 42.07 22.96 6.38
N PRO D 366 43.12 22.37 5.79
CA PRO D 366 43.09 20.98 5.33
C PRO D 366 42.59 19.95 6.35
N ALA D 367 42.65 20.29 7.62
CA ALA D 367 42.18 19.35 8.64
C ALA D 367 40.67 19.18 8.51
N LEU D 368 39.98 20.28 8.23
CA LEU D 368 38.53 20.22 8.06
C LEU D 368 38.20 19.33 6.88
N CYS D 369 38.91 19.54 5.77
CA CYS D 369 38.70 18.77 4.56
C CYS D 369 38.93 17.30 4.79
N LYS D 370 39.94 16.96 5.58
CA LYS D 370 40.21 15.56 5.89
C LYS D 370 39.00 14.96 6.60
N PHE D 371 38.48 15.68 7.58
CA PHE D 371 37.31 15.23 8.33
C PHE D 371 36.13 14.93 7.41
N ALA D 372 35.82 15.88 6.55
CA ALA D 372 34.71 15.75 5.60
C ALA D 372 34.80 14.46 4.81
N ASN D 373 36.01 14.10 4.37
CA ASN D 373 36.19 12.88 3.59
C ASN D 373 35.94 11.66 4.47
N ILE D 374 36.45 11.69 5.70
CA ILE D 374 36.24 10.57 6.61
C ILE D 374 34.76 10.41 6.84
N LEU D 375 34.08 11.53 7.06
CA LEU D 375 32.64 11.52 7.28
C LEU D 375 31.95 10.80 6.12
N GLU D 376 32.26 11.21 4.90
CA GLU D 376 31.67 10.61 3.71
C GLU D 376 32.01 9.13 3.64
N SER D 377 33.28 8.82 3.92
CA SER D 377 33.74 7.45 3.88
C SER D 377 33.02 6.54 4.89
N ALA D 378 32.88 7.03 6.11
CA ALA D 378 32.22 6.22 7.13
C ALA D 378 30.76 6.00 6.77
N THR D 379 30.13 7.06 6.26
CA THR D 379 28.74 7.00 5.89
C THR D 379 28.48 5.97 4.78
N LEU D 380 29.29 6.02 3.72
CA LEU D 380 29.11 5.12 2.61
C LEU D 380 29.54 3.68 2.89
N ASN D 381 30.61 3.50 3.65
CA ASN D 381 31.09 2.16 3.97
C ASN D 381 30.10 1.44 4.88
N THR D 382 29.32 2.22 5.62
CA THR D 382 28.33 1.62 6.51
C THR D 382 27.40 0.75 5.66
N VAL D 383 27.17 1.18 4.42
CA VAL D 383 26.32 0.45 3.48
C VAL D 383 27.16 -0.51 2.65
N GLN D 384 28.17 0.03 1.97
CA GLN D 384 29.03 -0.76 1.09
C GLN D 384 29.72 -1.95 1.72
N GLN D 385 30.16 -1.82 2.98
CA GLN D 385 30.84 -2.92 3.64
C GLN D 385 30.03 -3.61 4.73
N ASP D 386 29.34 -2.83 5.54
CA ASP D 386 28.56 -3.39 6.64
C ASP D 386 27.15 -3.83 6.22
N GLY D 387 26.72 -3.45 5.03
CA GLY D 387 25.40 -3.83 4.57
C GLY D 387 24.29 -3.25 5.41
N ILE D 388 24.56 -2.12 6.08
CA ILE D 388 23.53 -1.48 6.91
C ILE D 388 22.92 -0.35 6.11
N MET D 389 21.64 -0.49 5.76
CA MET D 389 20.97 0.51 4.94
C MET D 389 19.50 0.67 5.26
N THR D 390 18.91 1.75 4.75
CA THR D 390 17.51 2.03 4.95
C THR D 390 16.73 1.33 3.83
N LYS D 391 15.41 1.22 4.01
CA LYS D 391 14.57 0.54 3.03
C LYS D 391 14.77 0.96 1.58
N ASP D 392 14.82 2.27 1.34
CA ASP D 392 14.98 2.79 -0.02
C ASP D 392 16.18 2.17 -0.75
N LEU D 393 17.26 1.93 -0.01
CA LEU D 393 18.46 1.33 -0.59
C LEU D 393 18.32 -0.17 -0.75
N ALA D 394 17.61 -0.80 0.19
CA ALA D 394 17.39 -2.24 0.14
C ALA D 394 16.50 -2.65 -1.03
N LEU D 395 15.48 -1.85 -1.32
CA LEU D 395 14.55 -2.15 -2.40
C LEU D 395 15.23 -2.20 -3.76
N ALA D 396 16.40 -1.56 -3.87
CA ALA D 396 17.15 -1.52 -5.11
C ALA D 396 17.92 -2.81 -5.34
N CYS D 397 18.36 -3.45 -4.25
CA CYS D 397 19.10 -4.70 -4.36
C CYS D 397 18.19 -5.84 -4.77
N GLY D 398 16.94 -5.78 -4.32
CA GLY D 398 15.98 -6.83 -4.62
C GLY D 398 15.75 -7.66 -3.38
N ASN D 399 15.92 -7.03 -2.22
CA ASN D 399 15.73 -7.66 -0.92
C ASN D 399 14.92 -6.69 -0.04
N ASN D 400 13.63 -6.94 0.08
CA ASN D 400 12.76 -6.07 0.85
C ASN D 400 12.27 -6.64 2.19
N GLU D 401 13.11 -7.43 2.85
CA GLU D 401 12.75 -8.01 4.14
C GLU D 401 13.02 -7.02 5.27
N ARG D 402 12.22 -7.11 6.33
CA ARG D 402 12.39 -6.22 7.47
C ARG D 402 13.73 -6.42 8.17
N SER D 403 14.58 -7.26 7.58
CA SER D 403 15.90 -7.53 8.13
C SER D 403 16.97 -7.13 7.12
N ALA D 404 16.54 -6.85 5.89
CA ALA D 404 17.47 -6.44 4.84
C ALA D 404 17.77 -4.96 5.01
N TYR D 405 16.84 -4.22 5.62
CA TYR D 405 17.02 -2.80 5.84
C TYR D 405 16.84 -2.43 7.31
N VAL D 406 17.31 -1.24 7.69
CA VAL D 406 17.23 -0.80 9.07
C VAL D 406 16.43 0.50 9.24
N THR D 407 16.13 0.88 10.48
CA THR D 407 15.35 2.09 10.73
C THR D 407 16.15 3.38 10.58
N THR D 408 15.40 4.47 10.47
CA THR D 408 15.98 5.80 10.35
C THR D 408 17.10 6.00 11.37
N GLU D 409 16.79 5.77 12.65
CA GLU D 409 17.80 5.96 13.69
C GLU D 409 18.88 4.88 13.78
N GLU D 410 18.53 3.63 13.48
CA GLU D 410 19.52 2.55 13.51
C GLU D 410 20.65 2.86 12.51
N PHE D 411 20.28 3.32 11.31
CA PHE D 411 21.28 3.67 10.31
C PHE D 411 22.17 4.81 10.84
N LEU D 412 21.58 5.84 11.43
CA LEU D 412 22.40 6.95 11.96
C LEU D 412 23.30 6.42 13.07
N ASP D 413 22.79 5.50 13.87
CA ASP D 413 23.58 4.93 14.94
C ASP D 413 24.76 4.15 14.38
N ALA D 414 24.51 3.36 13.35
CA ALA D 414 25.58 2.57 12.73
C ALA D 414 26.67 3.48 12.14
N VAL D 415 26.24 4.56 11.49
CA VAL D 415 27.20 5.50 10.91
C VAL D 415 28.00 6.18 12.02
N GLU D 416 27.32 6.54 13.11
CA GLU D 416 27.99 7.17 14.24
C GLU D 416 29.15 6.30 14.74
N LYS D 417 28.88 5.03 15.01
CA LYS D 417 29.90 4.10 15.48
C LYS D 417 31.05 3.96 14.49
N ARG D 418 30.70 3.72 13.23
CA ARG D 418 31.70 3.59 12.17
C ARG D 418 32.58 4.84 12.14
N LEU D 419 31.96 6.01 12.23
CA LEU D 419 32.69 7.27 12.20
C LEU D 419 33.71 7.26 13.33
N GLN D 420 33.24 6.94 14.53
CA GLN D 420 34.10 6.89 15.71
C GLN D 420 35.35 6.04 15.52
N LYS D 421 35.22 4.95 14.75
CA LYS D 421 36.36 4.07 14.51
C LYS D 421 37.27 4.62 13.42
N GLU D 422 36.68 5.02 12.31
CA GLU D 422 37.46 5.56 11.20
C GLU D 422 38.21 6.84 11.57
N ILE D 423 37.62 7.67 12.43
CA ILE D 423 38.24 8.95 12.79
C ILE D 423 39.40 8.84 13.76
N LYS D 424 39.39 7.84 14.61
CA LYS D 424 40.47 7.74 15.57
C LYS D 424 41.85 7.91 14.95
N SER D 425 41.98 7.58 13.67
CA SER D 425 43.27 7.68 12.98
C SER D 425 43.14 7.40 11.46
#